data_6BYI
#
_entry.id   6BYI
#
_cell.length_a   68.707
_cell.length_b   202.127
_cell.length_c   79.095
_cell.angle_alpha   90.000
_cell.angle_beta   110.300
_cell.angle_gamma   90.000
#
_symmetry.space_group_name_H-M   'P 1 21 1'
#
loop_
_entity.id
_entity.type
_entity.pdbx_description
1 polymer Beta-mannosidase
2 non-polymer beta-D-mannopyranose
3 water water
#
_entity_poly.entity_id   1
_entity_poly.type   'polypeptide(L)'
_entity_poly.pdbx_seq_one_letter_code
;MTAVTLDGGWRVRLVPGQEQGKTYPKAAAWLPAQVPGAVQTDLIAAKIVPDPFYRDNEGKIQWAGLSDWQYQTRFTVDAA
TLKREHVELVFDGLDTFAEVTLNGKQLLSADNMFRQWRVDAKSLLKRGDNLLEVKLYSPIKKIQPWLAKQPYALPGAYDS
AFGDEPEARHSSTYVRKAPYNFGWDWGPRMVNAGIWKDVRVEAWDAVRVDGLHIAQQRVDAHSAQVQAQLDLQAGRSGPV
QVTLDVLGPDGQKVGQFTQDAVVDPGQNRVDLAVRIANPKRWFPAGYGAQDRYTFVASVRDADGDSQQIKRVTGLRSVEL
RREKDRFGKSMEIVINGIPIFAKGANLIPLDAFPARVTHERMRSTLQDARDANMNMLRMWGGGHYQDDYFYDVADELGIM
IWQDFMFGGAVPPYDVEFRENTRQEAIEQVKRLRDHPSLVLWCGNNAVQTGWENWGDRVKFKQSVDPEERTRIERGMTTL
FGTVFREVVATYDSDVPYWATSPGTDFDGAADQTNDGDMHYWKVWGGPALPVTEYLNVTPRFMSEYGLQSFPDMRTVRAF
AEPGDMDPESPVMRVHQKFDKGNGNKRLMLYIRREFGEPKDFESFVYLSQLMQAEGINIAASHLRASRPQSMGSLYWQLN
DVWPGASWSSVDYYGRWKALHYHARRFYAPEMIAALRNDKGQTEVSLVSDRTTPLTARWRMRVMGMDGKVLSKREEKASV
NALSSQHVGNFSDKQLLGSADPKRTYAVFELLDGDTLLSREVVFFAPAKQLALPAAKIDSQWRADGDGYALTLTSDTLAR
EVWLSFGDVDATLSDNAFDLLPGEPLTVRVTSKAALAQLQSALQVRDLAATLAGAPPEP
;
_entity_poly.pdbx_strand_id   A,B
#
loop_
_chem_comp.id
_chem_comp.type
_chem_comp.name
_chem_comp.formula
BMA D-saccharide, beta linking beta-D-mannopyranose 'C6 H12 O6'
#
# COMPACT_ATOMS: atom_id res chain seq x y z
N MET A 1 21.64 -11.79 29.75
CA MET A 1 20.50 -12.18 28.94
C MET A 1 20.13 -13.66 29.15
N THR A 2 19.04 -13.89 29.86
CA THR A 2 18.54 -15.24 30.10
C THR A 2 17.22 -15.49 29.37
N ALA A 3 16.92 -16.76 29.11
CA ALA A 3 15.68 -17.13 28.44
C ALA A 3 15.31 -18.57 28.78
N VAL A 4 14.66 -18.77 29.92
CA VAL A 4 14.25 -20.11 30.33
C VAL A 4 12.86 -20.47 29.77
N THR A 5 12.73 -21.72 29.32
CA THR A 5 11.50 -22.16 28.66
C THR A 5 10.58 -22.92 29.60
N LEU A 6 9.30 -22.56 29.59
CA LEU A 6 8.32 -23.23 30.42
C LEU A 6 7.75 -24.41 29.66
N ASP A 7 8.53 -25.48 29.56
CA ASP A 7 8.14 -26.65 28.78
C ASP A 7 7.97 -27.91 29.62
N GLY A 8 7.61 -27.74 30.90
CA GLY A 8 7.55 -28.87 31.80
C GLY A 8 6.17 -29.18 32.36
N GLY A 9 5.98 -28.83 33.63
CA GLY A 9 4.81 -29.22 34.38
C GLY A 9 3.51 -28.48 34.10
N TRP A 10 2.99 -28.63 32.89
CA TRP A 10 1.68 -28.07 32.56
C TRP A 10 0.57 -29.08 32.82
N ARG A 11 -0.58 -28.59 33.30
CA ARG A 11 -1.79 -29.41 33.33
C ARG A 11 -2.95 -28.58 32.80
N VAL A 12 -4.04 -29.25 32.44
CA VAL A 12 -5.16 -28.57 31.80
C VAL A 12 -6.48 -29.21 32.23
N ARG A 13 -7.56 -28.42 32.17
CA ARG A 13 -8.88 -28.91 32.50
C ARG A 13 -9.93 -28.04 31.83
N LEU A 14 -11.16 -28.53 31.76
CA LEU A 14 -12.28 -27.70 31.34
C LEU A 14 -12.44 -26.55 32.34
N VAL A 15 -12.71 -25.36 31.84
CA VAL A 15 -13.10 -24.27 32.70
C VAL A 15 -14.37 -24.69 33.44
N PRO A 16 -14.35 -24.61 34.79
CA PRO A 16 -15.46 -25.08 35.63
C PRO A 16 -16.79 -24.47 35.25
N GLY A 17 -17.86 -25.25 35.34
CA GLY A 17 -19.20 -24.74 35.09
C GLY A 17 -19.77 -24.94 33.70
N GLN A 18 -19.18 -25.83 32.91
CA GLN A 18 -19.65 -26.13 31.55
C GLN A 18 -20.38 -27.48 31.49
N GLU A 19 -21.26 -27.64 30.51
CA GLU A 19 -22.00 -28.89 30.46
C GLU A 19 -21.09 -30.07 30.07
N GLN A 20 -20.02 -29.75 29.37
CA GLN A 20 -19.02 -30.76 29.03
C GLN A 20 -18.29 -31.30 30.27
N GLY A 21 -18.26 -30.51 31.34
CA GLY A 21 -17.62 -30.94 32.59
C GLY A 21 -18.34 -32.11 33.25
N LYS A 22 -19.65 -32.16 33.06
CA LYS A 22 -20.51 -33.22 33.54
C LYS A 22 -20.44 -34.45 32.61
N THR A 23 -20.44 -34.20 31.31
CA THR A 23 -20.39 -35.27 30.30
C THR A 23 -19.04 -35.97 30.34
N TYR A 24 -17.98 -35.19 30.55
CA TYR A 24 -16.61 -35.71 30.60
C TYR A 24 -15.91 -35.31 31.89
N PRO A 25 -16.27 -35.98 33.00
CA PRO A 25 -15.73 -35.67 34.34
C PRO A 25 -14.21 -35.73 34.40
N LYS A 26 -13.61 -36.58 33.57
CA LYS A 26 -12.16 -36.72 33.57
C LYS A 26 -11.48 -35.51 32.95
N ALA A 27 -12.20 -34.78 32.12
CA ALA A 27 -11.69 -33.55 31.52
C ALA A 27 -11.97 -32.36 32.43
N ALA A 28 -12.95 -32.51 33.32
CA ALA A 28 -13.24 -31.49 34.32
C ALA A 28 -12.14 -31.47 35.37
N ALA A 29 -11.56 -32.64 35.63
CA ALA A 29 -10.46 -32.76 36.56
C ALA A 29 -9.15 -32.46 35.84
N TRP A 30 -8.11 -32.17 36.61
CA TRP A 30 -6.80 -31.89 36.01
C TRP A 30 -6.29 -33.11 35.26
N LEU A 31 -5.75 -32.87 34.07
CA LEU A 31 -5.09 -33.90 33.29
C LEU A 31 -3.76 -33.34 32.76
N PRO A 32 -2.77 -34.22 32.53
CA PRO A 32 -1.47 -33.79 32.02
C PRO A 32 -1.59 -33.03 30.69
N ALA A 33 -0.85 -31.94 30.56
CA ALA A 33 -0.89 -31.14 29.35
C ALA A 33 0.51 -30.98 28.79
N GLN A 34 0.61 -31.07 27.47
CA GLN A 34 1.90 -30.94 26.82
C GLN A 34 2.01 -29.58 26.13
N VAL A 35 3.11 -28.88 26.39
CA VAL A 35 3.37 -27.59 25.77
C VAL A 35 4.73 -27.61 25.09
N PRO A 36 4.76 -27.38 23.77
CA PRO A 36 3.63 -27.08 22.88
C PRO A 36 2.70 -28.26 22.67
N GLY A 37 1.43 -27.98 22.42
CA GLY A 37 0.46 -29.03 22.16
C GLY A 37 -0.92 -28.46 21.94
N ALA A 38 -1.92 -29.34 22.03
CA ALA A 38 -3.32 -28.96 21.97
C ALA A 38 -4.06 -29.74 23.03
N VAL A 39 -5.14 -29.18 23.55
CA VAL A 39 -5.91 -29.90 24.56
C VAL A 39 -6.45 -31.19 23.96
N GLN A 40 -6.73 -31.17 22.65
CA GLN A 40 -7.21 -32.34 21.93
C GLN A 40 -6.28 -33.54 22.08
N THR A 41 -5.00 -33.31 21.80
CA THR A 41 -4.00 -34.38 21.87
C THR A 41 -3.73 -34.76 23.33
N ASP A 42 -3.93 -33.82 24.24
CA ASP A 42 -3.81 -34.10 25.66
C ASP A 42 -4.93 -35.05 26.09
N LEU A 43 -6.13 -34.84 25.55
CA LEU A 43 -7.27 -35.71 25.86
C LEU A 43 -7.05 -37.12 25.34
N ILE A 44 -6.44 -37.22 24.16
CA ILE A 44 -6.13 -38.52 23.56
C ILE A 44 -5.12 -39.28 24.40
N ALA A 45 -4.01 -38.61 24.74
CA ALA A 45 -2.99 -39.21 25.59
C ALA A 45 -3.55 -39.68 26.93
N ALA A 46 -4.59 -38.99 27.41
CA ALA A 46 -5.18 -39.31 28.70
C ALA A 46 -6.29 -40.36 28.59
N LYS A 47 -6.52 -40.83 27.37
CA LYS A 47 -7.51 -41.87 27.07
C LYS A 47 -8.96 -41.40 27.35
N ILE A 48 -9.16 -40.09 27.34
CA ILE A 48 -10.49 -39.52 27.55
C ILE A 48 -11.33 -39.59 26.26
N VAL A 49 -10.66 -39.45 25.12
CA VAL A 49 -11.29 -39.68 23.81
C VAL A 49 -10.37 -40.59 23.00
N PRO A 50 -10.92 -41.38 22.06
CA PRO A 50 -10.07 -42.20 21.20
C PRO A 50 -9.41 -41.39 20.09
N ASP A 51 -8.43 -41.99 19.41
CA ASP A 51 -7.76 -41.37 18.26
C ASP A 51 -8.78 -41.01 17.17
N PRO A 52 -8.99 -39.71 16.96
CA PRO A 52 -10.01 -39.23 16.00
C PRO A 52 -9.66 -39.55 14.55
N PHE A 53 -8.42 -39.97 14.29
CA PHE A 53 -8.03 -40.37 12.95
C PHE A 53 -8.54 -41.77 12.63
N TYR A 54 -8.73 -42.58 13.67
CA TYR A 54 -9.08 -44.00 13.48
C TYR A 54 -10.54 -44.19 13.13
N ARG A 55 -10.78 -44.94 12.06
CA ARG A 55 -12.14 -45.25 11.57
C ARG A 55 -13.04 -44.03 11.58
N ASP A 56 -14.13 -44.09 12.34
CA ASP A 56 -15.07 -42.98 12.39
C ASP A 56 -15.06 -42.27 13.75
N ASN A 57 -13.87 -42.11 14.32
CA ASN A 57 -13.77 -41.51 15.66
C ASN A 57 -13.77 -39.98 15.67
N GLU A 58 -13.74 -39.38 14.48
CA GLU A 58 -13.66 -37.92 14.37
C GLU A 58 -14.70 -37.19 15.21
N GLY A 59 -15.95 -37.63 15.13
CA GLY A 59 -17.03 -36.94 15.83
C GLY A 59 -16.93 -36.96 17.34
N LYS A 60 -16.21 -37.91 17.89
CA LYS A 60 -16.14 -38.09 19.35
C LYS A 60 -15.31 -37.03 20.06
N ILE A 61 -14.65 -36.17 19.30
CA ILE A 61 -13.75 -35.18 19.89
C ILE A 61 -14.21 -33.74 19.60
N GLN A 62 -15.33 -33.60 18.88
CA GLN A 62 -15.80 -32.27 18.48
C GLN A 62 -16.14 -31.38 19.67
N TRP A 63 -16.55 -31.98 20.78
CA TRP A 63 -16.93 -31.21 21.97
C TRP A 63 -15.78 -30.38 22.53
N ALA A 64 -14.54 -30.81 22.32
CA ALA A 64 -13.38 -30.07 22.80
C ALA A 64 -13.24 -28.72 22.07
N GLY A 65 -13.66 -28.67 20.82
CA GLY A 65 -13.61 -27.43 20.06
C GLY A 65 -14.71 -26.46 20.44
N LEU A 66 -15.66 -26.93 21.24
CA LEU A 66 -16.81 -26.11 21.64
C LEU A 66 -16.70 -25.68 23.10
N SER A 67 -15.61 -26.07 23.74
CA SER A 67 -15.43 -25.86 25.16
C SER A 67 -14.35 -24.84 25.47
N ASP A 68 -14.35 -24.35 26.72
CA ASP A 68 -13.30 -23.47 27.20
C ASP A 68 -12.35 -24.26 28.09
N TRP A 69 -11.06 -23.96 27.99
CA TRP A 69 -10.04 -24.74 28.67
C TRP A 69 -9.14 -23.88 29.55
N GLN A 70 -8.61 -24.49 30.60
CA GLN A 70 -7.77 -23.80 31.57
C GLN A 70 -6.40 -24.49 31.75
N TYR A 71 -5.36 -23.87 31.22
CA TYR A 71 -3.98 -24.34 31.43
C TYR A 71 -3.45 -23.81 32.75
N GLN A 72 -2.58 -24.57 33.38
CA GLN A 72 -1.96 -24.14 34.62
C GLN A 72 -0.57 -24.73 34.76
N THR A 73 0.37 -23.92 35.25
CA THR A 73 1.71 -24.41 35.56
C THR A 73 2.36 -23.59 36.67
N ARG A 74 3.27 -24.23 37.40
CA ARG A 74 4.06 -23.51 38.39
C ARG A 74 5.53 -23.51 37.99
N PHE A 75 6.19 -22.39 38.25
CA PHE A 75 7.60 -22.25 37.90
C PHE A 75 8.29 -21.33 38.89
N THR A 76 9.59 -21.54 39.07
CA THR A 76 10.36 -20.73 40.01
C THR A 76 11.28 -19.75 39.30
N VAL A 77 11.39 -18.55 39.85
CA VAL A 77 12.32 -17.55 39.33
C VAL A 77 13.29 -17.17 40.43
N ASP A 78 14.58 -17.39 40.19
CA ASP A 78 15.62 -17.07 41.18
C ASP A 78 15.74 -15.58 41.43
N ALA A 79 16.47 -15.20 42.47
CA ALA A 79 16.73 -13.80 42.77
C ALA A 79 17.65 -13.17 41.73
N ALA A 80 18.38 -14.01 41.00
CA ALA A 80 19.34 -13.57 40.01
C ALA A 80 18.66 -13.01 38.75
N THR A 81 17.60 -13.67 38.30
CA THR A 81 16.88 -13.19 37.13
C THR A 81 15.99 -12.00 37.50
N LEU A 82 15.61 -11.91 38.77
CA LEU A 82 14.82 -10.78 39.27
C LEU A 82 15.67 -9.50 39.35
N LYS A 83 16.97 -9.67 39.57
CA LYS A 83 17.95 -8.59 39.40
C LYS A 83 17.70 -7.75 38.14
N ARG A 84 17.50 -8.42 37.01
CA ARG A 84 17.43 -7.79 35.69
C ARG A 84 16.46 -6.61 35.66
N GLU A 85 16.79 -5.62 34.84
CA GLU A 85 15.98 -4.42 34.70
C GLU A 85 14.66 -4.75 34.01
N HIS A 86 14.69 -5.76 33.16
CA HIS A 86 13.49 -6.19 32.44
C HIS A 86 13.31 -7.69 32.59
N VAL A 87 12.12 -8.09 33.02
CA VAL A 87 11.76 -9.50 33.06
C VAL A 87 10.43 -9.69 32.36
N GLU A 88 10.43 -10.46 31.28
CA GLU A 88 9.24 -10.61 30.45
C GLU A 88 8.80 -12.05 30.26
N LEU A 89 7.49 -12.25 30.13
CA LEU A 89 6.95 -13.52 29.68
C LEU A 89 6.65 -13.45 28.20
N VAL A 90 7.04 -14.47 27.45
CA VAL A 90 6.87 -14.46 26.01
C VAL A 90 6.10 -15.70 25.53
N PHE A 91 4.98 -15.47 24.86
CA PHE A 91 4.17 -16.55 24.31
C PHE A 91 4.29 -16.54 22.79
N ASP A 92 4.98 -17.54 22.23
CA ASP A 92 5.21 -17.59 20.79
C ASP A 92 3.94 -17.98 20.03
N GLY A 93 3.00 -18.63 20.70
CA GLY A 93 1.78 -19.08 20.06
C GLY A 93 0.68 -19.47 21.02
N LEU A 94 -0.41 -18.74 20.95
CA LEU A 94 -1.62 -19.03 21.73
C LEU A 94 -2.81 -19.21 20.79
N ASP A 95 -3.43 -20.38 20.86
CA ASP A 95 -4.51 -20.72 19.94
C ASP A 95 -5.83 -20.90 20.71
N THR A 96 -6.69 -19.87 20.72
CA THR A 96 -6.42 -18.56 20.11
C THR A 96 -6.85 -17.42 21.02
N PHE A 97 -8.12 -17.41 21.42
CA PHE A 97 -8.61 -16.42 22.37
C PHE A 97 -8.09 -16.78 23.76
N ALA A 98 -7.09 -16.05 24.21
CA ALA A 98 -6.40 -16.38 25.45
C ALA A 98 -6.53 -15.28 26.49
N GLU A 99 -6.74 -15.69 27.74
CA GLU A 99 -6.68 -14.77 28.87
C GLU A 99 -5.69 -15.32 29.88
N VAL A 100 -4.56 -14.63 30.03
CA VAL A 100 -3.48 -15.12 30.86
C VAL A 100 -3.45 -14.40 32.20
N THR A 101 -3.32 -15.17 33.28
CA THR A 101 -3.18 -14.59 34.60
C THR A 101 -1.90 -15.09 35.27
N LEU A 102 -1.31 -14.25 36.10
CA LEU A 102 -0.06 -14.59 36.80
C LEU A 102 -0.19 -14.27 38.28
N ASN A 103 -0.05 -15.31 39.11
CA ASN A 103 -0.26 -15.18 40.55
C ASN A 103 -1.59 -14.50 40.87
N GLY A 104 -2.62 -14.89 40.13
CA GLY A 104 -3.97 -14.41 40.36
C GLY A 104 -4.35 -13.12 39.65
N LYS A 105 -3.36 -12.38 39.17
CA LYS A 105 -3.63 -11.10 38.51
C LYS A 105 -3.67 -11.21 36.98
N GLN A 106 -4.51 -10.39 36.36
CA GLN A 106 -4.60 -10.32 34.90
C GLN A 106 -3.25 -9.91 34.31
N LEU A 107 -2.82 -10.63 33.28
CA LEU A 107 -1.52 -10.36 32.67
C LEU A 107 -1.64 -10.00 31.18
N LEU A 108 -2.40 -10.80 30.43
CA LEU A 108 -2.43 -10.64 28.99
C LEU A 108 -3.72 -11.17 28.33
N SER A 109 -4.24 -10.41 27.37
CA SER A 109 -5.33 -10.87 26.52
C SER A 109 -4.84 -11.08 25.10
N ALA A 110 -5.08 -12.25 24.55
CA ALA A 110 -4.59 -12.58 23.22
C ALA A 110 -5.70 -13.08 22.30
N ASP A 111 -5.62 -12.72 21.02
CA ASP A 111 -6.64 -13.09 20.06
C ASP A 111 -6.06 -13.28 18.66
N ASN A 112 -4.88 -13.89 18.57
CA ASN A 112 -4.32 -14.23 17.28
C ASN A 112 -3.38 -15.41 17.41
N MET A 113 -3.76 -16.51 16.77
CA MET A 113 -2.98 -17.73 16.78
C MET A 113 -1.56 -17.53 16.25
N PHE A 114 -1.39 -16.53 15.38
CA PHE A 114 -0.15 -16.36 14.64
C PHE A 114 0.72 -15.22 15.15
N ARG A 115 0.41 -14.68 16.33
CA ARG A 115 1.22 -13.60 16.90
C ARG A 115 2.04 -14.02 18.11
N GLN A 116 3.10 -13.29 18.37
CA GLN A 116 3.89 -13.48 19.58
C GLN A 116 3.52 -12.41 20.60
N TRP A 117 3.26 -12.84 21.83
CA TRP A 117 2.81 -11.92 22.87
C TRP A 117 3.85 -11.77 23.98
N ARG A 118 4.41 -10.57 24.05
CA ARG A 118 5.43 -10.21 25.03
C ARG A 118 4.81 -9.29 26.08
N VAL A 119 5.12 -9.53 27.34
CA VAL A 119 4.54 -8.73 28.42
C VAL A 119 5.51 -8.59 29.59
N ASP A 120 5.63 -7.36 30.11
CA ASP A 120 6.42 -7.12 31.31
C ASP A 120 5.76 -7.80 32.51
N ALA A 121 6.52 -8.64 33.21
CA ALA A 121 5.98 -9.45 34.29
C ALA A 121 6.74 -9.26 35.60
N LYS A 122 7.78 -8.43 35.58
CA LYS A 122 8.68 -8.27 36.72
C LYS A 122 7.98 -7.85 38.01
N SER A 123 7.03 -6.93 37.90
CA SER A 123 6.33 -6.45 39.09
C SER A 123 5.41 -7.52 39.67
N LEU A 124 4.96 -8.45 38.83
CA LEU A 124 4.05 -9.52 39.28
C LEU A 124 4.79 -10.81 39.67
N LEU A 125 6.08 -10.89 39.38
CA LEU A 125 6.81 -12.11 39.68
C LEU A 125 7.16 -12.16 41.16
N LYS A 126 6.96 -13.32 41.77
CA LYS A 126 7.21 -13.53 43.19
C LYS A 126 8.52 -14.24 43.50
N ARG A 127 8.97 -14.04 44.73
CA ARG A 127 10.08 -14.81 45.30
C ARG A 127 9.80 -16.31 45.17
N GLY A 128 10.56 -16.98 44.31
CA GLY A 128 10.41 -18.43 44.21
C GLY A 128 9.27 -18.86 43.31
N ASP A 129 8.35 -19.61 43.89
CA ASP A 129 7.26 -20.26 43.16
C ASP A 129 6.25 -19.27 42.55
N ASN A 130 5.95 -19.46 41.27
CA ASN A 130 4.99 -18.61 40.57
C ASN A 130 3.88 -19.43 39.90
N LEU A 131 2.67 -18.89 39.90
CA LEU A 131 1.55 -19.58 39.28
C LEU A 131 1.10 -18.92 37.97
N LEU A 132 1.34 -19.60 36.85
CA LEU A 132 0.92 -19.10 35.55
C LEU A 132 -0.31 -19.86 35.04
N GLU A 133 -1.36 -19.12 34.75
CA GLU A 133 -2.61 -19.72 34.27
C GLU A 133 -3.02 -19.15 32.91
N VAL A 134 -3.44 -20.02 32.00
CA VAL A 134 -3.89 -19.60 30.67
C VAL A 134 -5.25 -20.19 30.30
N LYS A 135 -6.23 -19.34 30.04
CA LYS A 135 -7.56 -19.81 29.65
C LYS A 135 -7.80 -19.60 28.15
N LEU A 136 -8.17 -20.68 27.47
CA LEU A 136 -8.48 -20.62 26.04
C LEU A 136 -9.98 -20.79 25.81
N TYR A 137 -10.54 -19.91 24.99
CA TYR A 137 -11.97 -19.91 24.75
C TYR A 137 -12.29 -20.40 23.35
N SER A 138 -13.22 -21.35 23.25
CA SER A 138 -13.68 -21.84 21.95
C SER A 138 -14.09 -20.67 21.07
N PRO A 139 -13.45 -20.55 19.88
CA PRO A 139 -13.80 -19.47 18.94
C PRO A 139 -15.24 -19.61 18.45
N ILE A 140 -15.71 -20.84 18.28
CA ILE A 140 -17.09 -21.08 17.88
C ILE A 140 -18.04 -20.57 18.95
N LYS A 141 -17.81 -21.00 20.18
CA LYS A 141 -18.67 -20.66 21.30
C LYS A 141 -18.68 -19.17 21.59
N LYS A 142 -17.53 -18.52 21.40
CA LYS A 142 -17.39 -17.10 21.67
C LYS A 142 -18.06 -16.24 20.59
N ILE A 143 -17.84 -16.61 19.32
CA ILE A 143 -18.25 -15.76 18.21
C ILE A 143 -19.71 -15.94 17.78
N GLN A 144 -20.20 -17.18 17.76
CA GLN A 144 -21.55 -17.45 17.26
C GLN A 144 -22.67 -16.60 17.90
N PRO A 145 -22.66 -16.43 19.24
CA PRO A 145 -23.72 -15.57 19.81
C PRO A 145 -23.67 -14.14 19.30
N TRP A 146 -22.47 -13.63 19.05
CA TRP A 146 -22.32 -12.33 18.44
C TRP A 146 -22.76 -12.38 16.99
N LEU A 147 -22.29 -13.40 16.29
CA LEU A 147 -22.55 -13.54 14.86
C LEU A 147 -24.05 -13.69 14.58
N ALA A 148 -24.77 -14.35 15.48
CA ALA A 148 -26.20 -14.59 15.30
C ALA A 148 -26.98 -13.29 15.32
N LYS A 149 -26.39 -12.23 15.89
CA LYS A 149 -27.06 -10.95 16.01
C LYS A 149 -26.76 -10.06 14.79
N GLN A 150 -25.80 -10.47 13.98
CA GLN A 150 -25.36 -9.67 12.84
C GLN A 150 -26.39 -9.71 11.71
N PRO A 151 -26.52 -8.58 10.98
CA PRO A 151 -27.40 -8.46 9.81
C PRO A 151 -27.09 -9.50 8.74
N TYR A 152 -25.81 -9.86 8.63
CA TYR A 152 -25.38 -10.91 7.72
C TYR A 152 -24.15 -11.60 8.29
N ALA A 153 -23.88 -12.81 7.80
CA ALA A 153 -22.61 -13.46 8.05
C ALA A 153 -21.83 -13.46 6.75
N LEU A 154 -20.54 -13.15 6.82
CA LEU A 154 -19.69 -13.12 5.63
C LEU A 154 -19.50 -14.53 5.07
N PRO A 155 -19.41 -14.64 3.74
CA PRO A 155 -19.11 -15.94 3.10
C PRO A 155 -17.82 -16.51 3.68
N GLY A 156 -17.83 -17.78 4.07
CA GLY A 156 -16.73 -18.30 4.86
C GLY A 156 -15.96 -19.44 4.24
N ALA A 157 -16.00 -20.59 4.88
CA ALA A 157 -15.29 -21.77 4.40
C ALA A 157 -16.25 -22.96 4.34
N TYR A 158 -15.99 -23.98 5.14
CA TYR A 158 -16.83 -25.17 5.09
C TYR A 158 -17.80 -25.23 6.25
N ASP A 159 -19.02 -25.66 5.96
CA ASP A 159 -20.04 -25.91 6.98
C ASP A 159 -19.57 -27.00 7.94
N SER A 160 -20.10 -26.99 9.16
CA SER A 160 -19.81 -28.06 10.11
C SER A 160 -20.61 -29.31 9.75
N ALA A 161 -19.93 -30.43 9.60
CA ALA A 161 -20.61 -31.69 9.29
C ALA A 161 -21.29 -32.24 10.54
N PHE A 162 -21.20 -31.49 11.63
CA PHE A 162 -21.76 -31.94 12.90
C PHE A 162 -22.86 -30.99 13.38
N GLY A 163 -23.16 -29.99 12.57
CA GLY A 163 -24.26 -29.09 12.83
C GLY A 163 -24.09 -28.20 14.05
N ASP A 164 -22.84 -28.02 14.49
CA ASP A 164 -22.60 -27.20 15.68
C ASP A 164 -22.34 -25.74 15.31
N GLU A 165 -22.50 -25.45 14.02
CA GLU A 165 -22.53 -24.07 13.51
C GLU A 165 -23.61 -24.02 12.43
N PRO A 166 -24.31 -22.88 12.32
CA PRO A 166 -25.37 -22.77 11.30
C PRO A 166 -24.78 -22.78 9.89
N GLU A 167 -25.55 -23.24 8.91
CA GLU A 167 -25.07 -23.20 7.53
C GLU A 167 -24.85 -21.76 7.10
N ALA A 168 -23.75 -21.55 6.37
CA ALA A 168 -23.39 -20.24 5.83
C ALA A 168 -23.26 -19.16 6.90
N ARG A 169 -22.96 -19.57 8.13
CA ARG A 169 -22.64 -18.60 9.19
C ARG A 169 -21.43 -19.09 9.99
N HIS A 170 -20.26 -18.96 9.40
CA HIS A 170 -19.04 -19.52 9.96
C HIS A 170 -18.32 -18.53 10.85
N SER A 171 -17.94 -18.96 12.05
CA SER A 171 -17.19 -18.09 12.95
C SER A 171 -15.73 -17.98 12.53
N SER A 172 -15.25 -18.97 11.77
CA SER A 172 -13.83 -19.04 11.39
C SER A 172 -13.33 -17.79 10.66
N THR A 173 -14.24 -17.11 9.98
CA THR A 173 -13.90 -15.90 9.24
C THR A 173 -13.43 -14.77 10.17
N TYR A 174 -14.04 -14.68 11.34
CA TYR A 174 -13.86 -13.52 12.19
C TYR A 174 -12.68 -13.65 13.17
N VAL A 175 -11.97 -14.77 13.10
CA VAL A 175 -10.88 -15.03 14.02
C VAL A 175 -9.59 -15.41 13.30
N ARG A 176 -8.48 -14.83 13.74
CA ARG A 176 -7.18 -15.16 13.17
C ARG A 176 -6.70 -16.51 13.70
N LYS A 177 -7.10 -17.56 13.00
CA LYS A 177 -6.81 -18.94 13.36
C LYS A 177 -6.74 -19.74 12.07
N ALA A 178 -5.87 -20.75 12.05
CA ALA A 178 -5.66 -21.58 10.86
C ALA A 178 -6.98 -22.07 10.30
N PRO A 179 -7.33 -21.62 9.09
CA PRO A 179 -8.61 -21.98 8.50
C PRO A 179 -8.87 -23.50 8.45
N TYR A 180 -7.85 -24.31 8.19
CA TYR A 180 -8.08 -25.75 8.04
C TYR A 180 -8.46 -26.42 9.36
N ASN A 181 -8.24 -25.73 10.48
CA ASN A 181 -8.65 -26.27 11.77
C ASN A 181 -10.16 -26.52 11.83
N PHE A 182 -10.93 -25.78 11.03
CA PHE A 182 -12.39 -25.88 11.06
C PHE A 182 -12.91 -26.94 10.12
N GLY A 183 -12.01 -27.73 9.54
CA GLY A 183 -12.39 -28.76 8.59
C GLY A 183 -12.22 -28.29 7.16
N TRP A 184 -11.73 -29.20 6.31
CA TRP A 184 -11.57 -28.90 4.89
C TRP A 184 -11.93 -30.14 4.07
N ASP A 185 -11.94 -30.03 2.74
CA ASP A 185 -12.40 -31.16 1.92
C ASP A 185 -11.32 -32.23 1.74
N TRP A 186 -10.27 -32.17 2.55
CA TRP A 186 -9.31 -33.27 2.61
C TRP A 186 -8.81 -33.51 4.05
N GLY A 187 -9.53 -32.96 5.03
CA GLY A 187 -9.08 -33.06 6.42
C GLY A 187 -10.19 -32.99 7.45
N PRO A 188 -9.91 -33.46 8.68
CA PRO A 188 -10.94 -33.50 9.73
C PRO A 188 -11.19 -32.13 10.35
N ARG A 189 -12.29 -32.02 11.08
CA ARG A 189 -12.59 -30.81 11.85
C ARG A 189 -11.95 -30.93 13.23
N MET A 190 -10.83 -30.24 13.40
CA MET A 190 -10.12 -30.22 14.67
C MET A 190 -9.90 -28.78 15.11
N VAL A 191 -10.93 -28.17 15.69
CA VAL A 191 -10.86 -26.79 16.15
C VAL A 191 -9.99 -26.74 17.41
N ASN A 192 -8.69 -26.81 17.18
CA ASN A 192 -7.72 -26.94 18.25
C ASN A 192 -7.71 -25.74 19.18
N ALA A 193 -7.54 -26.03 20.47
CA ALA A 193 -7.25 -25.01 21.45
C ALA A 193 -5.97 -25.42 22.15
N GLY A 194 -4.99 -24.53 22.24
CA GLY A 194 -3.76 -24.88 22.91
C GLY A 194 -2.67 -23.84 22.95
N ILE A 195 -1.76 -24.00 23.91
CA ILE A 195 -0.50 -23.28 23.88
C ILE A 195 0.39 -24.02 22.88
N TRP A 196 0.30 -23.65 21.61
CA TRP A 196 0.85 -24.49 20.55
C TRP A 196 2.28 -24.10 20.13
N LYS A 197 2.87 -23.16 20.85
CA LYS A 197 4.29 -22.81 20.70
C LYS A 197 4.93 -22.50 22.06
N ASP A 198 6.25 -22.37 22.10
CA ASP A 198 6.96 -22.21 23.37
C ASP A 198 6.50 -21.01 24.19
N VAL A 199 6.72 -21.10 25.49
CA VAL A 199 6.52 -20.01 26.43
C VAL A 199 7.85 -19.78 27.15
N ARG A 200 8.30 -18.54 27.23
CA ARG A 200 9.59 -18.27 27.86
C ARG A 200 9.53 -17.17 28.91
N VAL A 201 10.45 -17.25 29.87
CA VAL A 201 10.74 -16.11 30.71
C VAL A 201 12.03 -15.48 30.21
N GLU A 202 11.95 -14.23 29.77
CA GLU A 202 13.13 -13.53 29.26
C GLU A 202 13.50 -12.35 30.14
N ALA A 203 14.80 -12.13 30.29
CA ALA A 203 15.29 -11.08 31.17
C ALA A 203 16.54 -10.41 30.61
N TRP A 204 16.62 -9.10 30.75
CA TRP A 204 17.74 -8.34 30.19
C TRP A 204 17.92 -7.02 30.91
N ASP A 205 19.04 -6.35 30.66
CA ASP A 205 19.35 -5.11 31.36
C ASP A 205 19.34 -3.88 30.47
N ALA A 206 20.50 -3.56 29.89
CA ALA A 206 20.64 -2.34 29.10
C ALA A 206 20.01 -2.46 27.72
N VAL A 207 20.40 -3.50 26.99
CA VAL A 207 19.96 -3.64 25.60
C VAL A 207 19.44 -5.05 25.31
N ARG A 208 18.33 -5.14 24.57
CA ARG A 208 17.84 -6.42 24.07
C ARG A 208 17.85 -6.41 22.55
N VAL A 209 18.43 -7.45 21.96
CA VAL A 209 18.47 -7.57 20.52
C VAL A 209 17.14 -8.09 20.00
N ASP A 210 16.42 -7.24 19.27
CA ASP A 210 15.08 -7.60 18.80
C ASP A 210 15.13 -8.30 17.46
N GLY A 211 16.24 -8.17 16.76
CA GLY A 211 16.38 -8.84 15.47
C GLY A 211 17.58 -8.42 14.64
N LEU A 212 17.93 -9.30 13.72
CA LEU A 212 18.97 -9.07 12.74
C LEU A 212 18.42 -9.39 11.36
N HIS A 213 18.51 -8.43 10.44
CA HIS A 213 18.04 -8.64 9.07
C HIS A 213 19.14 -8.33 8.06
N ILE A 214 19.49 -9.31 7.24
CA ILE A 214 20.44 -9.07 6.16
C ILE A 214 19.67 -8.61 4.93
N ALA A 215 19.61 -7.29 4.75
CA ALA A 215 18.84 -6.70 3.67
C ALA A 215 19.64 -6.66 2.38
N GLN A 216 19.25 -7.48 1.42
CA GLN A 216 19.93 -7.55 0.13
C GLN A 216 19.46 -6.40 -0.76
N GLN A 217 20.34 -5.43 -0.99
CA GLN A 217 20.01 -4.23 -1.75
C GLN A 217 20.12 -4.44 -3.27
N ARG A 218 21.17 -5.14 -3.70
CA ARG A 218 21.35 -5.52 -5.10
C ARG A 218 22.31 -6.70 -5.20
N VAL A 219 21.91 -7.70 -5.97
CA VAL A 219 22.69 -8.93 -6.13
C VAL A 219 22.85 -9.34 -7.59
N ASP A 220 24.09 -9.47 -8.05
CA ASP A 220 24.36 -10.05 -9.36
C ASP A 220 25.69 -10.79 -9.35
N ALA A 221 26.13 -11.25 -10.52
CA ALA A 221 27.33 -12.05 -10.62
C ALA A 221 28.56 -11.27 -10.13
N HIS A 222 28.58 -9.98 -10.42
CA HIS A 222 29.71 -9.11 -10.09
C HIS A 222 29.83 -8.82 -8.58
N SER A 223 28.70 -8.51 -7.95
CA SER A 223 28.73 -8.21 -6.52
C SER A 223 27.36 -8.36 -5.87
N ALA A 224 27.39 -8.41 -4.54
CA ALA A 224 26.20 -8.32 -3.72
C ALA A 224 26.39 -7.19 -2.73
N GLN A 225 25.45 -6.25 -2.72
CA GLN A 225 25.48 -5.17 -1.74
C GLN A 225 24.38 -5.39 -0.72
N VAL A 226 24.77 -5.60 0.53
CA VAL A 226 23.79 -5.84 1.58
C VAL A 226 23.98 -4.89 2.75
N GLN A 227 22.98 -4.85 3.62
CA GLN A 227 23.04 -4.03 4.81
C GLN A 227 22.54 -4.82 6.01
N ALA A 228 23.46 -5.15 6.92
CA ALA A 228 23.09 -5.85 8.13
C ALA A 228 22.39 -4.89 9.06
N GLN A 229 21.08 -5.08 9.19
CA GLN A 229 20.24 -4.21 9.99
C GLN A 229 19.97 -4.86 11.35
N LEU A 230 20.32 -4.13 12.40
CA LEU A 230 20.21 -4.66 13.76
C LEU A 230 19.21 -3.84 14.58
N ASP A 231 18.14 -4.49 15.04
CA ASP A 231 17.15 -3.84 15.90
C ASP A 231 17.53 -4.01 17.38
N LEU A 232 17.69 -2.89 18.08
CA LEU A 232 18.07 -2.93 19.49
C LEU A 232 17.09 -2.15 20.35
N GLN A 233 16.50 -2.84 21.32
CA GLN A 233 15.66 -2.20 22.33
C GLN A 233 16.55 -1.81 23.51
N ALA A 234 16.55 -0.54 23.88
CA ALA A 234 17.37 -0.07 24.99
C ALA A 234 16.51 0.52 26.09
N GLY A 235 16.95 0.37 27.33
CA GLY A 235 16.21 0.91 28.47
C GLY A 235 16.72 2.28 28.85
N ARG A 236 17.97 2.57 28.51
CA ARG A 236 18.55 3.87 28.81
C ARG A 236 19.58 4.23 27.75
N SER A 237 19.92 5.50 27.67
CA SER A 237 20.85 5.99 26.66
C SER A 237 22.27 5.55 27.00
N GLY A 238 23.01 5.09 26.00
CA GLY A 238 24.38 4.67 26.20
C GLY A 238 25.06 4.13 24.96
N PRO A 239 26.40 4.05 24.99
CA PRO A 239 27.21 3.58 23.87
C PRO A 239 27.09 2.08 23.64
N VAL A 240 27.22 1.65 22.38
CA VAL A 240 27.31 0.24 22.03
C VAL A 240 28.38 0.01 20.98
N GLN A 241 28.96 -1.19 20.97
CA GLN A 241 29.90 -1.55 19.91
C GLN A 241 29.42 -2.82 19.22
N VAL A 242 29.29 -2.73 17.90
CA VAL A 242 28.76 -3.82 17.11
C VAL A 242 29.82 -4.44 16.22
N THR A 243 29.95 -5.76 16.30
CA THR A 243 30.87 -6.50 15.46
C THR A 243 30.10 -7.44 14.55
N LEU A 244 30.46 -7.46 13.27
CA LEU A 244 29.81 -8.36 12.32
C LEU A 244 30.87 -9.21 11.62
N ASP A 245 30.79 -10.53 11.83
CA ASP A 245 31.68 -11.43 11.11
C ASP A 245 30.90 -12.08 9.98
N VAL A 246 31.52 -12.18 8.81
CA VAL A 246 30.87 -12.79 7.66
C VAL A 246 31.68 -14.01 7.20
N LEU A 247 31.01 -15.17 7.19
CA LEU A 247 31.61 -16.42 6.75
C LEU A 247 30.97 -16.93 5.45
N GLY A 248 31.79 -17.42 4.53
CA GLY A 248 31.30 -17.94 3.27
C GLY A 248 30.69 -19.34 3.39
N PRO A 249 30.24 -19.90 2.25
CA PRO A 249 29.65 -21.24 2.23
C PRO A 249 30.62 -22.30 2.74
N ASP A 250 31.91 -22.08 2.50
CA ASP A 250 32.95 -23.03 2.91
C ASP A 250 33.29 -22.91 4.40
N GLY A 251 32.74 -21.90 5.07
CA GLY A 251 32.97 -21.70 6.49
C GLY A 251 34.12 -20.73 6.78
N GLN A 252 34.83 -20.35 5.74
CA GLN A 252 35.96 -19.43 5.87
C GLN A 252 35.52 -17.97 6.03
N LYS A 253 36.45 -17.12 6.44
CA LYS A 253 36.16 -15.71 6.69
C LYS A 253 36.03 -14.89 5.43
N VAL A 254 34.98 -14.09 5.36
CA VAL A 254 34.79 -13.19 4.23
C VAL A 254 35.25 -11.80 4.63
N GLY A 255 34.89 -11.40 5.84
CA GLY A 255 35.29 -10.12 6.38
C GLY A 255 34.65 -9.85 7.72
N GLN A 256 35.25 -8.94 8.49
CA GLN A 256 34.67 -8.49 9.74
C GLN A 256 34.38 -7.00 9.64
N PHE A 257 33.25 -6.58 10.22
CA PHE A 257 32.82 -5.20 10.14
C PHE A 257 32.45 -4.68 11.53
N THR A 258 32.75 -3.41 11.78
CA THR A 258 32.51 -2.83 13.09
C THR A 258 31.73 -1.52 12.98
N GLN A 259 31.02 -1.18 14.06
CA GLN A 259 30.21 0.01 14.08
C GLN A 259 29.87 0.41 15.51
N ASP A 260 30.30 1.61 15.92
CA ASP A 260 29.93 2.12 17.22
C ASP A 260 28.74 3.07 17.09
N ALA A 261 27.92 3.10 18.14
CA ALA A 261 26.75 3.95 18.15
C ALA A 261 26.31 4.24 19.58
N VAL A 262 25.40 5.20 19.74
CA VAL A 262 24.79 5.46 21.03
C VAL A 262 23.30 5.18 20.92
N VAL A 263 22.82 4.23 21.70
CA VAL A 263 21.40 3.91 21.68
C VAL A 263 20.67 4.80 22.67
N ASP A 264 19.38 5.02 22.43
CA ASP A 264 18.55 5.83 23.31
C ASP A 264 17.35 4.99 23.75
N PRO A 265 16.65 5.41 24.81
CA PRO A 265 15.49 4.64 25.27
C PRO A 265 14.49 4.36 24.15
N GLY A 266 14.14 3.08 23.98
CA GLY A 266 13.25 2.67 22.92
C GLY A 266 13.97 1.85 21.86
N GLN A 267 13.53 1.99 20.61
CA GLN A 267 14.08 1.22 19.50
C GLN A 267 15.20 1.96 18.78
N ASN A 268 16.23 1.19 18.41
CA ASN A 268 17.39 1.73 17.74
C ASN A 268 17.80 0.85 16.57
N ARG A 269 18.18 1.47 15.45
CA ARG A 269 18.66 0.71 14.31
C ARG A 269 20.13 0.97 14.07
N VAL A 270 20.89 -0.11 13.94
CA VAL A 270 22.30 -0.03 13.59
C VAL A 270 22.54 -0.81 12.30
N ASP A 271 22.94 -0.10 11.26
CA ASP A 271 23.13 -0.68 9.94
C ASP A 271 24.61 -0.77 9.57
N LEU A 272 25.05 -1.94 9.14
CA LEU A 272 26.42 -2.14 8.69
C LEU A 272 26.43 -2.55 7.23
N ALA A 273 26.93 -1.68 6.37
CA ALA A 273 27.00 -1.95 4.94
C ALA A 273 28.10 -2.97 4.63
N VAL A 274 27.73 -3.99 3.87
CA VAL A 274 28.66 -5.05 3.46
C VAL A 274 28.54 -5.32 1.97
N ARG A 275 29.67 -5.27 1.26
CA ARG A 275 29.70 -5.62 -0.15
C ARG A 275 30.55 -6.88 -0.38
N ILE A 276 29.94 -7.88 -1.00
CA ILE A 276 30.62 -9.14 -1.29
C ILE A 276 30.89 -9.27 -2.79
N ALA A 277 32.17 -9.22 -3.16
CA ALA A 277 32.59 -9.32 -4.55
C ALA A 277 32.45 -10.76 -5.07
N ASN A 278 31.98 -10.88 -6.31
CA ASN A 278 31.74 -12.19 -6.93
C ASN A 278 31.04 -13.18 -6.00
N PRO A 279 29.84 -12.81 -5.53
CA PRO A 279 29.19 -13.64 -4.51
C PRO A 279 28.87 -15.02 -5.03
N LYS A 280 28.96 -16.03 -4.16
CA LYS A 280 28.49 -17.36 -4.50
C LYS A 280 27.00 -17.38 -4.16
N ARG A 281 26.18 -17.08 -5.17
CA ARG A 281 24.75 -16.88 -4.98
C ARG A 281 23.97 -18.16 -4.69
N TRP A 282 22.79 -17.99 -4.10
CA TRP A 282 21.88 -19.10 -3.81
C TRP A 282 21.00 -19.35 -5.02
N PHE A 283 21.00 -20.58 -5.52
CA PHE A 283 20.12 -20.96 -6.63
C PHE A 283 19.08 -21.98 -6.18
N PRO A 284 17.91 -21.97 -6.83
CA PRO A 284 16.93 -23.02 -6.51
C PRO A 284 17.39 -24.36 -7.07
N ALA A 285 16.80 -25.44 -6.56
CA ALA A 285 17.15 -26.80 -6.98
C ALA A 285 17.11 -26.94 -8.50
N GLY A 286 18.18 -27.49 -9.07
CA GLY A 286 18.25 -27.76 -10.49
C GLY A 286 18.92 -26.66 -11.27
N TYR A 287 19.27 -25.56 -10.60
CA TYR A 287 19.86 -24.41 -11.26
C TYR A 287 21.17 -23.95 -10.63
N GLY A 288 21.77 -24.83 -9.82
CA GLY A 288 23.04 -24.54 -9.20
C GLY A 288 23.14 -24.96 -7.73
N ALA A 289 24.09 -24.38 -7.02
CA ALA A 289 24.27 -24.72 -5.61
C ALA A 289 23.35 -23.87 -4.76
N GLN A 290 23.07 -24.37 -3.56
CA GLN A 290 22.31 -23.62 -2.57
C GLN A 290 23.28 -22.97 -1.60
N ASP A 291 24.26 -22.24 -2.14
CA ASP A 291 25.27 -21.59 -1.34
C ASP A 291 24.67 -20.60 -0.35
N ARG A 292 25.18 -20.61 0.87
CA ARG A 292 24.69 -19.70 1.90
C ARG A 292 25.83 -19.10 2.71
N TYR A 293 25.69 -17.80 3.01
CA TYR A 293 26.65 -17.10 3.84
C TYR A 293 26.14 -17.06 5.27
N THR A 294 27.05 -16.93 6.21
CA THR A 294 26.68 -16.80 7.62
C THR A 294 27.06 -15.42 8.13
N PHE A 295 26.07 -14.70 8.65
CA PHE A 295 26.28 -13.38 9.23
C PHE A 295 26.14 -13.45 10.75
N VAL A 296 27.21 -13.14 11.47
CA VAL A 296 27.18 -13.17 12.93
C VAL A 296 27.44 -11.80 13.55
N ALA A 297 26.42 -11.24 14.21
CA ALA A 297 26.54 -9.94 14.85
C ALA A 297 26.63 -10.07 16.37
N SER A 298 27.65 -9.44 16.96
CA SER A 298 27.74 -9.39 18.41
C SER A 298 27.71 -7.94 18.92
N VAL A 299 26.91 -7.72 19.96
CA VAL A 299 26.67 -6.38 20.47
C VAL A 299 27.11 -6.26 21.91
N ARG A 300 28.09 -5.40 22.15
CA ARG A 300 28.55 -5.12 23.51
C ARG A 300 27.93 -3.82 24.01
N ASP A 301 27.10 -3.91 25.04
CA ASP A 301 26.40 -2.73 25.56
C ASP A 301 27.26 -1.90 26.51
N ALA A 302 26.63 -0.90 27.13
CA ALA A 302 27.34 0.04 28.01
C ALA A 302 27.82 -0.63 29.29
N ASP A 303 27.13 -1.70 29.70
CA ASP A 303 27.51 -2.45 30.89
C ASP A 303 28.66 -3.40 30.60
N GLY A 304 29.01 -3.53 29.32
CA GLY A 304 30.07 -4.42 28.91
C GLY A 304 29.57 -5.81 28.56
N ASP A 305 28.26 -5.99 28.56
CA ASP A 305 27.68 -7.30 28.27
C ASP A 305 27.62 -7.51 26.76
N SER A 306 28.02 -8.71 26.33
CA SER A 306 28.03 -9.04 24.92
C SER A 306 26.90 -10.01 24.58
N GLN A 307 26.09 -9.64 23.58
CA GLN A 307 25.04 -10.51 23.09
C GLN A 307 25.31 -10.89 21.64
N GLN A 308 24.90 -12.09 21.24
CA GLN A 308 25.19 -12.55 19.89
C GLN A 308 23.95 -13.06 19.17
N ILE A 309 23.83 -12.71 17.89
CA ILE A 309 22.73 -13.18 17.07
C ILE A 309 23.28 -13.57 15.69
N LYS A 310 22.66 -14.57 15.09
CA LYS A 310 23.20 -15.17 13.87
C LYS A 310 22.15 -15.36 12.78
N ARG A 311 22.50 -15.04 11.55
CA ARG A 311 21.63 -15.31 10.41
C ARG A 311 22.37 -16.04 9.29
N VAL A 312 21.79 -17.15 8.84
CA VAL A 312 22.27 -17.84 7.66
C VAL A 312 21.41 -17.44 6.47
N THR A 313 22.00 -16.84 5.46
CA THR A 313 21.22 -16.37 4.33
C THR A 313 21.86 -16.65 2.96
N GLY A 314 21.03 -16.72 1.93
CA GLY A 314 21.50 -16.96 0.58
C GLY A 314 21.33 -15.71 -0.25
N LEU A 315 22.42 -15.29 -0.91
CA LEU A 315 22.41 -14.09 -1.74
C LEU A 315 21.73 -14.39 -3.07
N ARG A 316 20.63 -13.70 -3.33
CA ARG A 316 19.74 -14.05 -4.41
C ARG A 316 18.95 -12.82 -4.89
N SER A 317 18.87 -12.62 -6.20
CA SER A 317 17.93 -11.63 -6.72
C SER A 317 16.62 -12.32 -7.10
N VAL A 318 15.50 -11.66 -6.79
CA VAL A 318 14.19 -12.17 -7.12
C VAL A 318 13.43 -11.11 -7.91
N GLU A 319 12.90 -11.50 -9.06
CA GLU A 319 12.08 -10.62 -9.86
C GLU A 319 10.81 -11.34 -10.29
N LEU A 320 9.66 -10.70 -10.10
CA LEU A 320 8.41 -11.19 -10.62
C LEU A 320 8.15 -10.47 -11.94
N ARG A 321 8.54 -11.09 -13.05
CA ARG A 321 8.49 -10.47 -14.35
C ARG A 321 7.12 -10.60 -15.01
N ARG A 322 6.53 -9.46 -15.33
CA ARG A 322 5.23 -9.43 -15.99
C ARG A 322 5.33 -8.48 -17.18
N GLU A 323 5.64 -9.05 -18.35
CA GLU A 323 5.86 -8.26 -19.55
C GLU A 323 4.82 -8.61 -20.63
N LYS A 324 4.40 -7.61 -21.41
CA LYS A 324 3.41 -7.86 -22.46
C LYS A 324 4.04 -8.66 -23.61
N ASP A 325 3.31 -9.68 -24.08
CA ASP A 325 3.74 -10.49 -25.21
C ASP A 325 2.52 -11.01 -25.97
N ARG A 326 2.71 -12.06 -26.78
CA ARG A 326 1.64 -12.59 -27.61
C ARG A 326 0.53 -13.26 -26.82
N PHE A 327 0.85 -13.73 -25.62
CA PHE A 327 -0.12 -14.46 -24.81
C PHE A 327 -0.74 -13.58 -23.74
N GLY A 328 -0.57 -12.27 -23.91
CA GLY A 328 -1.10 -11.31 -22.97
C GLY A 328 0.03 -10.68 -22.17
N LYS A 329 0.05 -10.94 -20.87
CA LYS A 329 1.09 -10.44 -19.98
C LYS A 329 1.65 -11.61 -19.18
N SER A 330 2.98 -11.75 -19.21
CA SER A 330 3.64 -12.91 -18.61
C SER A 330 3.57 -12.88 -17.10
N MET A 331 3.82 -14.03 -16.48
CA MET A 331 4.03 -14.12 -15.05
C MET A 331 5.10 -15.16 -14.74
N GLU A 332 6.32 -14.70 -14.45
CA GLU A 332 7.41 -15.63 -14.26
C GLU A 332 8.33 -15.23 -13.12
N ILE A 333 8.75 -16.21 -12.33
CA ILE A 333 9.73 -15.99 -11.29
C ILE A 333 11.10 -16.00 -11.93
N VAL A 334 11.86 -14.93 -11.71
CA VAL A 334 13.21 -14.81 -12.25
C VAL A 334 14.20 -14.74 -11.09
N ILE A 335 15.01 -15.80 -10.95
CA ILE A 335 16.00 -15.89 -9.88
C ILE A 335 17.40 -15.77 -10.46
N ASN A 336 18.16 -14.82 -9.93
CA ASN A 336 19.50 -14.51 -10.40
C ASN A 336 19.56 -14.27 -11.91
N GLY A 337 18.51 -13.63 -12.44
CA GLY A 337 18.44 -13.31 -13.85
C GLY A 337 17.96 -14.48 -14.70
N ILE A 338 17.61 -15.58 -14.04
CA ILE A 338 17.15 -16.77 -14.74
C ILE A 338 15.64 -16.97 -14.61
N PRO A 339 14.91 -16.91 -15.74
CA PRO A 339 13.48 -17.22 -15.71
C PRO A 339 13.28 -18.69 -15.36
N ILE A 340 12.73 -18.94 -14.17
CA ILE A 340 12.50 -20.30 -13.72
C ILE A 340 11.05 -20.74 -13.99
N PHE A 341 10.86 -21.74 -14.85
CA PHE A 341 9.55 -22.38 -14.91
C PHE A 341 9.31 -23.10 -13.59
N ALA A 342 8.33 -22.63 -12.82
CA ALA A 342 8.05 -23.18 -11.50
C ALA A 342 7.48 -24.58 -11.62
N LYS A 343 8.15 -25.55 -10.99
CA LYS A 343 7.67 -26.93 -10.97
C LYS A 343 7.47 -27.42 -9.55
N GLY A 344 6.23 -27.69 -9.19
CA GLY A 344 5.99 -28.15 -7.83
C GLY A 344 4.54 -28.43 -7.50
N ALA A 345 4.17 -28.08 -6.28
CA ALA A 345 2.83 -28.39 -5.78
C ALA A 345 2.48 -27.49 -4.61
N ASN A 346 1.25 -27.62 -4.15
CA ASN A 346 0.77 -26.83 -3.02
C ASN A 346 0.97 -27.55 -1.71
N LEU A 347 1.52 -26.82 -0.74
CA LEU A 347 1.85 -27.38 0.56
C LEU A 347 0.82 -27.01 1.61
N ILE A 348 0.28 -28.00 2.29
CA ILE A 348 -0.68 -27.76 3.37
C ILE A 348 -0.01 -28.20 4.68
N PRO A 349 -0.64 -27.94 5.84
CA PRO A 349 -0.05 -28.45 7.09
C PRO A 349 0.24 -29.95 7.04
N LEU A 350 1.19 -30.38 7.87
CA LEU A 350 1.62 -31.78 7.89
C LEU A 350 0.77 -32.61 8.84
N ASP A 351 -0.12 -31.94 9.58
CA ASP A 351 -0.94 -32.63 10.58
C ASP A 351 -2.15 -31.80 10.98
N ALA A 352 -3.22 -32.48 11.39
CA ALA A 352 -4.38 -31.80 11.94
C ALA A 352 -4.01 -31.16 13.28
N PHE A 353 -2.97 -31.72 13.90
CA PHE A 353 -2.42 -31.18 15.13
C PHE A 353 -0.99 -30.70 14.89
N PRO A 354 -0.83 -29.43 14.53
CA PRO A 354 0.46 -28.90 14.07
C PRO A 354 1.59 -28.95 15.11
N ALA A 355 1.25 -28.92 16.39
CA ALA A 355 2.27 -28.85 17.45
C ALA A 355 3.07 -30.14 17.62
N ARG A 356 2.55 -31.27 17.12
CA ARG A 356 3.23 -32.54 17.32
C ARG A 356 4.10 -32.96 16.12
N VAL A 357 4.16 -32.11 15.09
CA VAL A 357 4.94 -32.42 13.90
C VAL A 357 6.43 -32.44 14.23
N THR A 358 7.09 -33.54 13.90
CA THR A 358 8.52 -33.69 14.18
C THR A 358 9.36 -33.01 13.10
N HIS A 359 10.63 -32.79 13.40
CA HIS A 359 11.55 -32.22 12.43
C HIS A 359 11.76 -33.17 11.23
N GLU A 360 11.82 -34.47 11.50
CA GLU A 360 12.02 -35.45 10.43
C GLU A 360 10.91 -35.39 9.39
N ARG A 361 9.67 -35.20 9.85
CA ARG A 361 8.55 -35.10 8.92
C ARG A 361 8.59 -33.80 8.11
N MET A 362 9.00 -32.71 8.75
CA MET A 362 9.18 -31.44 8.05
C MET A 362 10.22 -31.63 6.94
N ARG A 363 11.33 -32.26 7.30
CA ARG A 363 12.43 -32.45 6.37
C ARG A 363 12.10 -33.42 5.25
N SER A 364 11.46 -34.54 5.59
CA SER A 364 11.15 -35.55 4.57
C SER A 364 10.10 -35.01 3.60
N THR A 365 9.25 -34.10 4.08
CA THR A 365 8.26 -33.48 3.20
C THR A 365 8.93 -32.66 2.10
N LEU A 366 9.91 -31.84 2.48
CA LEU A 366 10.67 -31.04 1.52
C LEU A 366 11.57 -31.93 0.66
N GLN A 367 12.14 -32.97 1.27
CA GLN A 367 12.98 -33.90 0.53
C GLN A 367 12.18 -34.62 -0.56
N ASP A 368 10.92 -34.95 -0.24
CA ASP A 368 10.01 -35.53 -1.22
C ASP A 368 9.91 -34.64 -2.45
N ALA A 369 9.71 -33.35 -2.20
CA ALA A 369 9.58 -32.37 -3.26
C ALA A 369 10.85 -32.33 -4.11
N ARG A 370 11.99 -32.26 -3.44
CA ARG A 370 13.27 -32.24 -4.14
C ARG A 370 13.45 -33.50 -5.00
N ASP A 371 13.07 -34.65 -4.45
CA ASP A 371 13.25 -35.92 -5.12
C ASP A 371 12.41 -36.08 -6.38
N ALA A 372 11.28 -35.37 -6.43
CA ALA A 372 10.41 -35.40 -7.60
C ALA A 372 10.72 -34.23 -8.53
N ASN A 373 11.94 -33.71 -8.43
CA ASN A 373 12.42 -32.63 -9.30
C ASN A 373 11.66 -31.31 -9.19
N MET A 374 11.07 -31.05 -8.03
CA MET A 374 10.37 -29.78 -7.81
C MET A 374 11.36 -28.68 -7.47
N ASN A 375 10.99 -27.43 -7.77
CA ASN A 375 11.80 -26.28 -7.37
C ASN A 375 11.00 -25.24 -6.58
N MET A 376 9.71 -25.50 -6.39
CA MET A 376 8.86 -24.58 -5.65
C MET A 376 7.68 -25.27 -4.97
N LEU A 377 7.43 -24.92 -3.70
CA LEU A 377 6.18 -25.28 -3.02
C LEU A 377 5.43 -24.01 -2.63
N ARG A 378 4.12 -24.01 -2.83
CA ARG A 378 3.30 -22.92 -2.33
C ARG A 378 2.69 -23.29 -0.97
N MET A 379 3.07 -22.54 0.07
CA MET A 379 2.48 -22.75 1.38
C MET A 379 1.12 -22.04 1.42
N TRP A 380 0.10 -22.83 1.13
CA TRP A 380 -1.29 -22.39 0.95
C TRP A 380 -1.88 -21.70 2.19
N GLY A 381 -2.65 -20.65 1.95
CA GLY A 381 -3.11 -19.75 3.00
C GLY A 381 -4.15 -20.27 3.97
N GLY A 382 -4.65 -21.49 3.74
CA GLY A 382 -5.62 -22.05 4.65
C GLY A 382 -4.99 -22.79 5.82
N GLY A 383 -3.66 -22.83 5.86
CA GLY A 383 -2.95 -23.57 6.87
C GLY A 383 -2.36 -22.68 7.94
N HIS A 384 -1.07 -22.86 8.22
CA HIS A 384 -0.34 -22.05 9.19
C HIS A 384 1.09 -21.78 8.72
N TYR A 385 1.67 -20.68 9.18
CA TYR A 385 3.08 -20.40 8.92
C TYR A 385 3.92 -21.51 9.55
N GLN A 386 4.88 -22.04 8.78
CA GLN A 386 5.62 -23.21 9.21
C GLN A 386 6.67 -22.90 10.28
N ASP A 387 7.23 -23.97 10.83
CA ASP A 387 8.27 -23.90 11.84
C ASP A 387 9.52 -23.32 11.22
N ASP A 388 10.34 -22.66 12.03
CA ASP A 388 11.62 -22.12 11.55
C ASP A 388 12.43 -23.18 10.83
N TYR A 389 12.51 -24.36 11.44
CA TYR A 389 13.27 -25.49 10.89
C TYR A 389 12.86 -25.84 9.47
N PHE A 390 11.56 -25.81 9.19
CA PHE A 390 11.05 -26.10 7.86
C PHE A 390 11.68 -25.21 6.79
N TYR A 391 11.71 -23.91 7.04
CA TYR A 391 12.27 -22.97 6.08
C TYR A 391 13.79 -23.17 5.96
N ASP A 392 14.41 -23.57 7.06
CA ASP A 392 15.85 -23.89 7.06
C ASP A 392 16.15 -25.00 6.05
N VAL A 393 15.37 -26.06 6.09
CA VAL A 393 15.57 -27.18 5.16
C VAL A 393 15.30 -26.73 3.72
N ALA A 394 14.28 -25.89 3.53
CA ALA A 394 13.95 -25.38 2.21
C ALA A 394 15.13 -24.59 1.63
N ASP A 395 15.73 -23.74 2.46
CA ASP A 395 16.95 -23.03 2.09
C ASP A 395 18.02 -24.01 1.63
N GLU A 396 18.19 -25.07 2.41
CA GLU A 396 19.23 -26.06 2.19
C GLU A 396 19.02 -26.83 0.88
N LEU A 397 17.78 -27.22 0.63
CA LEU A 397 17.46 -28.06 -0.52
C LEU A 397 17.13 -27.26 -1.78
N GLY A 398 17.03 -25.95 -1.64
CA GLY A 398 16.75 -25.09 -2.78
C GLY A 398 15.32 -25.19 -3.27
N ILE A 399 14.39 -25.47 -2.35
CA ILE A 399 12.97 -25.45 -2.69
C ILE A 399 12.40 -24.06 -2.43
N MET A 400 12.05 -23.35 -3.50
CA MET A 400 11.47 -22.03 -3.36
C MET A 400 10.13 -22.10 -2.66
N ILE A 401 9.85 -21.10 -1.83
CA ILE A 401 8.57 -21.02 -1.14
C ILE A 401 7.76 -19.84 -1.62
N TRP A 402 6.59 -20.15 -2.17
CA TRP A 402 5.53 -19.18 -2.40
C TRP A 402 4.74 -19.11 -1.10
N GLN A 403 4.90 -18.02 -0.37
CA GLN A 403 4.33 -17.93 0.97
C GLN A 403 3.04 -17.11 1.01
N ASP A 404 1.89 -17.80 1.10
CA ASP A 404 0.62 -17.14 1.36
C ASP A 404 0.59 -16.62 2.79
N PHE A 405 -0.04 -15.47 3.02
CA PHE A 405 -0.46 -15.15 4.37
C PHE A 405 -1.67 -16.03 4.65
N MET A 406 -1.94 -16.30 5.92
CA MET A 406 -2.89 -17.36 6.22
C MET A 406 -4.36 -16.91 6.16
N PHE A 407 -4.80 -16.58 4.95
CA PHE A 407 -6.20 -16.38 4.63
C PHE A 407 -6.61 -17.39 3.56
N GLY A 408 -7.62 -18.20 3.85
CA GLY A 408 -7.92 -19.37 3.04
C GLY A 408 -9.00 -19.23 1.99
N GLY A 409 -9.69 -18.08 1.95
CA GLY A 409 -10.73 -17.89 0.96
C GLY A 409 -11.95 -17.16 1.50
N ALA A 410 -12.07 -17.15 2.82
CA ALA A 410 -13.17 -16.44 3.46
C ALA A 410 -13.06 -14.94 3.19
N VAL A 411 -14.21 -14.28 3.11
CA VAL A 411 -14.27 -12.83 2.98
C VAL A 411 -14.10 -12.18 4.35
N PRO A 412 -12.98 -11.46 4.56
CA PRO A 412 -12.69 -10.86 5.86
C PRO A 412 -13.61 -9.68 6.21
N PRO A 413 -13.81 -9.46 7.51
CA PRO A 413 -14.51 -8.26 7.99
C PRO A 413 -13.67 -7.01 7.72
N TYR A 414 -14.32 -5.85 7.62
CA TYR A 414 -13.59 -4.64 7.28
C TYR A 414 -13.32 -3.72 8.47
N ASP A 415 -13.57 -4.19 9.69
CA ASP A 415 -13.34 -3.35 10.86
C ASP A 415 -11.85 -3.08 11.04
N VAL A 416 -11.55 -1.90 11.56
CA VAL A 416 -10.17 -1.45 11.79
C VAL A 416 -9.41 -2.40 12.72
N GLU A 417 -10.13 -2.90 13.73
CA GLU A 417 -9.54 -3.76 14.75
C GLU A 417 -9.03 -5.07 14.16
N PHE A 418 -9.83 -5.68 13.28
CA PHE A 418 -9.40 -6.90 12.60
C PHE A 418 -8.19 -6.63 11.71
N ARG A 419 -8.24 -5.51 10.99
CA ARG A 419 -7.16 -5.12 10.09
C ARG A 419 -5.83 -4.95 10.85
N GLU A 420 -5.88 -4.24 11.97
CA GLU A 420 -4.67 -3.94 12.73
C GLU A 420 -4.12 -5.16 13.46
N ASN A 421 -5.01 -6.03 13.93
CA ASN A 421 -4.60 -7.30 14.50
C ASN A 421 -3.83 -8.11 13.45
N THR A 422 -4.38 -8.16 12.25
CA THR A 422 -3.78 -8.91 11.16
C THR A 422 -2.46 -8.28 10.71
N ARG A 423 -2.41 -6.94 10.72
CA ARG A 423 -1.19 -6.23 10.33
C ARG A 423 -0.01 -6.64 11.20
N GLN A 424 -0.25 -6.71 12.51
CA GLN A 424 0.81 -7.09 13.45
C GLN A 424 1.24 -8.54 13.24
N GLU A 425 0.29 -9.40 12.90
CA GLU A 425 0.59 -10.80 12.55
C GLU A 425 1.53 -10.84 11.34
N ALA A 426 1.21 -10.05 10.32
CA ALA A 426 2.00 -9.99 9.10
C ALA A 426 3.43 -9.50 9.36
N ILE A 427 3.54 -8.45 10.18
CA ILE A 427 4.83 -7.87 10.51
C ILE A 427 5.72 -8.91 11.19
N GLU A 428 5.13 -9.67 12.11
CA GLU A 428 5.90 -10.65 12.87
C GLU A 428 6.32 -11.84 12.02
N GLN A 429 5.44 -12.28 11.12
CA GLN A 429 5.78 -13.40 10.26
C GLN A 429 6.83 -13.00 9.21
N VAL A 430 6.67 -11.82 8.61
CA VAL A 430 7.62 -11.36 7.61
C VAL A 430 9.00 -11.13 8.25
N LYS A 431 9.01 -10.55 9.44
CA LYS A 431 10.26 -10.38 10.17
C LYS A 431 10.92 -11.72 10.50
N ARG A 432 10.10 -12.72 10.82
CA ARG A 432 10.63 -14.03 11.18
C ARG A 432 11.16 -14.81 9.96
N LEU A 433 10.53 -14.63 8.81
CA LEU A 433 10.82 -15.50 7.66
C LEU A 433 11.70 -14.88 6.57
N ARG A 434 11.92 -13.58 6.64
CA ARG A 434 12.54 -12.85 5.52
C ARG A 434 13.95 -13.28 5.15
N ASP A 435 14.77 -13.63 6.12
CA ASP A 435 16.17 -13.94 5.84
C ASP A 435 16.37 -15.33 5.22
N HIS A 436 15.27 -16.09 5.07
CA HIS A 436 15.34 -17.37 4.39
C HIS A 436 15.33 -17.14 2.88
N PRO A 437 16.44 -17.48 2.21
CA PRO A 437 16.55 -17.29 0.75
C PRO A 437 15.47 -18.04 -0.02
N SER A 438 14.96 -19.14 0.53
CA SER A 438 13.93 -19.91 -0.14
C SER A 438 12.61 -19.13 -0.27
N LEU A 439 12.37 -18.17 0.61
CA LEU A 439 11.15 -17.38 0.52
C LEU A 439 11.30 -16.29 -0.56
N VAL A 440 10.65 -16.52 -1.69
CA VAL A 440 10.86 -15.67 -2.86
C VAL A 440 9.61 -14.87 -3.24
N LEU A 441 8.47 -15.19 -2.63
CA LEU A 441 7.24 -14.50 -2.95
C LEU A 441 6.24 -14.51 -1.78
N TRP A 442 5.60 -13.37 -1.55
CA TRP A 442 4.52 -13.27 -0.56
C TRP A 442 3.16 -13.11 -1.26
N CYS A 443 2.14 -13.78 -0.75
CA CYS A 443 0.82 -13.71 -1.34
C CYS A 443 -0.24 -13.42 -0.28
N GLY A 444 -1.13 -12.48 -0.59
CA GLY A 444 -2.12 -12.02 0.37
C GLY A 444 -3.04 -13.11 0.89
N ASN A 445 -3.51 -13.97 -0.01
CA ASN A 445 -4.47 -15.01 0.36
C ASN A 445 -4.67 -16.06 -0.70
N ASN A 446 -5.45 -17.07 -0.34
CA ASN A 446 -5.91 -18.06 -1.31
C ASN A 446 -7.35 -17.79 -1.74
N ALA A 447 -7.51 -17.47 -3.03
CA ALA A 447 -8.80 -17.51 -3.72
C ALA A 447 -9.88 -16.52 -3.26
N VAL A 448 -9.51 -15.52 -2.45
CA VAL A 448 -10.52 -14.58 -1.97
C VAL A 448 -11.19 -13.80 -3.12
N GLN A 449 -10.40 -13.25 -4.03
CA GLN A 449 -10.97 -12.48 -5.13
C GLN A 449 -11.74 -13.36 -6.12
N THR A 450 -11.15 -14.50 -6.52
CA THR A 450 -11.82 -15.32 -7.53
C THR A 450 -13.09 -15.92 -6.95
N GLY A 451 -13.11 -16.13 -5.64
CA GLY A 451 -14.31 -16.59 -4.98
C GLY A 451 -15.36 -15.50 -5.02
N TRP A 452 -14.92 -14.29 -4.70
CA TRP A 452 -15.79 -13.14 -4.71
C TRP A 452 -16.41 -12.91 -6.10
N GLU A 453 -15.68 -13.31 -7.13
CA GLU A 453 -16.12 -13.04 -8.49
C GLU A 453 -16.78 -14.22 -9.17
N ASN A 454 -16.47 -15.44 -8.75
CA ASN A 454 -16.92 -16.60 -9.50
C ASN A 454 -17.70 -17.65 -8.72
N TRP A 455 -17.55 -17.68 -7.39
CA TRP A 455 -18.31 -18.65 -6.58
C TRP A 455 -19.74 -18.17 -6.37
N GLY A 456 -20.70 -19.04 -6.68
CA GLY A 456 -22.12 -18.72 -6.61
C GLY A 456 -22.57 -18.07 -5.31
N ASP A 457 -22.12 -18.62 -4.19
CA ASP A 457 -22.53 -18.09 -2.88
C ASP A 457 -22.01 -16.68 -2.64
N ARG A 458 -20.79 -16.38 -3.10
CA ARG A 458 -20.25 -15.04 -2.96
C ARG A 458 -21.02 -14.06 -3.84
N VAL A 459 -21.28 -14.47 -5.08
CA VAL A 459 -21.98 -13.61 -6.03
C VAL A 459 -23.37 -13.28 -5.48
N LYS A 460 -24.05 -14.27 -4.93
CA LYS A 460 -25.39 -14.05 -4.39
C LYS A 460 -25.33 -13.14 -3.17
N PHE A 461 -24.31 -13.33 -2.35
CA PHE A 461 -24.16 -12.54 -1.14
C PHE A 461 -23.94 -11.06 -1.45
N LYS A 462 -22.99 -10.79 -2.35
CA LYS A 462 -22.59 -9.42 -2.61
C LYS A 462 -23.69 -8.65 -3.33
N GLN A 463 -24.60 -9.37 -3.98
CA GLN A 463 -25.73 -8.73 -4.65
C GLN A 463 -26.95 -8.66 -3.75
N SER A 464 -26.88 -9.30 -2.58
CA SER A 464 -28.01 -9.28 -1.65
C SER A 464 -27.91 -8.10 -0.70
N VAL A 465 -26.68 -7.74 -0.32
CA VAL A 465 -26.49 -6.59 0.57
C VAL A 465 -26.66 -5.28 -0.20
N ASP A 466 -26.83 -4.18 0.55
CA ASP A 466 -26.86 -2.85 -0.04
C ASP A 466 -25.55 -2.55 -0.77
N PRO A 467 -25.64 -1.95 -1.97
CA PRO A 467 -24.44 -1.57 -2.73
C PRO A 467 -23.42 -0.76 -1.94
N GLU A 468 -23.85 0.08 -1.01
CA GLU A 468 -22.90 0.83 -0.18
C GLU A 468 -22.19 -0.11 0.79
N GLU A 469 -22.93 -1.12 1.28
CA GLU A 469 -22.33 -2.14 2.14
C GLU A 469 -21.38 -3.03 1.33
N ARG A 470 -21.75 -3.30 0.08
CA ARG A 470 -20.86 -4.04 -0.80
C ARG A 470 -19.54 -3.28 -1.00
N THR A 471 -19.65 -1.97 -1.21
CA THR A 471 -18.46 -1.14 -1.39
C THR A 471 -17.59 -1.16 -0.13
N ARG A 472 -18.22 -1.14 1.04
CA ARG A 472 -17.49 -1.21 2.32
C ARG A 472 -16.68 -2.49 2.44
N ILE A 473 -17.32 -3.61 2.12
CA ILE A 473 -16.68 -4.91 2.22
C ILE A 473 -15.53 -5.06 1.21
N GLU A 474 -15.75 -4.62 -0.01
CA GLU A 474 -14.71 -4.69 -1.03
C GLU A 474 -13.54 -3.77 -0.69
N ARG A 475 -13.86 -2.61 -0.11
CA ARG A 475 -12.83 -1.68 0.32
C ARG A 475 -11.99 -2.33 1.40
N GLY A 476 -12.64 -3.04 2.32
CA GLY A 476 -11.94 -3.76 3.37
C GLY A 476 -10.94 -4.76 2.84
N MET A 477 -11.37 -5.58 1.88
CA MET A 477 -10.50 -6.56 1.25
C MET A 477 -9.32 -5.94 0.50
N THR A 478 -9.61 -4.96 -0.32
CA THR A 478 -8.62 -4.31 -1.14
C THR A 478 -7.56 -3.64 -0.28
N THR A 479 -7.97 -3.12 0.87
CA THR A 479 -7.03 -2.50 1.78
C THR A 479 -6.14 -3.55 2.45
N LEU A 480 -6.76 -4.64 2.92
CA LEU A 480 -6.01 -5.68 3.63
C LEU A 480 -5.03 -6.39 2.72
N PHE A 481 -5.52 -6.82 1.56
CA PHE A 481 -4.74 -7.65 0.65
C PHE A 481 -3.95 -6.84 -0.38
N GLY A 482 -4.30 -5.57 -0.54
CA GLY A 482 -3.64 -4.73 -1.52
C GLY A 482 -2.73 -3.68 -0.91
N THR A 483 -3.05 -3.25 0.31
CA THR A 483 -2.27 -2.21 0.96
C THR A 483 -1.47 -2.72 2.15
N VAL A 484 -2.16 -3.28 3.14
CA VAL A 484 -1.52 -3.68 4.39
C VAL A 484 -0.41 -4.71 4.19
N PHE A 485 -0.77 -5.88 3.65
CA PHE A 485 0.22 -6.93 3.42
C PHE A 485 1.35 -6.47 2.50
N ARG A 486 1.01 -5.68 1.49
CA ARG A 486 2.00 -5.18 0.54
C ARG A 486 3.00 -4.23 1.20
N GLU A 487 2.49 -3.37 2.07
CA GLU A 487 3.34 -2.41 2.78
C GLU A 487 4.31 -3.12 3.73
N VAL A 488 3.79 -4.14 4.42
CA VAL A 488 4.60 -4.91 5.35
C VAL A 488 5.78 -5.56 4.63
N VAL A 489 5.49 -6.20 3.50
CA VAL A 489 6.54 -6.82 2.71
C VAL A 489 7.50 -5.76 2.15
N ALA A 490 6.95 -4.68 1.58
CA ALA A 490 7.77 -3.60 1.03
C ALA A 490 8.65 -2.95 2.11
N THR A 491 8.20 -3.00 3.36
CA THR A 491 8.94 -2.39 4.46
C THR A 491 9.98 -3.31 5.07
N TYR A 492 9.65 -4.58 5.25
CA TYR A 492 10.50 -5.47 6.03
C TYR A 492 11.22 -6.57 5.22
N ASP A 493 10.78 -6.80 3.99
CA ASP A 493 11.40 -7.81 3.13
C ASP A 493 11.32 -7.33 1.68
N SER A 494 11.94 -6.18 1.43
CA SER A 494 11.67 -5.40 0.23
C SER A 494 12.28 -5.92 -1.07
N ASP A 495 13.13 -6.94 -1.01
CA ASP A 495 13.74 -7.45 -2.23
C ASP A 495 12.92 -8.60 -2.86
N VAL A 496 11.82 -8.98 -2.22
CA VAL A 496 10.95 -10.01 -2.79
C VAL A 496 9.57 -9.43 -3.17
N PRO A 497 8.97 -9.96 -4.25
CA PRO A 497 7.70 -9.45 -4.75
C PRO A 497 6.51 -9.84 -3.88
N TYR A 498 5.44 -9.06 -3.97
CA TYR A 498 4.19 -9.36 -3.30
C TYR A 498 3.07 -9.58 -4.33
N TRP A 499 2.10 -10.42 -3.96
CA TRP A 499 1.01 -10.82 -4.84
C TRP A 499 -0.28 -10.77 -4.04
N ALA A 500 -1.24 -9.95 -4.49
CA ALA A 500 -2.44 -9.68 -3.68
C ALA A 500 -3.24 -10.94 -3.37
N THR A 501 -3.37 -11.83 -4.36
CA THR A 501 -4.22 -12.99 -4.18
C THR A 501 -3.93 -14.09 -5.22
N SER A 502 -4.03 -15.34 -4.79
CA SER A 502 -3.86 -16.46 -5.71
C SER A 502 -5.17 -17.22 -5.83
N PRO A 503 -5.75 -17.26 -7.04
CA PRO A 503 -5.23 -16.71 -8.29
C PRO A 503 -5.63 -15.26 -8.52
N GLY A 504 -4.89 -14.55 -9.36
CA GLY A 504 -5.24 -13.17 -9.64
C GLY A 504 -4.25 -12.42 -10.49
N THR A 505 -4.50 -11.12 -10.65
CA THR A 505 -3.63 -10.25 -11.41
C THR A 505 -3.17 -9.08 -10.53
N ASP A 506 -2.99 -9.36 -9.24
CA ASP A 506 -2.49 -8.39 -8.26
C ASP A 506 -3.38 -7.15 -8.21
N PHE A 507 -4.69 -7.39 -8.35
CA PHE A 507 -5.72 -6.36 -8.36
C PHE A 507 -5.66 -5.43 -9.58
N ASP A 508 -4.86 -5.78 -10.59
CA ASP A 508 -4.86 -5.01 -11.83
C ASP A 508 -6.21 -5.14 -12.52
N GLY A 509 -6.74 -6.37 -12.50
CA GLY A 509 -8.04 -6.63 -13.06
C GLY A 509 -8.70 -7.84 -12.41
N ALA A 510 -9.54 -8.53 -13.18
CA ALA A 510 -10.23 -9.70 -12.68
C ALA A 510 -9.24 -10.79 -12.30
N ALA A 511 -9.69 -11.72 -11.48
CA ALA A 511 -8.85 -12.82 -11.06
C ALA A 511 -9.02 -14.01 -11.99
N ASP A 512 -8.15 -14.99 -11.81
CA ASP A 512 -8.16 -16.23 -12.57
C ASP A 512 -8.33 -16.04 -14.08
N GLN A 513 -7.41 -15.32 -14.71
CA GLN A 513 -7.44 -15.13 -16.17
C GLN A 513 -6.41 -16.03 -16.83
N THR A 514 -6.53 -16.19 -18.15
CA THR A 514 -5.60 -17.06 -18.90
C THR A 514 -4.46 -16.29 -19.56
N ASN A 515 -4.59 -14.97 -19.66
CA ASN A 515 -3.61 -14.18 -20.37
C ASN A 515 -2.91 -13.13 -19.48
N ASP A 516 -3.03 -13.31 -18.17
CA ASP A 516 -2.45 -12.40 -17.18
C ASP A 516 -2.55 -13.02 -15.79
N GLY A 517 -1.47 -12.97 -15.02
CA GLY A 517 -1.50 -13.51 -13.67
C GLY A 517 -1.54 -15.03 -13.61
N ASP A 518 -1.96 -15.57 -12.47
CA ASP A 518 -2.00 -17.01 -12.25
C ASP A 518 -3.43 -17.56 -12.22
N MET A 519 -3.56 -18.88 -12.27
CA MET A 519 -4.87 -19.51 -12.37
C MET A 519 -5.00 -20.74 -11.46
N HIS A 520 -6.17 -20.90 -10.85
CA HIS A 520 -6.55 -22.15 -10.20
C HIS A 520 -7.59 -22.85 -11.09
N TYR A 521 -7.17 -23.86 -11.84
CA TYR A 521 -8.08 -24.52 -12.77
C TYR A 521 -8.71 -25.77 -12.16
N TRP A 522 -10.03 -25.73 -12.02
CA TRP A 522 -10.79 -26.79 -11.36
C TRP A 522 -12.04 -27.20 -12.14
N LYS A 523 -12.09 -26.92 -13.44
CA LYS A 523 -13.18 -27.43 -14.28
C LYS A 523 -12.93 -28.91 -14.55
N VAL A 524 -11.68 -29.33 -14.35
CA VAL A 524 -11.37 -30.74 -14.23
C VAL A 524 -11.34 -31.05 -12.73
N TRP A 525 -12.02 -32.16 -12.40
CA TRP A 525 -12.36 -32.62 -11.03
C TRP A 525 -13.56 -31.90 -10.45
N GLY A 526 -13.45 -30.58 -10.29
CA GLY A 526 -14.55 -29.80 -9.73
C GLY A 526 -15.52 -29.37 -10.79
N GLY A 527 -16.55 -28.63 -10.39
CA GLY A 527 -17.50 -28.07 -11.33
C GLY A 527 -18.12 -29.06 -12.30
N PRO A 528 -17.98 -28.80 -13.61
CA PRO A 528 -18.57 -29.64 -14.65
C PRO A 528 -17.89 -31.01 -14.78
N ALA A 529 -16.79 -31.18 -14.07
CA ALA A 529 -16.04 -32.45 -14.05
C ALA A 529 -15.68 -32.95 -15.45
N LEU A 530 -15.01 -32.10 -16.23
CA LEU A 530 -14.62 -32.43 -17.58
C LEU A 530 -13.57 -33.55 -17.59
N PRO A 531 -13.46 -34.28 -18.72
CA PRO A 531 -12.41 -35.31 -18.88
C PRO A 531 -11.00 -34.72 -18.76
N VAL A 532 -10.03 -35.55 -18.42
CA VAL A 532 -8.69 -35.03 -18.13
C VAL A 532 -8.01 -34.42 -19.37
N THR A 533 -8.44 -34.83 -20.56
CA THR A 533 -7.86 -34.27 -21.79
C THR A 533 -8.19 -32.80 -21.95
N GLU A 534 -9.16 -32.30 -21.18
CA GLU A 534 -9.50 -30.88 -21.21
C GLU A 534 -8.33 -30.03 -20.71
N TYR A 535 -7.45 -30.65 -19.94
CA TYR A 535 -6.21 -30.00 -19.49
C TYR A 535 -5.38 -29.49 -20.67
N LEU A 536 -5.50 -30.15 -21.82
CA LEU A 536 -4.73 -29.73 -23.00
C LEU A 536 -5.28 -28.45 -23.63
N ASN A 537 -6.47 -28.04 -23.20
CA ASN A 537 -7.14 -26.87 -23.79
C ASN A 537 -7.05 -25.61 -22.93
N VAL A 538 -6.41 -25.73 -21.77
CA VAL A 538 -6.28 -24.64 -20.81
C VAL A 538 -4.81 -24.28 -20.57
N THR A 539 -4.41 -23.07 -20.96
CA THR A 539 -2.99 -22.68 -20.88
C THR A 539 -2.81 -21.25 -20.34
N PRO A 540 -2.84 -21.09 -19.01
CA PRO A 540 -2.69 -19.78 -18.36
C PRO A 540 -1.22 -19.38 -18.31
N ARG A 541 -0.92 -18.15 -17.90
CA ARG A 541 0.46 -17.70 -17.85
C ARG A 541 1.19 -18.39 -16.70
N PHE A 542 0.43 -18.79 -15.68
CA PHE A 542 0.95 -19.50 -14.52
C PHE A 542 -0.19 -20.30 -13.89
N MET A 543 0.01 -21.60 -13.74
CA MET A 543 -1.01 -22.46 -13.14
C MET A 543 -0.62 -22.82 -11.71
N SER A 544 -1.26 -22.16 -10.74
CA SER A 544 -0.87 -22.31 -9.35
C SER A 544 -1.70 -23.36 -8.61
N GLU A 545 -2.81 -23.79 -9.22
CA GLU A 545 -3.63 -24.85 -8.65
C GLU A 545 -4.36 -25.68 -9.72
N TYR A 546 -4.34 -27.00 -9.54
CA TYR A 546 -5.12 -27.95 -10.33
C TYR A 546 -4.88 -29.33 -9.75
N GLY A 547 -5.85 -30.24 -9.89
CA GLY A 547 -5.61 -31.57 -9.36
C GLY A 547 -6.69 -32.62 -9.49
N LEU A 548 -6.30 -33.84 -9.10
CA LEU A 548 -7.20 -34.99 -9.12
C LEU A 548 -7.01 -35.76 -7.81
N GLN A 549 -8.09 -36.35 -7.32
CA GLN A 549 -8.09 -37.01 -6.02
C GLN A 549 -7.74 -38.50 -6.14
N SER A 550 -7.24 -39.07 -5.05
CA SER A 550 -6.95 -40.50 -4.98
C SER A 550 -6.85 -40.99 -3.54
N PHE A 551 -6.86 -42.30 -3.35
CA PHE A 551 -6.71 -42.87 -2.01
C PHE A 551 -5.24 -42.98 -1.60
N PRO A 552 -4.98 -42.99 -0.29
CA PRO A 552 -3.60 -43.16 0.20
C PRO A 552 -3.12 -44.60 0.01
N ASP A 553 -1.89 -44.86 0.44
CA ASP A 553 -1.30 -46.20 0.33
C ASP A 553 -2.11 -47.23 1.11
N MET A 554 -2.10 -48.47 0.64
CA MET A 554 -2.85 -49.54 1.29
C MET A 554 -2.47 -49.70 2.76
N ARG A 555 -1.18 -49.53 3.06
CA ARG A 555 -0.72 -49.55 4.44
C ARG A 555 -1.39 -48.45 5.25
N THR A 556 -1.58 -47.29 4.63
CA THR A 556 -2.23 -46.17 5.30
C THR A 556 -3.73 -46.43 5.47
N VAL A 557 -4.35 -47.07 4.49
CA VAL A 557 -5.75 -47.44 4.58
C VAL A 557 -5.96 -48.43 5.72
N ARG A 558 -5.10 -49.43 5.81
CA ARG A 558 -5.22 -50.42 6.89
C ARG A 558 -4.95 -49.79 8.25
N ALA A 559 -4.32 -48.62 8.25
CA ALA A 559 -3.99 -47.95 9.51
C ALA A 559 -5.21 -47.29 10.15
N PHE A 560 -6.17 -46.85 9.34
CA PHE A 560 -7.36 -46.20 9.88
C PHE A 560 -8.62 -47.01 9.66
N ALA A 561 -8.50 -48.14 8.97
CA ALA A 561 -9.69 -48.94 8.68
C ALA A 561 -9.51 -50.42 9.01
N GLU A 562 -10.61 -51.05 9.41
CA GLU A 562 -10.63 -52.48 9.66
C GLU A 562 -11.02 -53.22 8.37
N PRO A 563 -10.72 -54.53 8.29
CA PRO A 563 -11.08 -55.32 7.10
C PRO A 563 -12.57 -55.20 6.72
N GLY A 564 -13.44 -55.09 7.72
CA GLY A 564 -14.86 -54.92 7.45
C GLY A 564 -15.20 -53.54 6.93
N ASP A 565 -14.23 -52.62 6.92
CA ASP A 565 -14.46 -51.28 6.43
C ASP A 565 -14.06 -51.12 4.97
N MET A 566 -13.41 -52.13 4.41
CA MET A 566 -12.79 -52.00 3.09
C MET A 566 -13.78 -51.96 1.91
N ASP A 567 -14.47 -50.83 1.80
CA ASP A 567 -15.41 -50.56 0.74
C ASP A 567 -15.59 -49.06 0.65
N PRO A 568 -15.42 -48.48 -0.55
CA PRO A 568 -15.49 -47.02 -0.69
C PRO A 568 -16.76 -46.40 -0.13
N GLU A 569 -17.84 -47.19 -0.07
CA GLU A 569 -19.12 -46.69 0.40
C GLU A 569 -19.42 -46.99 1.86
N SER A 570 -18.50 -47.67 2.55
CA SER A 570 -18.66 -47.96 3.97
C SER A 570 -18.68 -46.66 4.78
N PRO A 571 -19.29 -46.68 5.98
CA PRO A 571 -19.30 -45.48 6.82
C PRO A 571 -17.90 -44.96 7.14
N VAL A 572 -16.97 -45.86 7.41
CA VAL A 572 -15.61 -45.46 7.71
C VAL A 572 -14.95 -44.78 6.52
N MET A 573 -15.10 -45.37 5.33
CA MET A 573 -14.47 -44.78 4.15
C MET A 573 -15.11 -43.44 3.78
N ARG A 574 -16.42 -43.29 4.02
CA ARG A 574 -17.05 -42.01 3.76
C ARG A 574 -16.54 -40.93 4.69
N VAL A 575 -16.27 -41.29 5.94
CA VAL A 575 -15.71 -40.37 6.92
C VAL A 575 -14.36 -39.84 6.41
N HIS A 576 -13.61 -40.70 5.73
CA HIS A 576 -12.28 -40.34 5.27
C HIS A 576 -12.27 -39.82 3.84
N GLN A 577 -13.47 -39.65 3.29
CA GLN A 577 -13.65 -38.95 2.02
C GLN A 577 -14.33 -37.62 2.33
N LYS A 578 -13.61 -36.52 2.22
CA LYS A 578 -14.15 -35.24 2.67
C LYS A 578 -14.64 -34.33 1.53
N PHE A 579 -14.43 -34.72 0.28
CA PHE A 579 -14.89 -33.89 -0.82
C PHE A 579 -16.40 -33.92 -0.95
N ASP A 580 -16.98 -32.75 -1.26
CA ASP A 580 -18.43 -32.63 -1.54
C ASP A 580 -19.29 -33.22 -0.42
N LYS A 581 -18.99 -32.81 0.81
CA LYS A 581 -19.76 -33.21 2.00
C LYS A 581 -19.95 -34.72 2.11
N GLY A 582 -18.87 -35.48 1.93
CA GLY A 582 -18.92 -36.91 2.12
C GLY A 582 -19.37 -37.71 0.91
N ASN A 583 -19.87 -37.03 -0.11
CA ASN A 583 -20.34 -37.71 -1.33
C ASN A 583 -19.28 -37.72 -2.42
N GLY A 584 -18.02 -37.54 -2.02
CA GLY A 584 -16.91 -37.42 -2.94
C GLY A 584 -16.61 -38.67 -3.74
N ASN A 585 -16.98 -39.84 -3.20
CA ASN A 585 -16.66 -41.10 -3.87
C ASN A 585 -17.33 -41.17 -5.24
N LYS A 586 -18.42 -40.45 -5.43
CA LYS A 586 -19.07 -40.41 -6.73
C LYS A 586 -18.18 -39.70 -7.76
N ARG A 587 -17.59 -38.57 -7.36
CA ARG A 587 -16.72 -37.83 -8.26
C ARG A 587 -15.46 -38.63 -8.56
N LEU A 588 -14.93 -39.29 -7.54
CA LEU A 588 -13.75 -40.12 -7.71
C LEU A 588 -14.02 -41.29 -8.66
N MET A 589 -15.17 -41.94 -8.48
CA MET A 589 -15.53 -43.09 -9.32
C MET A 589 -15.85 -42.67 -10.74
N LEU A 590 -16.37 -41.45 -10.90
CA LEU A 590 -16.64 -40.92 -12.23
C LEU A 590 -15.37 -40.91 -13.07
N TYR A 591 -14.30 -40.35 -12.51
CA TYR A 591 -13.04 -40.28 -13.24
C TYR A 591 -12.38 -41.63 -13.39
N ILE A 592 -12.51 -42.48 -12.37
CA ILE A 592 -11.91 -43.81 -12.42
C ILE A 592 -12.57 -44.66 -13.51
N ARG A 593 -13.89 -44.66 -13.53
CA ARG A 593 -14.64 -45.47 -14.47
C ARG A 593 -14.38 -45.04 -15.91
N ARG A 594 -14.20 -43.74 -16.12
CA ARG A 594 -13.93 -43.21 -17.45
C ARG A 594 -12.74 -43.87 -18.13
N GLU A 595 -11.69 -44.12 -17.34
CA GLU A 595 -10.46 -44.68 -17.89
C GLU A 595 -10.35 -46.18 -17.69
N PHE A 596 -10.77 -46.67 -16.54
CA PHE A 596 -10.53 -48.06 -16.15
C PHE A 596 -11.79 -48.90 -15.92
N GLY A 597 -12.96 -48.28 -16.02
CA GLY A 597 -14.20 -48.98 -15.73
C GLY A 597 -14.35 -49.26 -14.25
N GLU A 598 -14.99 -50.37 -13.91
CA GLU A 598 -15.28 -50.71 -12.52
C GLU A 598 -14.19 -51.56 -11.88
N PRO A 599 -13.59 -51.07 -10.79
CA PRO A 599 -12.56 -51.80 -10.05
C PRO A 599 -13.09 -53.12 -9.49
N LYS A 600 -12.31 -54.19 -9.59
CA LYS A 600 -12.80 -55.54 -9.25
C LYS A 600 -12.73 -55.84 -7.77
N ASP A 601 -11.88 -55.12 -7.04
CA ASP A 601 -11.78 -55.26 -5.59
C ASP A 601 -11.22 -53.98 -4.99
N PHE A 602 -11.20 -53.88 -3.65
CA PHE A 602 -10.81 -52.64 -2.99
C PHE A 602 -9.36 -52.23 -3.30
N GLU A 603 -8.46 -53.21 -3.28
CA GLU A 603 -7.06 -52.94 -3.58
C GLU A 603 -6.87 -52.42 -5.00
N SER A 604 -7.68 -52.93 -5.93
CA SER A 604 -7.67 -52.45 -7.31
C SER A 604 -8.26 -51.05 -7.38
N PHE A 605 -9.30 -50.79 -6.57
CA PHE A 605 -9.89 -49.47 -6.49
C PHE A 605 -8.84 -48.42 -6.07
N VAL A 606 -8.06 -48.75 -5.05
CA VAL A 606 -7.02 -47.84 -4.57
C VAL A 606 -5.96 -47.59 -5.63
N TYR A 607 -5.45 -48.67 -6.21
CA TYR A 607 -4.45 -48.61 -7.25
C TYR A 607 -4.92 -47.78 -8.45
N LEU A 608 -6.14 -48.04 -8.90
CA LEU A 608 -6.67 -47.34 -10.07
C LEU A 608 -6.97 -45.88 -9.74
N SER A 609 -7.33 -45.59 -8.50
CA SER A 609 -7.55 -44.20 -8.10
C SER A 609 -6.23 -43.45 -8.25
N GLN A 610 -5.13 -44.09 -7.85
CA GLN A 610 -3.80 -43.46 -7.96
C GLN A 610 -3.33 -43.35 -9.41
N LEU A 611 -3.67 -44.32 -10.25
CA LEU A 611 -3.30 -44.26 -11.67
C LEU A 611 -4.05 -43.15 -12.37
N MET A 612 -5.35 -43.05 -12.08
CA MET A 612 -6.20 -42.01 -12.63
C MET A 612 -5.61 -40.64 -12.32
N GLN A 613 -5.28 -40.42 -11.07
CA GLN A 613 -4.69 -39.16 -10.64
C GLN A 613 -3.36 -38.92 -11.32
N ALA A 614 -2.47 -39.92 -11.24
CA ALA A 614 -1.12 -39.82 -11.79
C ALA A 614 -1.11 -39.48 -13.28
N GLU A 615 -1.86 -40.23 -14.06
CA GLU A 615 -1.88 -40.04 -15.51
C GLU A 615 -2.55 -38.71 -15.88
N GLY A 616 -3.55 -38.33 -15.11
CA GLY A 616 -4.25 -37.08 -15.35
C GLY A 616 -3.38 -35.85 -15.12
N ILE A 617 -2.68 -35.84 -13.99
CA ILE A 617 -1.80 -34.72 -13.67
C ILE A 617 -0.61 -34.70 -14.63
N ASN A 618 -0.17 -35.89 -15.04
CA ASN A 618 0.93 -35.99 -16.02
C ASN A 618 0.60 -35.26 -17.31
N ILE A 619 -0.64 -35.41 -17.77
CA ILE A 619 -1.09 -34.69 -18.96
C ILE A 619 -0.96 -33.18 -18.80
N ALA A 620 -1.49 -32.66 -17.71
CA ALA A 620 -1.54 -31.21 -17.50
C ALA A 620 -0.16 -30.61 -17.31
N ALA A 621 0.64 -31.19 -16.42
CA ALA A 621 1.98 -30.67 -16.14
C ALA A 621 2.85 -30.70 -17.38
N SER A 622 2.75 -31.79 -18.14
CA SER A 622 3.53 -31.91 -19.36
C SER A 622 3.09 -30.86 -20.36
N HIS A 623 1.78 -30.64 -20.43
CA HIS A 623 1.23 -29.66 -21.34
C HIS A 623 1.70 -28.27 -20.96
N LEU A 624 1.64 -27.97 -19.67
CA LEU A 624 2.08 -26.65 -19.19
C LEU A 624 3.56 -26.41 -19.47
N ARG A 625 4.41 -27.38 -19.18
CA ARG A 625 5.84 -27.23 -19.43
C ARG A 625 6.13 -27.08 -20.92
N ALA A 626 5.40 -27.82 -21.75
CA ALA A 626 5.63 -27.82 -23.18
C ALA A 626 5.16 -26.54 -23.84
N SER A 627 4.34 -25.77 -23.12
CA SER A 627 3.74 -24.56 -23.68
C SER A 627 4.62 -23.34 -23.48
N ARG A 628 5.68 -23.49 -22.69
CA ARG A 628 6.62 -22.39 -22.43
C ARG A 628 7.04 -21.70 -23.74
N PRO A 629 7.04 -20.35 -23.77
CA PRO A 629 6.80 -19.42 -22.66
C PRO A 629 5.35 -18.98 -22.41
N GLN A 630 4.36 -19.61 -23.02
CA GLN A 630 2.98 -19.23 -22.73
C GLN A 630 2.69 -19.41 -21.24
N SER A 631 2.95 -20.62 -20.72
CA SER A 631 2.85 -20.82 -19.29
C SER A 631 4.26 -20.86 -18.68
N MET A 632 4.34 -20.52 -17.39
CA MET A 632 5.61 -20.50 -16.67
C MET A 632 5.48 -21.04 -15.24
N GLY A 633 4.41 -21.79 -14.98
CA GLY A 633 4.20 -22.35 -13.65
C GLY A 633 3.27 -23.53 -13.59
N SER A 634 3.68 -24.53 -12.81
CA SER A 634 2.86 -25.71 -12.54
C SER A 634 2.99 -26.11 -11.08
N LEU A 635 2.00 -25.73 -10.28
CA LEU A 635 1.91 -26.15 -8.89
C LEU A 635 0.61 -26.91 -8.74
N TYR A 636 0.68 -28.24 -8.73
CA TYR A 636 -0.56 -29.00 -8.64
C TYR A 636 -1.07 -29.07 -7.21
N TRP A 637 -2.38 -29.24 -7.09
CA TRP A 637 -3.00 -29.50 -5.80
C TRP A 637 -3.17 -31.00 -5.67
N GLN A 638 -2.58 -31.64 -4.65
CA GLN A 638 -1.75 -31.02 -3.63
C GLN A 638 -0.51 -31.90 -3.37
N LEU A 639 0.40 -31.43 -2.52
CA LEU A 639 1.59 -32.24 -2.21
C LEU A 639 1.32 -33.28 -1.12
N ASN A 640 0.78 -32.82 -0.01
CA ASN A 640 0.78 -33.63 1.21
C ASN A 640 -0.56 -33.74 1.92
N ASP A 641 -0.58 -34.45 3.05
CA ASP A 641 -1.80 -34.71 3.80
C ASP A 641 -1.68 -34.33 5.27
N VAL A 642 -2.81 -34.00 5.89
CA VAL A 642 -2.86 -33.69 7.31
C VAL A 642 -3.28 -34.92 8.11
N TRP A 643 -3.77 -35.94 7.41
CA TRP A 643 -4.47 -37.02 8.06
C TRP A 643 -4.58 -38.19 7.08
N PRO A 644 -4.71 -39.43 7.58
CA PRO A 644 -4.94 -40.51 6.61
C PRO A 644 -6.33 -40.41 5.98
N GLY A 645 -6.38 -40.38 4.65
CA GLY A 645 -7.64 -40.30 3.96
C GLY A 645 -7.48 -39.92 2.49
N ALA A 646 -8.61 -39.79 1.80
CA ALA A 646 -8.61 -39.45 0.39
C ALA A 646 -8.27 -37.97 0.18
N SER A 647 -7.44 -37.69 -0.81
CA SER A 647 -7.07 -36.32 -1.11
C SER A 647 -6.39 -36.21 -2.46
N TRP A 648 -5.98 -35.00 -2.81
CA TRP A 648 -5.30 -34.74 -4.07
C TRP A 648 -3.79 -34.84 -3.93
N SER A 649 -3.34 -35.39 -2.80
CA SER A 649 -1.91 -35.44 -2.51
C SER A 649 -1.18 -36.46 -3.36
N SER A 650 0.14 -36.32 -3.45
CA SER A 650 1.00 -37.29 -4.10
C SER A 650 1.78 -38.07 -3.05
N VAL A 651 1.72 -37.58 -1.81
CA VAL A 651 2.34 -38.25 -0.66
C VAL A 651 1.35 -38.28 0.50
N ASP A 652 1.07 -39.47 1.05
CA ASP A 652 0.03 -39.53 2.07
C ASP A 652 0.57 -39.14 3.44
N TYR A 653 -0.30 -39.18 4.45
CA TYR A 653 0.01 -38.67 5.78
C TYR A 653 1.25 -39.31 6.41
N TYR A 654 1.53 -40.54 6.04
CA TYR A 654 2.65 -41.27 6.64
C TYR A 654 3.91 -41.19 5.79
N GLY A 655 3.92 -40.28 4.81
CA GLY A 655 5.10 -40.05 3.99
C GLY A 655 5.26 -41.03 2.84
N ARG A 656 4.21 -41.79 2.57
CA ARG A 656 4.26 -42.82 1.53
C ARG A 656 3.89 -42.25 0.16
N TRP A 657 4.73 -42.53 -0.84
CA TRP A 657 4.50 -42.00 -2.18
C TRP A 657 3.34 -42.69 -2.88
N LYS A 658 2.49 -41.90 -3.51
CA LYS A 658 1.48 -42.41 -4.42
C LYS A 658 2.10 -42.55 -5.80
N ALA A 659 1.37 -43.17 -6.73
CA ALA A 659 1.84 -43.29 -8.11
C ALA A 659 2.13 -41.91 -8.69
N LEU A 660 1.35 -40.91 -8.28
CA LEU A 660 1.53 -39.55 -8.80
C LEU A 660 2.91 -39.01 -8.53
N HIS A 661 3.42 -39.22 -7.32
CA HIS A 661 4.72 -38.65 -6.97
C HIS A 661 5.82 -39.26 -7.82
N TYR A 662 5.79 -40.58 -7.99
CA TYR A 662 6.73 -41.23 -8.90
C TYR A 662 6.60 -40.71 -10.33
N HIS A 663 5.37 -40.45 -10.78
CA HIS A 663 5.16 -39.88 -12.10
C HIS A 663 5.69 -38.46 -12.15
N ALA A 664 5.56 -37.74 -11.04
CA ALA A 664 5.99 -36.34 -10.95
C ALA A 664 7.48 -36.19 -11.17
N ARG A 665 8.26 -37.15 -10.67
CA ARG A 665 9.70 -37.12 -10.90
C ARG A 665 9.97 -37.10 -12.40
N ARG A 666 9.13 -37.77 -13.16
CA ARG A 666 9.32 -37.88 -14.60
C ARG A 666 8.86 -36.63 -15.33
N PHE A 667 7.65 -36.14 -15.08
CA PHE A 667 7.19 -35.02 -15.89
C PHE A 667 7.77 -33.68 -15.44
N TYR A 668 8.47 -33.65 -14.31
CA TYR A 668 9.19 -32.46 -13.88
C TYR A 668 10.70 -32.59 -14.14
N ALA A 669 11.10 -33.64 -14.84
CA ALA A 669 12.52 -33.87 -15.12
C ALA A 669 13.09 -32.67 -15.89
N PRO A 670 14.34 -32.29 -15.58
CA PRO A 670 14.98 -31.13 -16.22
C PRO A 670 14.91 -31.19 -17.74
N GLU A 671 15.17 -32.36 -18.32
CA GLU A 671 14.90 -32.60 -19.74
C GLU A 671 13.78 -33.63 -19.85
N MET A 672 12.73 -33.30 -20.59
CA MET A 672 11.56 -34.15 -20.68
C MET A 672 10.99 -34.16 -22.10
N ILE A 673 10.50 -35.31 -22.54
CA ILE A 673 9.78 -35.37 -23.80
C ILE A 673 8.29 -35.43 -23.49
N ALA A 674 7.53 -34.55 -24.14
CA ALA A 674 6.07 -34.54 -23.97
C ALA A 674 5.39 -35.03 -25.24
N ALA A 675 4.60 -36.09 -25.12
CA ALA A 675 3.84 -36.59 -26.25
C ALA A 675 2.38 -36.67 -25.84
N LEU A 676 1.60 -35.66 -26.22
CA LEU A 676 0.24 -35.53 -25.74
C LEU A 676 -0.78 -35.65 -26.85
N ARG A 677 -1.70 -36.58 -26.67
CA ARG A 677 -2.76 -36.83 -27.63
C ARG A 677 -4.05 -36.18 -27.15
N ASN A 678 -4.61 -35.27 -27.95
CA ASN A 678 -5.83 -34.57 -27.56
C ASN A 678 -7.08 -35.34 -27.94
N ASP A 679 -8.25 -34.75 -27.68
CA ASP A 679 -9.53 -35.41 -27.92
C ASP A 679 -9.91 -35.42 -29.41
N LYS A 680 -9.04 -34.92 -30.27
CA LYS A 680 -9.30 -34.95 -31.71
C LYS A 680 -8.31 -35.87 -32.43
N GLY A 681 -7.61 -36.70 -31.67
CA GLY A 681 -6.69 -37.66 -32.27
C GLY A 681 -5.42 -37.04 -32.82
N GLN A 682 -4.96 -35.98 -32.18
CA GLN A 682 -3.71 -35.34 -32.59
C GLN A 682 -2.69 -35.42 -31.47
N THR A 683 -1.54 -36.03 -31.76
CA THR A 683 -0.48 -36.19 -30.77
C THR A 683 0.63 -35.19 -31.01
N GLU A 684 0.75 -34.21 -30.13
CA GLU A 684 1.78 -33.19 -30.25
C GLU A 684 3.01 -33.60 -29.44
N VAL A 685 4.18 -33.55 -30.08
CA VAL A 685 5.42 -33.95 -29.43
C VAL A 685 6.31 -32.75 -29.17
N SER A 686 6.74 -32.57 -27.92
CA SER A 686 7.60 -31.44 -27.56
C SER A 686 8.81 -31.91 -26.76
N LEU A 687 9.93 -31.23 -26.96
CA LEU A 687 11.12 -31.49 -26.17
C LEU A 687 11.32 -30.34 -25.19
N VAL A 688 11.26 -30.62 -23.90
CA VAL A 688 11.41 -29.58 -22.89
C VAL A 688 12.77 -29.65 -22.21
N SER A 689 13.46 -28.51 -22.13
CA SER A 689 14.76 -28.45 -21.46
C SER A 689 14.87 -27.27 -20.51
N ASP A 690 15.21 -27.57 -19.25
CA ASP A 690 15.44 -26.54 -18.24
C ASP A 690 16.93 -26.20 -18.12
N ARG A 691 17.73 -26.68 -19.07
CA ARG A 691 19.16 -26.37 -19.09
C ARG A 691 19.39 -24.88 -19.39
N THR A 692 20.51 -24.36 -18.89
CA THR A 692 20.91 -22.99 -19.18
C THR A 692 21.86 -22.99 -20.38
N THR A 693 22.04 -24.15 -20.98
CA THR A 693 22.85 -24.31 -22.18
C THR A 693 22.01 -25.01 -23.24
N PRO A 694 22.43 -24.94 -24.51
CA PRO A 694 21.64 -25.64 -25.54
C PRO A 694 21.76 -27.16 -25.43
N LEU A 695 20.66 -27.83 -25.74
CA LEU A 695 20.64 -29.28 -25.76
C LEU A 695 20.61 -29.80 -27.19
N THR A 696 21.71 -30.38 -27.64
CA THR A 696 21.73 -31.02 -28.94
C THR A 696 21.23 -32.45 -28.78
N ALA A 697 20.00 -32.69 -29.17
CA ALA A 697 19.32 -33.92 -28.79
C ALA A 697 18.90 -34.80 -29.96
N ARG A 698 18.53 -36.02 -29.62
CA ARG A 698 17.93 -36.97 -30.52
C ARG A 698 16.63 -37.46 -29.91
N TRP A 699 15.57 -37.58 -30.70
CA TRP A 699 14.33 -38.12 -30.16
C TRP A 699 13.77 -39.23 -31.05
N ARG A 700 13.16 -40.22 -30.42
CA ARG A 700 12.66 -41.39 -31.12
C ARG A 700 11.15 -41.56 -30.98
N MET A 701 10.56 -42.23 -31.96
CA MET A 701 9.15 -42.55 -31.95
C MET A 701 8.94 -43.92 -32.57
N ARG A 702 8.43 -44.86 -31.78
CA ARG A 702 8.24 -46.23 -32.23
C ARG A 702 6.79 -46.64 -32.02
N VAL A 703 6.14 -47.11 -33.08
CA VAL A 703 4.75 -47.53 -32.97
C VAL A 703 4.68 -49.05 -32.85
N MET A 704 4.10 -49.52 -31.74
CA MET A 704 4.15 -50.94 -31.40
C MET A 704 2.79 -51.62 -31.36
N GLY A 705 2.74 -52.88 -31.79
CA GLY A 705 1.57 -53.71 -31.60
C GLY A 705 1.64 -54.32 -30.20
N MET A 706 0.50 -54.75 -29.66
CA MET A 706 0.47 -55.33 -28.32
C MET A 706 1.03 -56.74 -28.31
N ASP A 707 1.25 -57.32 -29.48
CA ASP A 707 1.90 -58.62 -29.59
C ASP A 707 3.43 -58.54 -29.75
N GLY A 708 3.99 -57.34 -29.64
CA GLY A 708 5.43 -57.20 -29.65
C GLY A 708 6.01 -56.77 -30.97
N LYS A 709 5.27 -57.00 -32.04
CA LYS A 709 5.69 -56.58 -33.39
C LYS A 709 5.83 -55.07 -33.50
N VAL A 710 6.90 -54.61 -34.16
CA VAL A 710 7.11 -53.19 -34.45
C VAL A 710 6.37 -52.76 -35.70
N LEU A 711 5.59 -51.68 -35.60
CA LEU A 711 4.86 -51.15 -36.75
C LEU A 711 5.67 -50.09 -37.49
N SER A 712 6.36 -49.23 -36.75
CA SER A 712 7.19 -48.20 -37.36
C SER A 712 8.19 -47.64 -36.34
N LYS A 713 9.33 -47.16 -36.84
CA LYS A 713 10.35 -46.56 -35.98
C LYS A 713 10.96 -45.36 -36.68
N ARG A 714 11.22 -44.32 -35.88
CA ARG A 714 11.67 -43.04 -36.40
C ARG A 714 12.63 -42.35 -35.43
N GLU A 715 13.70 -41.74 -35.95
CA GLU A 715 14.61 -40.96 -35.12
C GLU A 715 14.97 -39.67 -35.84
N GLU A 716 14.87 -38.56 -35.12
CA GLU A 716 15.17 -37.26 -35.71
C GLU A 716 16.04 -36.44 -34.76
N LYS A 717 16.84 -35.55 -35.34
CA LYS A 717 17.71 -34.67 -34.57
C LYS A 717 16.98 -33.38 -34.22
N ALA A 718 17.37 -32.77 -33.11
CA ALA A 718 16.80 -31.50 -32.70
C ALA A 718 17.76 -30.73 -31.80
N SER A 719 17.88 -29.43 -32.05
CA SER A 719 18.67 -28.54 -31.21
C SER A 719 17.72 -27.73 -30.34
N VAL A 720 17.63 -28.09 -29.07
CA VAL A 720 16.72 -27.43 -28.16
C VAL A 720 17.42 -26.29 -27.43
N ASN A 721 16.91 -25.08 -27.60
CA ASN A 721 17.48 -23.90 -26.96
C ASN A 721 17.47 -24.03 -25.44
N ALA A 722 18.35 -23.28 -24.78
CA ALA A 722 18.36 -23.24 -23.33
C ALA A 722 17.03 -22.68 -22.83
N LEU A 723 16.54 -23.24 -21.73
CA LEU A 723 15.33 -22.74 -21.07
C LEU A 723 14.14 -22.63 -22.02
N SER A 724 13.84 -23.69 -22.75
CA SER A 724 12.75 -23.62 -23.71
C SER A 724 12.03 -24.95 -23.91
N SER A 725 10.96 -24.88 -24.68
CA SER A 725 10.24 -26.03 -25.17
C SER A 725 10.19 -25.94 -26.68
N GLN A 726 10.45 -27.05 -27.36
CA GLN A 726 10.43 -27.06 -28.82
C GLN A 726 9.51 -28.15 -29.37
N HIS A 727 8.53 -27.74 -30.17
CA HIS A 727 7.63 -28.69 -30.82
C HIS A 727 8.34 -29.36 -31.99
N VAL A 728 8.42 -30.69 -31.97
CA VAL A 728 9.11 -31.38 -33.05
C VAL A 728 8.17 -32.31 -33.83
N GLY A 729 6.93 -32.41 -33.36
CA GLY A 729 5.99 -33.30 -33.99
C GLY A 729 4.52 -33.03 -33.70
N ASN A 730 3.66 -33.36 -34.65
CA ASN A 730 2.22 -33.28 -34.41
C ASN A 730 1.53 -34.26 -35.36
N PHE A 731 1.23 -35.45 -34.83
CA PHE A 731 0.77 -36.55 -35.65
C PHE A 731 -0.69 -36.94 -35.38
N SER A 732 -1.43 -37.12 -36.46
CA SER A 732 -2.79 -37.63 -36.38
C SER A 732 -2.76 -39.13 -36.08
N ASP A 733 -3.87 -39.68 -35.60
CA ASP A 733 -3.97 -41.11 -35.37
C ASP A 733 -3.69 -41.89 -36.64
N LYS A 734 -4.15 -41.38 -37.77
CA LYS A 734 -3.97 -42.05 -39.06
C LYS A 734 -2.50 -42.15 -39.44
N GLN A 735 -1.75 -41.06 -39.24
CA GLN A 735 -0.33 -41.05 -39.54
C GLN A 735 0.44 -42.03 -38.64
N LEU A 736 -0.04 -42.21 -37.42
CA LEU A 736 0.61 -43.09 -36.46
C LEU A 736 0.14 -44.55 -36.58
N LEU A 737 -1.17 -44.74 -36.68
CA LEU A 737 -1.75 -46.08 -36.66
C LEU A 737 -1.89 -46.69 -38.05
N GLY A 738 -2.53 -45.95 -38.96
CA GLY A 738 -2.76 -46.42 -40.31
C GLY A 738 -3.50 -47.75 -40.36
N SER A 739 -4.80 -47.70 -40.11
CA SER A 739 -5.71 -48.86 -40.14
C SER A 739 -5.43 -49.89 -39.04
N ALA A 740 -4.34 -49.72 -38.29
CA ALA A 740 -4.07 -50.58 -37.15
C ALA A 740 -5.09 -50.30 -36.05
N ASP A 741 -5.33 -51.32 -35.24
CA ASP A 741 -6.32 -51.22 -34.17
C ASP A 741 -5.78 -50.36 -33.02
N PRO A 742 -6.43 -49.22 -32.74
CA PRO A 742 -6.04 -48.35 -31.63
C PRO A 742 -6.15 -49.06 -30.28
N LYS A 743 -6.96 -50.09 -30.21
CA LYS A 743 -7.08 -50.87 -28.98
C LYS A 743 -5.94 -51.87 -28.84
N ARG A 744 -5.15 -52.04 -29.89
CA ARG A 744 -4.11 -53.06 -29.90
C ARG A 744 -2.75 -52.48 -30.29
N THR A 745 -2.62 -51.15 -30.20
CA THR A 745 -1.42 -50.46 -30.64
C THR A 745 -1.01 -49.38 -29.64
N TYR A 746 0.29 -49.12 -29.51
CA TYR A 746 0.77 -48.01 -28.68
C TYR A 746 2.05 -47.39 -29.27
N ALA A 747 2.46 -46.25 -28.73
CA ALA A 747 3.62 -45.53 -29.25
C ALA A 747 4.60 -45.20 -28.13
N VAL A 748 5.89 -45.32 -28.44
CA VAL A 748 6.95 -45.05 -27.48
C VAL A 748 7.80 -43.86 -27.92
N PHE A 749 7.84 -42.82 -27.08
CA PHE A 749 8.60 -41.62 -27.39
C PHE A 749 9.81 -41.48 -26.45
N GLU A 750 10.96 -41.16 -27.01
CA GLU A 750 12.17 -41.07 -26.19
C GLU A 750 13.00 -39.83 -26.53
N LEU A 751 13.57 -39.21 -25.50
CA LEU A 751 14.48 -38.09 -25.69
C LEU A 751 15.87 -38.49 -25.22
N LEU A 752 16.87 -38.28 -26.06
CA LEU A 752 18.22 -38.71 -25.78
C LEU A 752 19.25 -37.60 -25.93
N ASP A 753 20.29 -37.67 -25.11
CA ASP A 753 21.49 -36.84 -25.24
C ASP A 753 22.68 -37.76 -25.47
N GLY A 754 23.06 -37.90 -26.74
CA GLY A 754 24.09 -38.86 -27.11
C GLY A 754 23.53 -40.25 -26.94
N ASP A 755 24.15 -41.04 -26.08
CA ASP A 755 23.70 -42.41 -25.85
C ASP A 755 22.89 -42.48 -24.57
N THR A 756 22.70 -41.34 -23.93
CA THR A 756 21.97 -41.28 -22.67
C THR A 756 20.48 -41.00 -22.87
N LEU A 757 19.65 -41.93 -22.46
CA LEU A 757 18.20 -41.73 -22.48
C LEU A 757 17.81 -40.78 -21.35
N LEU A 758 17.15 -39.68 -21.68
CA LEU A 758 16.82 -38.67 -20.67
C LEU A 758 15.36 -38.74 -20.20
N SER A 759 14.46 -39.11 -21.09
CA SER A 759 13.04 -39.11 -20.75
C SER A 759 12.25 -40.01 -21.70
N ARG A 760 11.17 -40.59 -21.20
CA ARG A 760 10.35 -41.49 -21.99
C ARG A 760 8.87 -41.30 -21.69
N GLU A 761 8.05 -41.39 -22.74
CA GLU A 761 6.60 -41.37 -22.62
C GLU A 761 5.95 -42.43 -23.49
N VAL A 762 5.02 -43.18 -22.90
CA VAL A 762 4.27 -44.20 -23.64
C VAL A 762 2.85 -43.73 -23.89
N VAL A 763 2.47 -43.65 -25.16
CA VAL A 763 1.18 -43.07 -25.53
C VAL A 763 0.18 -44.12 -26.00
N PHE A 764 -1.06 -43.98 -25.56
CA PHE A 764 -2.12 -44.89 -25.99
C PHE A 764 -3.23 -44.16 -26.73
N PHE A 765 -4.03 -44.91 -27.48
CA PHE A 765 -4.97 -44.34 -28.43
C PHE A 765 -6.41 -44.66 -28.07
N ALA A 766 -6.60 -45.18 -26.86
CA ALA A 766 -7.92 -45.46 -26.34
C ALA A 766 -7.83 -45.56 -24.83
N PRO A 767 -8.94 -45.30 -24.11
CA PRO A 767 -8.91 -45.47 -22.66
C PRO A 767 -8.51 -46.89 -22.29
N ALA A 768 -7.84 -47.05 -21.15
CA ALA A 768 -7.29 -48.34 -20.76
C ALA A 768 -8.33 -49.48 -20.76
N LYS A 769 -9.56 -49.16 -20.39
CA LYS A 769 -10.61 -50.17 -20.28
C LYS A 769 -11.03 -50.75 -21.63
N GLN A 770 -10.65 -50.09 -22.72
CA GLN A 770 -11.00 -50.57 -24.05
C GLN A 770 -9.85 -51.33 -24.69
N LEU A 771 -8.67 -51.25 -24.08
CA LEU A 771 -7.47 -51.85 -24.65
C LEU A 771 -7.45 -53.35 -24.50
N ALA A 772 -6.72 -54.00 -25.42
CA ALA A 772 -6.45 -55.42 -25.32
C ALA A 772 -5.01 -55.62 -24.86
N LEU A 773 -4.72 -55.19 -23.64
CA LEU A 773 -3.36 -55.28 -23.10
C LEU A 773 -2.94 -56.73 -22.97
N PRO A 774 -1.67 -57.02 -23.30
CA PRO A 774 -1.15 -58.38 -23.20
C PRO A 774 -1.03 -58.85 -21.75
N ALA A 775 -1.15 -60.16 -21.53
CA ALA A 775 -0.96 -60.74 -20.22
C ALA A 775 0.53 -60.86 -19.94
N ALA A 776 1.05 -59.93 -19.15
CA ALA A 776 2.47 -59.85 -18.90
C ALA A 776 2.95 -60.91 -17.91
N LYS A 777 4.15 -61.42 -18.12
CA LYS A 777 4.83 -62.19 -17.09
C LYS A 777 6.12 -61.50 -16.70
N ILE A 778 6.20 -61.14 -15.42
CA ILE A 778 7.24 -60.26 -14.92
C ILE A 778 8.22 -61.03 -14.03
N ASP A 779 9.44 -61.19 -14.51
CA ASP A 779 10.48 -61.89 -13.77
C ASP A 779 11.12 -60.95 -12.76
N SER A 780 11.30 -61.43 -11.53
CA SER A 780 11.94 -60.63 -10.49
C SER A 780 13.19 -61.33 -9.97
N GLN A 781 14.28 -60.57 -9.91
CA GLN A 781 15.56 -61.09 -9.41
C GLN A 781 16.13 -60.16 -8.34
N TRP A 782 16.58 -60.73 -7.24
CA TRP A 782 17.15 -59.93 -6.15
C TRP A 782 18.67 -60.03 -6.10
N ARG A 783 19.29 -59.05 -5.45
CA ARG A 783 20.72 -59.07 -5.18
C ARG A 783 21.08 -58.03 -4.14
N ALA A 784 22.05 -58.35 -3.29
CA ALA A 784 22.48 -57.45 -2.23
C ALA A 784 23.18 -56.21 -2.78
N ASP A 785 22.75 -55.03 -2.35
CA ASP A 785 23.33 -53.78 -2.81
C ASP A 785 23.59 -52.88 -1.60
N GLY A 786 24.67 -53.16 -0.90
CA GLY A 786 24.97 -52.49 0.35
C GLY A 786 24.04 -52.98 1.45
N ASP A 787 23.42 -52.04 2.15
CA ASP A 787 22.47 -52.40 3.21
C ASP A 787 21.06 -52.45 2.65
N GLY A 788 20.91 -52.23 1.35
CA GLY A 788 19.63 -52.38 0.71
C GLY A 788 19.70 -53.50 -0.29
N TYR A 789 18.78 -53.50 -1.25
CA TYR A 789 18.72 -54.54 -2.27
C TYR A 789 18.40 -53.98 -3.63
N ALA A 790 18.95 -54.64 -4.64
CA ALA A 790 18.66 -54.31 -6.03
C ALA A 790 17.68 -55.31 -6.62
N LEU A 791 16.48 -54.84 -6.95
CA LEU A 791 15.42 -55.68 -7.50
C LEU A 791 15.27 -55.41 -8.99
N THR A 792 15.51 -56.44 -9.80
CA THR A 792 15.46 -56.30 -11.25
C THR A 792 14.22 -56.98 -11.83
N LEU A 793 13.40 -56.20 -12.52
CA LEU A 793 12.17 -56.71 -13.12
C LEU A 793 12.27 -56.78 -14.65
N THR A 794 11.83 -57.92 -15.20
CA THR A 794 11.85 -58.12 -16.65
C THR A 794 10.51 -58.69 -17.13
N SER A 795 9.84 -57.95 -18.01
CA SER A 795 8.55 -58.39 -18.55
C SER A 795 8.70 -58.88 -20.00
N ASP A 796 8.06 -60.00 -20.31
CA ASP A 796 8.16 -60.53 -21.67
C ASP A 796 7.39 -59.64 -22.63
N THR A 797 6.28 -59.10 -22.15
CA THR A 797 5.46 -58.19 -22.95
C THR A 797 5.40 -56.82 -22.31
N LEU A 798 4.61 -55.94 -22.91
CA LEU A 798 4.35 -54.64 -22.31
C LEU A 798 3.65 -54.84 -20.99
N ALA A 799 4.14 -54.17 -19.95
CA ALA A 799 3.50 -54.17 -18.64
C ALA A 799 3.27 -52.73 -18.23
N ARG A 800 2.01 -52.37 -18.04
CA ARG A 800 1.65 -50.99 -17.74
C ARG A 800 1.53 -50.70 -16.25
N GLU A 801 2.06 -49.56 -15.84
CA GLU A 801 1.97 -49.06 -14.46
C GLU A 801 2.23 -50.13 -13.42
N VAL A 802 3.40 -50.76 -13.52
CA VAL A 802 3.80 -51.77 -12.58
C VAL A 802 3.91 -51.14 -11.19
N TRP A 803 3.21 -51.72 -10.22
CA TRP A 803 3.24 -51.21 -8.85
C TRP A 803 3.79 -52.26 -7.88
N LEU A 804 4.92 -51.95 -7.26
CA LEU A 804 5.56 -52.86 -6.32
C LEU A 804 5.16 -52.53 -4.88
N SER A 805 4.82 -53.56 -4.09
CA SER A 805 4.48 -53.38 -2.68
C SER A 805 4.84 -54.62 -1.89
N PHE A 806 4.77 -54.52 -0.56
CA PHE A 806 5.22 -55.60 0.32
C PHE A 806 4.27 -55.84 1.50
N GLY A 807 2.97 -55.73 1.27
CA GLY A 807 2.00 -55.91 2.33
C GLY A 807 2.14 -54.87 3.43
N ASP A 808 2.31 -55.32 4.67
CA ASP A 808 2.53 -54.39 5.79
C ASP A 808 4.00 -54.32 6.20
N VAL A 809 4.87 -54.97 5.43
CA VAL A 809 6.30 -54.84 5.65
C VAL A 809 6.75 -53.50 5.04
N ASP A 810 7.42 -52.67 5.83
CA ASP A 810 7.83 -51.37 5.32
C ASP A 810 9.09 -51.45 4.47
N ALA A 811 9.03 -50.80 3.32
CA ALA A 811 10.18 -50.69 2.43
C ALA A 811 9.99 -49.48 1.54
N THR A 812 11.10 -48.89 1.11
CA THR A 812 11.04 -47.77 0.19
C THR A 812 11.63 -48.17 -1.16
N LEU A 813 11.08 -47.63 -2.23
CA LEU A 813 11.52 -47.98 -3.59
C LEU A 813 12.05 -46.76 -4.34
N SER A 814 13.17 -46.95 -5.05
CA SER A 814 13.77 -45.89 -5.84
C SER A 814 12.87 -45.49 -7.01
N ASP A 815 12.02 -46.42 -7.45
CA ASP A 815 11.06 -46.14 -8.53
C ASP A 815 9.84 -47.05 -8.40
N ASN A 816 8.70 -46.58 -8.88
CA ASN A 816 7.46 -47.36 -8.85
C ASN A 816 6.46 -46.74 -9.84
N ALA A 817 5.35 -47.44 -10.08
CA ALA A 817 4.36 -46.99 -11.06
C ALA A 817 5.02 -46.68 -12.41
N PHE A 818 5.78 -47.66 -12.92
CA PHE A 818 6.50 -47.49 -14.18
C PHE A 818 5.98 -48.44 -15.24
N ASP A 819 6.34 -48.16 -16.49
CA ASP A 819 6.00 -49.05 -17.59
C ASP A 819 7.18 -49.96 -17.90
N LEU A 820 6.90 -51.24 -18.15
CA LEU A 820 7.95 -52.17 -18.59
C LEU A 820 7.75 -52.53 -20.06
N LEU A 821 8.79 -52.36 -20.86
CA LEU A 821 8.75 -52.71 -22.27
C LEU A 821 9.29 -54.11 -22.47
N PRO A 822 8.83 -54.82 -23.52
CA PRO A 822 9.18 -56.24 -23.73
C PRO A 822 10.69 -56.53 -23.68
N GLY A 823 11.08 -57.41 -22.76
CA GLY A 823 12.46 -57.86 -22.67
C GLY A 823 13.43 -56.83 -22.13
N GLU A 824 12.92 -55.66 -21.76
CA GLU A 824 13.76 -54.58 -21.27
C GLU A 824 13.74 -54.54 -19.73
N PRO A 825 14.84 -54.97 -19.10
CA PRO A 825 14.91 -55.04 -17.63
C PRO A 825 15.04 -53.66 -16.97
N LEU A 826 14.37 -53.51 -15.84
CA LEU A 826 14.50 -52.32 -15.00
C LEU A 826 14.92 -52.71 -13.58
N THR A 827 15.93 -52.02 -13.07
CA THR A 827 16.41 -52.27 -11.71
C THR A 827 16.06 -51.12 -10.78
N VAL A 828 15.37 -51.45 -9.68
CA VAL A 828 15.06 -50.46 -8.66
C VAL A 828 15.79 -50.85 -7.37
N ARG A 829 16.09 -49.86 -6.54
CA ARG A 829 16.76 -50.14 -5.28
C ARG A 829 15.76 -50.25 -4.14
N VAL A 830 15.88 -51.30 -3.34
CA VAL A 830 14.96 -51.54 -2.23
C VAL A 830 15.62 -51.26 -0.89
N THR A 831 15.08 -50.29 -0.17
CA THR A 831 15.57 -49.94 1.16
C THR A 831 14.58 -50.40 2.23
N SER A 832 15.02 -51.28 3.11
CA SER A 832 14.14 -51.78 4.16
C SER A 832 14.92 -52.22 5.38
N LYS A 833 14.22 -52.52 6.46
CA LYS A 833 14.87 -53.05 7.65
C LYS A 833 14.49 -54.50 7.88
N ALA A 834 13.76 -55.07 6.92
CA ALA A 834 13.42 -56.49 6.97
C ALA A 834 14.47 -57.30 6.24
N ALA A 835 14.57 -58.57 6.60
CA ALA A 835 15.50 -59.47 5.94
C ALA A 835 15.03 -59.76 4.53
N LEU A 836 15.95 -60.15 3.67
CA LEU A 836 15.64 -60.43 2.26
C LEU A 836 14.52 -61.45 2.13
N ALA A 837 14.53 -62.44 3.02
CA ALA A 837 13.59 -63.55 2.97
C ALA A 837 12.15 -63.06 3.09
N GLN A 838 11.91 -62.10 3.97
CA GLN A 838 10.56 -61.61 4.17
C GLN A 838 10.16 -60.66 3.04
N LEU A 839 11.12 -59.91 2.53
CA LEU A 839 10.86 -59.01 1.41
C LEU A 839 10.42 -59.81 0.20
N GLN A 840 11.06 -60.97 -0.01
CA GLN A 840 10.77 -61.81 -1.15
C GLN A 840 9.41 -62.47 -1.01
N SER A 841 9.05 -62.79 0.24
CA SER A 841 7.76 -63.39 0.54
C SER A 841 6.63 -62.38 0.41
N ALA A 842 6.90 -61.15 0.83
CA ALA A 842 5.87 -60.13 0.87
C ALA A 842 5.70 -59.42 -0.45
N LEU A 843 6.67 -59.57 -1.35
CA LEU A 843 6.66 -58.83 -2.61
C LEU A 843 5.41 -59.08 -3.45
N GLN A 844 4.73 -58.01 -3.82
CA GLN A 844 3.61 -58.09 -4.75
C GLN A 844 3.89 -57.20 -5.95
N VAL A 845 3.66 -57.74 -7.14
CA VAL A 845 3.87 -56.99 -8.37
C VAL A 845 2.56 -56.88 -9.12
N ARG A 846 2.05 -55.65 -9.19
CA ARG A 846 0.76 -55.40 -9.82
C ARG A 846 1.00 -54.64 -11.12
N ASP A 847 0.24 -54.98 -12.16
CA ASP A 847 0.30 -54.23 -13.41
C ASP A 847 -1.12 -53.97 -13.89
N LEU A 848 -1.26 -53.03 -14.83
CA LEU A 848 -2.58 -52.58 -15.25
C LEU A 848 -3.39 -53.68 -15.93
N ALA A 849 -2.77 -54.41 -16.85
CA ALA A 849 -3.48 -55.48 -17.56
C ALA A 849 -4.07 -56.51 -16.61
N ALA A 850 -3.28 -56.94 -15.63
CA ALA A 850 -3.76 -57.92 -14.67
C ALA A 850 -4.90 -57.36 -13.83
N THR A 851 -4.78 -56.09 -13.45
CA THR A 851 -5.81 -55.46 -12.63
C THR A 851 -7.13 -55.32 -13.40
N LEU A 852 -7.04 -54.98 -14.68
CA LEU A 852 -8.24 -54.79 -15.49
C LEU A 852 -8.90 -56.12 -15.85
N ALA A 853 -8.12 -57.20 -15.81
CA ALA A 853 -8.62 -58.53 -16.13
C ALA A 853 -9.64 -59.02 -15.10
N GLY A 854 -10.78 -59.50 -15.58
CA GLY A 854 -11.83 -60.04 -14.72
C GLY A 854 -12.67 -58.98 -14.03
N ALA A 855 -12.62 -57.75 -14.53
CA ALA A 855 -13.37 -56.66 -13.94
C ALA A 855 -14.86 -56.76 -14.29
N PRO A 856 -15.74 -56.45 -13.32
CA PRO A 856 -17.19 -56.42 -13.53
C PRO A 856 -17.60 -55.19 -14.33
N PRO A 857 -18.82 -55.20 -14.89
CA PRO A 857 -19.29 -54.02 -15.64
C PRO A 857 -19.64 -52.84 -14.74
N GLU A 858 -19.62 -51.64 -15.31
CA GLU A 858 -20.02 -50.44 -14.59
C GLU A 858 -21.54 -50.44 -14.37
N PRO A 859 -22.00 -49.89 -13.23
CA PRO A 859 -23.43 -49.84 -12.88
C PRO A 859 -24.28 -49.13 -13.92
N MET B 1 31.51 16.76 -13.72
CA MET B 1 30.06 16.94 -13.74
C MET B 1 29.67 18.36 -14.16
N THR B 2 29.17 18.49 -15.38
CA THR B 2 28.69 19.76 -15.91
C THR B 2 27.18 19.75 -16.08
N ALA B 3 26.56 20.92 -16.08
CA ALA B 3 25.11 21.02 -16.24
C ALA B 3 24.70 22.38 -16.81
N VAL B 4 24.75 22.50 -18.14
CA VAL B 4 24.36 23.73 -18.83
C VAL B 4 22.87 23.76 -19.13
N THR B 5 22.24 24.91 -18.96
CA THR B 5 20.80 25.03 -19.12
C THR B 5 20.45 25.60 -20.48
N LEU B 6 19.50 24.96 -21.16
CA LEU B 6 19.03 25.43 -22.47
C LEU B 6 17.88 26.41 -22.32
N ASP B 7 18.19 27.62 -21.89
CA ASP B 7 17.17 28.64 -21.63
C ASP B 7 17.32 29.85 -22.53
N GLY B 8 17.79 29.64 -23.76
CA GLY B 8 18.10 30.76 -24.63
C GLY B 8 17.23 30.86 -25.87
N GLY B 9 17.81 30.50 -27.02
CA GLY B 9 17.15 30.72 -28.29
C GLY B 9 16.04 29.75 -28.65
N TRP B 10 14.97 29.74 -27.87
CA TRP B 10 13.79 28.96 -28.22
C TRP B 10 12.82 29.78 -29.05
N ARG B 11 12.21 29.13 -30.04
CA ARG B 11 11.07 29.73 -30.72
C ARG B 11 9.99 28.68 -30.89
N VAL B 12 8.78 29.14 -31.21
CA VAL B 12 7.64 28.25 -31.24
C VAL B 12 6.69 28.65 -32.35
N ARG B 13 5.93 27.68 -32.86
CA ARG B 13 4.92 27.97 -33.88
C ARG B 13 3.87 26.87 -33.86
N LEU B 14 2.73 27.15 -34.48
CA LEU B 14 1.70 26.13 -34.67
C LEU B 14 2.24 24.99 -35.51
N VAL B 15 1.90 23.77 -35.13
CA VAL B 15 2.19 22.62 -36.00
C VAL B 15 1.41 22.84 -37.29
N PRO B 16 2.11 22.76 -38.44
CA PRO B 16 1.50 23.02 -39.76
C PRO B 16 0.29 22.13 -40.04
N GLY B 17 -0.72 22.69 -40.71
CA GLY B 17 -1.88 21.90 -41.12
C GLY B 17 -3.07 21.98 -40.20
N GLN B 18 -3.09 22.98 -39.32
CA GLN B 18 -4.22 23.19 -38.43
C GLN B 18 -5.07 24.36 -38.89
N GLU B 19 -6.35 24.37 -38.52
CA GLU B 19 -7.22 25.45 -38.96
C GLU B 19 -6.88 26.76 -38.25
N GLN B 20 -6.29 26.66 -37.07
CA GLN B 20 -5.83 27.86 -36.37
C GLN B 20 -4.70 28.54 -37.13
N GLY B 21 -4.03 27.79 -38.01
CA GLY B 21 -2.98 28.36 -38.83
C GLY B 21 -3.49 29.40 -39.81
N LYS B 22 -4.73 29.24 -40.28
CA LYS B 22 -5.36 30.21 -41.17
C LYS B 22 -5.87 31.41 -40.37
N THR B 23 -6.46 31.13 -39.21
CA THR B 23 -7.03 32.18 -38.36
C THR B 23 -5.93 33.09 -37.79
N TYR B 24 -4.81 32.49 -37.40
CA TYR B 24 -3.71 33.24 -36.80
C TYR B 24 -2.38 33.01 -37.51
N PRO B 25 -2.20 33.62 -38.70
CA PRO B 25 -0.99 33.42 -39.50
C PRO B 25 0.30 33.77 -38.77
N LYS B 26 0.24 34.69 -37.81
CA LYS B 26 1.43 35.07 -37.08
C LYS B 26 1.86 33.95 -36.13
N ALA B 27 0.93 33.08 -35.77
CA ALA B 27 1.25 31.93 -34.92
C ALA B 27 1.73 30.75 -35.75
N ALA B 28 1.40 30.76 -37.04
CA ALA B 28 1.89 29.74 -37.97
C ALA B 28 3.38 29.95 -38.24
N ALA B 29 3.81 31.20 -38.18
CA ALA B 29 5.23 31.53 -38.34
C ALA B 29 5.95 31.45 -36.99
N TRP B 30 7.28 31.35 -37.03
CA TRP B 30 8.05 31.29 -35.80
C TRP B 30 7.90 32.56 -34.97
N LEU B 31 7.70 32.40 -33.68
CA LEU B 31 7.64 33.52 -32.75
C LEU B 31 8.52 33.19 -31.55
N PRO B 32 9.05 34.22 -30.87
CA PRO B 32 9.89 34.02 -29.68
C PRO B 32 9.21 33.19 -28.62
N ALA B 33 9.95 32.27 -28.01
CA ALA B 33 9.42 31.42 -26.97
C ALA B 33 10.30 31.50 -25.72
N GLN B 34 9.65 31.54 -24.56
CA GLN B 34 10.36 31.65 -23.30
C GLN B 34 10.39 30.30 -22.57
N VAL B 35 11.57 29.87 -22.13
CA VAL B 35 11.68 28.63 -21.38
C VAL B 35 12.41 28.86 -20.06
N PRO B 36 11.75 28.56 -18.92
CA PRO B 36 10.40 28.01 -18.80
C PRO B 36 9.30 29.01 -19.18
N GLY B 37 8.17 28.52 -19.65
CA GLY B 37 7.07 29.38 -20.01
C GLY B 37 5.87 28.61 -20.52
N ALA B 38 4.98 29.32 -21.20
CA ALA B 38 3.84 28.70 -21.85
C ALA B 38 3.66 29.34 -23.22
N VAL B 39 3.13 28.60 -24.20
CA VAL B 39 2.90 29.18 -25.50
C VAL B 39 1.88 30.30 -25.37
N GLN B 40 0.96 30.14 -24.43
CA GLN B 40 -0.04 31.16 -24.12
C GLN B 40 0.63 32.48 -23.81
N THR B 41 1.58 32.46 -22.88
CA THR B 41 2.27 33.68 -22.50
C THR B 41 3.19 34.18 -23.62
N ASP B 42 3.69 33.26 -24.45
CA ASP B 42 4.50 33.65 -25.61
C ASP B 42 3.64 34.40 -26.62
N LEU B 43 2.42 33.93 -26.81
CA LEU B 43 1.48 34.55 -27.73
C LEU B 43 1.11 35.96 -27.26
N ILE B 44 0.96 36.09 -25.93
CA ILE B 44 0.61 37.38 -25.33
C ILE B 44 1.74 38.37 -25.55
N ALA B 45 2.97 37.97 -25.23
CA ALA B 45 4.14 38.82 -25.43
C ALA B 45 4.30 39.23 -26.90
N ALA B 46 3.85 38.37 -27.81
CA ALA B 46 4.01 38.62 -29.24
C ALA B 46 2.84 39.41 -29.81
N LYS B 47 1.90 39.80 -28.94
CA LYS B 47 0.73 40.60 -29.32
C LYS B 47 -0.19 39.86 -30.29
N ILE B 48 -0.12 38.53 -30.30
CA ILE B 48 -0.99 37.72 -31.15
C ILE B 48 -2.36 37.59 -30.49
N VAL B 49 -2.36 37.54 -29.16
CA VAL B 49 -3.60 37.61 -28.40
C VAL B 49 -3.45 38.65 -27.29
N PRO B 50 -4.56 39.29 -26.89
CA PRO B 50 -4.46 40.26 -25.79
C PRO B 50 -4.39 39.57 -24.43
N ASP B 51 -4.05 40.33 -23.38
CA ASP B 51 -4.01 39.83 -22.01
C ASP B 51 -5.36 39.23 -21.63
N PRO B 52 -5.41 37.90 -21.46
CA PRO B 52 -6.64 37.17 -21.17
C PRO B 52 -7.21 37.47 -19.77
N PHE B 53 -6.44 38.13 -18.91
CA PHE B 53 -6.94 38.53 -17.59
C PHE B 53 -7.78 39.81 -17.68
N TYR B 54 -7.49 40.62 -18.70
CA TYR B 54 -8.14 41.93 -18.84
C TYR B 54 -9.56 41.78 -19.39
N ARG B 55 -10.50 42.43 -18.69
CA ARG B 55 -11.93 42.44 -19.07
C ARG B 55 -12.46 41.07 -19.48
N ASP B 56 -12.96 40.95 -20.70
CA ASP B 56 -13.51 39.68 -21.17
C ASP B 56 -12.64 39.05 -22.26
N ASN B 57 -11.33 39.15 -22.10
CA ASN B 57 -10.41 38.65 -23.10
C ASN B 57 -10.13 37.15 -22.97
N GLU B 58 -10.65 36.53 -21.92
CA GLU B 58 -10.37 35.12 -21.63
C GLU B 58 -10.61 34.20 -22.81
N GLY B 59 -11.74 34.38 -23.48
CA GLY B 59 -12.12 33.55 -24.60
C GLY B 59 -11.24 33.67 -25.82
N LYS B 60 -10.52 34.78 -25.93
CA LYS B 60 -9.72 35.04 -27.12
C LYS B 60 -8.46 34.18 -27.23
N ILE B 61 -8.16 33.41 -26.19
CA ILE B 61 -6.93 32.63 -26.17
C ILE B 61 -7.21 31.12 -26.08
N GLN B 62 -8.49 30.76 -26.01
CA GLN B 62 -8.86 29.36 -25.82
C GLN B 62 -8.35 28.44 -26.92
N TRP B 63 -8.18 28.99 -28.13
CA TRP B 63 -7.72 28.23 -29.29
C TRP B 63 -6.32 27.65 -29.10
N ALA B 64 -5.49 28.30 -28.28
CA ALA B 64 -4.13 27.82 -28.03
C ALA B 64 -4.13 26.49 -27.28
N GLY B 65 -5.12 26.31 -26.41
CA GLY B 65 -5.27 25.08 -25.65
C GLY B 65 -5.85 23.95 -26.48
N LEU B 66 -6.30 24.28 -27.68
CA LEU B 66 -6.91 23.29 -28.58
C LEU B 66 -5.99 22.95 -29.75
N SER B 67 -4.82 23.58 -29.80
CA SER B 67 -3.90 23.41 -30.92
C SER B 67 -2.65 22.66 -30.50
N ASP B 68 -1.91 22.16 -31.49
CA ASP B 68 -0.63 21.50 -31.26
C ASP B 68 0.49 22.46 -31.59
N TRP B 69 1.57 22.40 -30.81
CA TRP B 69 2.65 23.38 -30.92
C TRP B 69 4.01 22.74 -31.16
N GLN B 70 4.89 23.50 -31.82
CA GLN B 70 6.22 23.04 -32.16
C GLN B 70 7.30 23.99 -31.64
N TYR B 71 8.02 23.55 -30.60
CA TYR B 71 9.17 24.28 -30.08
C TYR B 71 10.44 23.89 -30.83
N GLN B 72 11.37 24.84 -30.94
CA GLN B 72 12.66 24.56 -31.54
C GLN B 72 13.77 25.40 -30.93
N THR B 73 14.92 24.80 -30.71
CA THR B 73 16.08 25.56 -30.29
C THR B 73 17.35 24.88 -30.80
N ARG B 74 18.38 25.69 -30.98
CA ARG B 74 19.68 25.18 -31.39
C ARG B 74 20.69 25.38 -30.28
N PHE B 75 21.58 24.42 -30.09
CA PHE B 75 22.60 24.53 -29.06
C PHE B 75 23.87 23.83 -29.47
N THR B 76 25.01 24.29 -28.95
CA THR B 76 26.30 23.71 -29.28
C THR B 76 26.85 22.89 -28.13
N VAL B 77 27.50 21.79 -28.47
CA VAL B 77 28.10 20.90 -27.48
C VAL B 77 29.62 20.82 -27.71
N ASP B 78 30.39 21.13 -26.67
CA ASP B 78 31.85 21.15 -26.76
C ASP B 78 32.45 19.80 -27.12
N ALA B 79 33.71 19.82 -27.54
CA ALA B 79 34.45 18.58 -27.75
C ALA B 79 34.78 18.01 -26.38
N ALA B 80 34.79 18.89 -25.38
CA ALA B 80 35.12 18.51 -24.02
C ALA B 80 33.98 17.75 -23.35
N THR B 81 32.75 18.21 -23.57
CA THR B 81 31.61 17.54 -22.96
C THR B 81 31.26 16.28 -23.72
N LEU B 82 31.61 16.22 -25.00
CA LEU B 82 31.39 15.02 -25.79
C LEU B 82 32.37 13.91 -25.42
N LYS B 83 33.59 14.29 -25.05
CA LYS B 83 34.54 13.40 -24.39
C LYS B 83 33.91 12.57 -23.27
N ARG B 84 33.13 13.23 -22.43
CA ARG B 84 32.56 12.62 -21.21
C ARG B 84 31.88 11.29 -21.48
N GLU B 85 31.92 10.41 -20.48
CA GLU B 85 31.36 9.07 -20.62
C GLU B 85 29.85 9.07 -20.73
N HIS B 86 29.20 10.05 -20.09
CA HIS B 86 27.75 10.16 -20.14
C HIS B 86 27.34 11.58 -20.49
N VAL B 87 26.49 11.71 -21.50
CA VAL B 87 25.89 13.01 -21.84
C VAL B 87 24.38 12.83 -21.97
N GLU B 88 23.63 13.52 -21.12
CA GLU B 88 22.19 13.35 -21.06
C GLU B 88 21.46 14.67 -21.23
N LEU B 89 20.27 14.61 -21.83
CA LEU B 89 19.37 15.73 -21.82
C LEU B 89 18.34 15.51 -20.71
N VAL B 90 18.05 16.56 -19.94
CA VAL B 90 17.12 16.46 -18.82
C VAL B 90 16.01 17.49 -18.92
N PHE B 91 14.77 17.02 -18.94
CA PHE B 91 13.61 17.90 -18.98
C PHE B 91 12.87 17.91 -17.64
N ASP B 92 12.94 19.02 -16.92
CA ASP B 92 12.31 19.09 -15.60
C ASP B 92 10.78 19.18 -15.67
N GLY B 93 10.25 19.64 -16.80
CA GLY B 93 8.81 19.79 -16.94
C GLY B 93 8.31 20.03 -18.35
N LEU B 94 7.51 19.09 -18.84
CA LEU B 94 6.86 19.21 -20.15
C LEU B 94 5.35 19.10 -19.96
N ASP B 95 4.62 20.11 -20.41
CA ASP B 95 3.17 20.19 -20.24
C ASP B 95 2.43 20.18 -21.58
N THR B 96 1.92 19.02 -21.98
CA THR B 96 2.06 17.76 -21.24
C THR B 96 2.43 16.61 -22.19
N PHE B 97 1.60 16.40 -23.21
CA PHE B 97 1.88 15.40 -24.22
C PHE B 97 2.97 15.88 -25.17
N ALA B 98 4.19 15.39 -24.95
CA ALA B 98 5.36 15.90 -25.66
C ALA B 98 6.01 14.83 -26.52
N GLU B 99 6.43 15.24 -27.70
CA GLU B 99 7.25 14.40 -28.57
C GLU B 99 8.52 15.17 -28.90
N VAL B 100 9.64 14.70 -28.35
CA VAL B 100 10.92 15.39 -28.49
C VAL B 100 11.83 14.68 -29.49
N THR B 101 12.43 15.43 -30.40
CA THR B 101 13.42 14.88 -31.32
C THR B 101 14.73 15.65 -31.23
N LEU B 102 15.83 14.98 -31.56
CA LEU B 102 17.16 15.60 -31.55
C LEU B 102 17.86 15.32 -32.87
N ASN B 103 18.19 16.40 -33.59
CA ASN B 103 18.76 16.30 -34.93
C ASN B 103 17.90 15.40 -35.81
N GLY B 104 16.58 15.51 -35.66
CA GLY B 104 15.65 14.76 -36.49
C GLY B 104 15.31 13.38 -35.99
N LYS B 105 16.08 12.88 -35.02
CA LYS B 105 15.94 11.53 -34.49
C LYS B 105 15.02 11.51 -33.27
N GLN B 106 14.31 10.41 -33.08
CA GLN B 106 13.46 10.26 -31.91
C GLN B 106 14.29 10.35 -30.63
N LEU B 107 13.84 11.13 -29.66
CA LEU B 107 14.58 11.29 -28.42
C LEU B 107 13.75 10.88 -27.21
N LEU B 108 12.55 11.44 -27.11
CA LEU B 108 11.75 11.26 -25.90
C LEU B 108 10.26 11.46 -26.13
N SER B 109 9.45 10.58 -25.52
CA SER B 109 8.02 10.77 -25.44
C SER B 109 7.64 11.02 -23.99
N ALA B 110 6.91 12.10 -23.72
CA ALA B 110 6.54 12.42 -22.34
C ALA B 110 5.03 12.61 -22.23
N ASP B 111 4.47 12.25 -21.08
CA ASP B 111 3.02 12.41 -20.87
C ASP B 111 2.66 12.68 -19.42
N ASN B 112 3.47 13.49 -18.75
CA ASN B 112 3.18 13.89 -17.37
C ASN B 112 3.82 15.24 -17.06
N MET B 113 2.95 16.22 -16.80
CA MET B 113 3.35 17.58 -16.48
C MET B 113 4.28 17.62 -15.27
N PHE B 114 4.14 16.63 -14.40
CA PHE B 114 4.80 16.65 -13.10
C PHE B 114 6.02 15.71 -13.00
N ARG B 115 6.49 15.17 -14.13
CA ARG B 115 7.65 14.28 -14.09
C ARG B 115 8.90 14.93 -14.68
N GLN B 116 10.04 14.40 -14.27
CA GLN B 116 11.32 14.78 -14.84
C GLN B 116 11.78 13.69 -15.81
N TRP B 117 12.21 14.10 -17.00
CA TRP B 117 12.58 13.14 -18.04
C TRP B 117 14.06 13.20 -18.38
N ARG B 118 14.78 12.13 -18.06
CA ARG B 118 16.21 12.03 -18.34
C ARG B 118 16.41 11.06 -19.50
N VAL B 119 17.29 11.41 -20.44
CA VAL B 119 17.51 10.57 -21.60
C VAL B 119 18.95 10.66 -22.08
N ASP B 120 19.53 9.49 -22.37
CA ASP B 120 20.86 9.39 -22.97
C ASP B 120 20.83 10.01 -24.37
N ALA B 121 21.70 10.98 -24.61
CA ALA B 121 21.68 11.72 -25.87
C ALA B 121 23.03 11.71 -26.57
N LYS B 122 24.02 11.07 -25.95
CA LYS B 122 25.39 11.15 -26.46
C LYS B 122 25.52 10.69 -27.91
N SER B 123 24.89 9.58 -28.27
CA SER B 123 25.02 9.04 -29.62
C SER B 123 24.30 9.90 -30.64
N LEU B 124 23.31 10.68 -30.19
CA LEU B 124 22.52 11.50 -31.11
C LEU B 124 23.07 12.91 -31.24
N LEU B 125 24.03 13.27 -30.39
CA LEU B 125 24.62 14.60 -30.40
C LEU B 125 25.72 14.78 -31.42
N LYS B 126 25.73 15.91 -32.12
CA LYS B 126 26.79 16.20 -33.08
C LYS B 126 27.76 17.19 -32.44
N ARG B 127 29.02 17.14 -32.86
CA ARG B 127 29.97 18.18 -32.48
C ARG B 127 29.47 19.55 -32.93
N GLY B 128 29.21 20.43 -31.97
CA GLY B 128 28.75 21.77 -32.28
C GLY B 128 27.25 21.89 -32.40
N ASP B 129 26.76 22.37 -33.53
CA ASP B 129 25.35 22.70 -33.67
C ASP B 129 24.40 21.49 -33.58
N ASN B 130 23.40 21.60 -32.70
CA ASN B 130 22.37 20.58 -32.55
C ASN B 130 20.98 21.18 -32.61
N LEU B 131 20.05 20.46 -33.21
CA LEU B 131 18.66 20.91 -33.31
C LEU B 131 17.75 20.12 -32.39
N LEU B 132 17.24 20.79 -31.36
CA LEU B 132 16.31 20.16 -30.42
C LEU B 132 14.90 20.62 -30.73
N GLU B 133 14.01 19.68 -30.97
CA GLU B 133 12.62 19.99 -31.27
C GLU B 133 11.68 19.32 -30.29
N VAL B 134 10.69 20.08 -29.83
CA VAL B 134 9.67 19.58 -28.92
C VAL B 134 8.29 19.91 -29.46
N LYS B 135 7.49 18.88 -29.69
CA LYS B 135 6.11 19.09 -30.13
C LYS B 135 5.16 18.81 -28.97
N LEU B 136 4.30 19.77 -28.66
CA LEU B 136 3.34 19.61 -27.59
C LEU B 136 1.93 19.50 -28.14
N TYR B 137 1.19 18.49 -27.68
CA TYR B 137 -0.12 18.21 -28.23
C TYR B 137 -1.24 18.57 -27.26
N SER B 138 -2.24 19.29 -27.76
CA SER B 138 -3.41 19.63 -26.97
C SER B 138 -4.01 18.38 -26.35
N PRO B 139 -4.14 18.37 -25.02
CA PRO B 139 -4.72 17.21 -24.33
C PRO B 139 -6.18 17.01 -24.72
N ILE B 140 -6.89 18.11 -24.96
CA ILE B 140 -8.28 18.07 -25.41
C ILE B 140 -8.39 17.44 -26.79
N LYS B 141 -7.60 17.92 -27.75
CA LYS B 141 -7.65 17.38 -29.10
C LYS B 141 -7.16 15.93 -29.16
N LYS B 142 -6.22 15.57 -28.30
CA LYS B 142 -5.67 14.22 -28.33
C LYS B 142 -6.63 13.19 -27.73
N ILE B 143 -7.27 13.55 -26.62
CA ILE B 143 -8.09 12.60 -25.88
C ILE B 143 -9.56 12.51 -26.35
N GLN B 144 -10.17 13.65 -26.66
CA GLN B 144 -11.61 13.69 -27.00
C GLN B 144 -12.07 12.72 -28.11
N PRO B 145 -11.29 12.58 -29.21
CA PRO B 145 -11.75 11.62 -30.23
C PRO B 145 -11.85 10.20 -29.70
N TRP B 146 -10.94 9.83 -28.81
CA TRP B 146 -11.02 8.54 -28.13
C TRP B 146 -12.19 8.51 -27.16
N LEU B 147 -12.31 9.58 -26.37
CA LEU B 147 -13.33 9.66 -25.33
C LEU B 147 -14.75 9.57 -25.90
N ALA B 148 -14.95 10.15 -27.08
CA ALA B 148 -16.26 10.16 -27.70
C ALA B 148 -16.74 8.75 -28.04
N LYS B 149 -15.79 7.82 -28.12
CA LYS B 149 -16.11 6.44 -28.45
C LYS B 149 -16.32 5.55 -27.21
N GLN B 150 -15.98 6.04 -26.03
CA GLN B 150 -16.07 5.23 -24.83
C GLN B 150 -17.52 5.08 -24.36
N PRO B 151 -17.86 3.90 -23.81
CA PRO B 151 -19.20 3.61 -23.27
C PRO B 151 -19.62 4.66 -22.24
N TYR B 152 -18.65 5.18 -21.48
CA TYR B 152 -18.91 6.25 -20.54
C TYR B 152 -17.69 7.14 -20.41
N ALA B 153 -17.92 8.37 -19.95
CA ALA B 153 -16.85 9.26 -19.53
C ALA B 153 -16.87 9.35 -18.01
N LEU B 154 -15.69 9.33 -17.38
CA LEU B 154 -15.61 9.40 -15.93
C LEU B 154 -16.04 10.78 -15.42
N PRO B 155 -16.72 10.81 -14.26
CA PRO B 155 -17.05 12.08 -13.62
C PRO B 155 -15.77 12.89 -13.41
N GLY B 156 -15.76 14.15 -13.83
CA GLY B 156 -14.52 14.91 -13.92
C GLY B 156 -14.42 16.15 -13.07
N ALA B 157 -14.29 17.30 -13.74
CA ALA B 157 -14.18 18.58 -13.06
C ALA B 157 -15.24 19.54 -13.58
N TYR B 158 -14.82 20.64 -14.21
CA TYR B 158 -15.77 21.65 -14.70
C TYR B 158 -15.94 21.59 -16.22
N ASP B 159 -17.17 21.78 -16.68
CA ASP B 159 -17.46 21.90 -18.10
C ASP B 159 -16.78 23.12 -18.71
N SER B 160 -16.52 23.07 -20.01
CA SER B 160 -15.96 24.22 -20.70
C SER B 160 -17.03 25.27 -20.94
N ALA B 161 -16.77 26.50 -20.51
CA ALA B 161 -17.71 27.59 -20.73
C ALA B 161 -17.65 28.07 -22.18
N PHE B 162 -16.83 27.40 -22.99
CA PHE B 162 -16.67 27.79 -24.37
C PHE B 162 -17.15 26.69 -25.30
N GLY B 163 -17.66 25.61 -24.70
CA GLY B 163 -18.27 24.50 -25.44
C GLY B 163 -17.31 23.70 -26.30
N ASP B 164 -16.02 23.78 -26.02
CA ASP B 164 -15.04 23.09 -26.87
C ASP B 164 -14.77 21.67 -26.35
N GLU B 165 -15.52 21.27 -25.34
CA GLU B 165 -15.59 19.88 -24.87
C GLU B 165 -17.04 19.60 -24.52
N PRO B 166 -17.50 18.36 -24.74
CA PRO B 166 -18.89 17.99 -24.46
C PRO B 166 -19.21 18.07 -22.97
N GLU B 167 -20.46 18.28 -22.61
CA GLU B 167 -20.88 18.33 -21.21
C GLU B 167 -20.62 17.00 -20.51
N ALA B 168 -20.08 17.07 -19.29
CA ALA B 168 -19.84 15.88 -18.47
C ALA B 168 -18.95 14.83 -19.16
N ARG B 169 -18.12 15.28 -20.10
CA ARG B 169 -17.15 14.42 -20.76
C ARG B 169 -15.81 15.16 -20.86
N HIS B 170 -15.11 15.21 -19.73
CA HIS B 170 -13.89 15.98 -19.60
C HIS B 170 -12.64 15.14 -19.85
N SER B 171 -11.75 15.65 -20.70
CA SER B 171 -10.51 14.95 -20.99
C SER B 171 -9.51 15.10 -19.84
N SER B 172 -9.69 16.13 -19.02
CA SER B 172 -8.73 16.44 -17.95
C SER B 172 -8.51 15.27 -16.99
N THR B 173 -9.52 14.42 -16.86
CA THR B 173 -9.44 13.27 -15.99
C THR B 173 -8.34 12.30 -16.40
N TYR B 174 -8.15 12.15 -17.70
CA TYR B 174 -7.32 11.09 -18.26
C TYR B 174 -5.85 11.49 -18.45
N VAL B 175 -5.50 12.73 -18.10
CA VAL B 175 -4.14 13.21 -18.33
C VAL B 175 -3.52 13.78 -17.04
N ARG B 176 -2.27 13.43 -16.77
CA ARG B 176 -1.58 13.96 -15.60
C ARG B 176 -1.14 15.39 -15.89
N LYS B 177 -2.04 16.31 -15.60
CA LYS B 177 -1.87 17.73 -15.89
C LYS B 177 -2.63 18.50 -14.83
N ALA B 178 -2.11 19.66 -14.43
CA ALA B 178 -2.72 20.48 -13.38
C ALA B 178 -4.21 20.71 -13.63
N PRO B 179 -5.06 20.16 -12.75
CA PRO B 179 -6.52 20.23 -12.93
C PRO B 179 -7.05 21.65 -13.12
N TYR B 180 -6.48 22.64 -12.43
CA TYR B 180 -7.01 23.99 -12.52
C TYR B 180 -6.76 24.61 -13.90
N ASN B 181 -5.87 24.02 -14.68
CA ASN B 181 -5.62 24.51 -16.04
C ASN B 181 -6.89 24.45 -16.91
N PHE B 182 -7.81 23.56 -16.57
CA PHE B 182 -9.01 23.40 -17.39
C PHE B 182 -10.16 24.31 -16.96
N GLY B 183 -9.88 25.21 -16.01
CA GLY B 183 -10.89 26.10 -15.48
C GLY B 183 -11.45 25.59 -14.15
N TRP B 184 -11.65 26.50 -13.20
CA TRP B 184 -12.23 26.16 -11.91
C TRP B 184 -13.15 27.31 -11.50
N ASP B 185 -13.88 27.16 -10.39
CA ASP B 185 -14.91 28.16 -10.06
C ASP B 185 -14.35 29.44 -9.41
N TRP B 186 -13.04 29.66 -9.53
CA TRP B 186 -12.41 30.93 -9.13
C TRP B 186 -11.28 31.33 -10.08
N GLY B 187 -11.25 30.71 -11.25
CA GLY B 187 -10.17 30.93 -12.19
C GLY B 187 -10.54 30.67 -13.63
N PRO B 188 -9.73 31.21 -14.56
CA PRO B 188 -10.00 31.09 -16.00
C PRO B 188 -9.60 29.71 -16.53
N ARG B 189 -10.04 29.42 -17.75
CA ARG B 189 -9.63 28.21 -18.45
C ARG B 189 -8.38 28.50 -19.28
N MET B 190 -7.23 28.07 -18.77
CA MET B 190 -5.96 28.22 -19.46
C MET B 190 -5.29 26.86 -19.60
N VAL B 191 -5.72 26.09 -20.58
CA VAL B 191 -5.16 24.77 -20.82
C VAL B 191 -3.77 24.92 -21.42
N ASN B 192 -2.80 25.23 -20.57
CA ASN B 192 -1.45 25.57 -20.99
C ASN B 192 -0.70 24.45 -21.70
N ALA B 193 0.06 24.85 -22.70
CA ALA B 193 1.05 23.99 -23.32
C ALA B 193 2.38 24.71 -23.21
N GLY B 194 3.41 24.03 -22.74
CA GLY B 194 4.70 24.67 -22.65
C GLY B 194 5.78 23.83 -22.03
N ILE B 195 7.02 24.17 -22.37
CA ILE B 195 8.17 23.67 -21.65
C ILE B 195 8.25 24.51 -20.39
N TRP B 196 7.55 24.07 -19.35
CA TRP B 196 7.27 24.96 -18.22
C TRP B 196 8.27 24.84 -17.07
N LYS B 197 9.33 24.05 -17.29
CA LYS B 197 10.45 23.99 -16.37
C LYS B 197 11.74 23.87 -17.19
N ASP B 198 12.89 23.97 -16.53
CA ASP B 198 14.18 23.99 -17.20
C ASP B 198 14.49 22.76 -18.05
N VAL B 199 15.39 22.97 -19.01
CA VAL B 199 15.97 21.91 -19.83
C VAL B 199 17.48 21.99 -19.69
N ARG B 200 18.13 20.86 -19.42
CA ARG B 200 19.59 20.86 -19.24
C ARG B 200 20.31 19.81 -20.08
N VAL B 201 21.55 20.13 -20.42
CA VAL B 201 22.51 19.15 -20.91
C VAL B 201 23.44 18.78 -19.76
N GLU B 202 23.44 17.52 -19.35
CA GLU B 202 24.28 17.10 -18.24
C GLU B 202 25.31 16.09 -18.71
N ALA B 203 26.51 16.17 -18.15
CA ALA B 203 27.60 15.29 -18.55
C ALA B 203 28.47 14.92 -17.35
N TRP B 204 28.88 13.65 -17.30
CA TRP B 204 29.65 13.12 -16.19
C TRP B 204 30.41 11.87 -16.61
N ASP B 205 31.32 11.41 -15.77
CA ASP B 205 32.16 10.27 -16.13
C ASP B 205 31.86 9.05 -15.26
N ALA B 206 32.54 8.97 -14.13
CA ALA B 206 32.43 7.80 -13.26
C ALA B 206 31.11 7.76 -12.51
N VAL B 207 30.78 8.84 -11.81
CA VAL B 207 29.62 8.86 -10.92
C VAL B 207 28.76 10.11 -11.10
N ARG B 208 27.44 9.94 -11.05
CA ARG B 208 26.52 11.07 -10.99
C ARG B 208 25.74 11.05 -9.68
N VAL B 209 25.77 12.16 -8.95
CA VAL B 209 25.05 12.26 -7.67
C VAL B 209 23.57 12.55 -7.93
N ASP B 210 22.72 11.57 -7.61
CA ASP B 210 21.30 11.69 -7.89
C ASP B 210 20.49 12.27 -6.75
N GLY B 211 21.07 12.27 -5.55
CA GLY B 211 20.35 12.83 -4.42
C GLY B 211 20.96 12.60 -3.06
N LEU B 212 20.56 13.46 -2.14
CA LEU B 212 20.93 13.35 -0.75
C LEU B 212 19.67 13.45 0.09
N HIS B 213 19.46 12.47 0.95
CA HIS B 213 18.30 12.46 1.83
C HIS B 213 18.70 12.28 3.29
N ILE B 214 18.30 13.21 4.14
CA ILE B 214 18.54 13.06 5.57
C ILE B 214 17.32 12.39 6.21
N ALA B 215 17.41 11.07 6.37
CA ALA B 215 16.28 10.30 6.89
C ALA B 215 16.22 10.33 8.41
N GLN B 216 15.23 11.04 8.95
CA GLN B 216 15.08 11.15 10.40
C GLN B 216 14.45 9.89 10.98
N GLN B 217 15.25 9.13 11.72
CA GLN B 217 14.82 7.85 12.27
C GLN B 217 14.04 8.01 13.58
N ARG B 218 14.51 8.90 14.43
CA ARG B 218 13.80 9.24 15.66
C ARG B 218 14.28 10.59 16.17
N VAL B 219 13.33 11.46 16.51
CA VAL B 219 13.65 12.80 16.97
C VAL B 219 12.86 13.14 18.22
N ASP B 220 13.58 13.49 19.28
CA ASP B 220 12.95 14.05 20.48
C ASP B 220 13.91 15.05 21.12
N ALA B 221 13.56 15.53 22.31
CA ALA B 221 14.37 16.53 22.98
C ALA B 221 15.76 16.00 23.35
N HIS B 222 15.82 14.73 23.72
CA HIS B 222 17.07 14.11 24.17
C HIS B 222 18.07 13.90 23.03
N SER B 223 17.59 13.41 21.90
CA SER B 223 18.47 13.21 20.76
C SER B 223 17.72 13.09 19.44
N ALA B 224 18.46 13.23 18.35
CA ALA B 224 17.97 12.95 17.02
C ALA B 224 18.88 11.92 16.34
N GLN B 225 18.30 10.82 15.89
CA GLN B 225 19.04 9.82 15.13
C GLN B 225 18.64 9.91 13.67
N VAL B 226 19.58 10.27 12.81
CA VAL B 226 19.30 10.40 11.39
C VAL B 226 20.26 9.58 10.54
N GLN B 227 19.91 9.44 9.27
CA GLN B 227 20.76 8.71 8.33
C GLN B 227 20.89 9.48 7.02
N ALA B 228 22.08 10.00 6.75
CA ALA B 228 22.35 10.70 5.51
C ALA B 228 22.44 9.69 4.37
N GLN B 229 21.44 9.68 3.52
CA GLN B 229 21.40 8.72 2.41
C GLN B 229 21.82 9.36 1.11
N LEU B 230 22.82 8.77 0.48
CA LEU B 230 23.38 9.34 -0.73
C LEU B 230 23.13 8.42 -1.92
N ASP B 231 22.35 8.90 -2.90
CA ASP B 231 22.08 8.14 -4.12
C ASP B 231 23.13 8.41 -5.19
N LEU B 232 23.78 7.36 -5.64
CA LEU B 232 24.82 7.49 -6.64
C LEU B 232 24.61 6.57 -7.84
N GLN B 233 24.49 7.17 -9.02
CA GLN B 233 24.48 6.42 -10.26
C GLN B 233 25.89 6.27 -10.78
N ALA B 234 26.31 5.03 -11.02
CA ALA B 234 27.66 4.77 -11.50
C ALA B 234 27.66 4.10 -12.87
N GLY B 235 28.64 4.44 -13.70
CA GLY B 235 28.76 3.87 -15.03
C GLY B 235 29.70 2.68 -14.99
N ARG B 236 30.56 2.67 -13.98
CA ARG B 236 31.53 1.61 -13.80
C ARG B 236 31.87 1.42 -12.33
N SER B 237 32.36 0.23 -12.00
CA SER B 237 32.67 -0.12 -10.64
C SER B 237 33.97 0.53 -10.16
N GLY B 238 33.95 1.07 -8.95
CA GLY B 238 35.13 1.73 -8.41
C GLY B 238 34.86 2.29 -7.03
N PRO B 239 35.93 2.65 -6.32
CA PRO B 239 35.82 3.21 -4.97
C PRO B 239 35.24 4.61 -4.95
N VAL B 240 34.56 4.94 -3.86
CA VAL B 240 34.17 6.32 -3.58
C VAL B 240 34.48 6.60 -2.13
N GLN B 241 34.79 7.85 -1.83
CA GLN B 241 34.94 8.27 -0.44
C GLN B 241 33.99 9.40 -0.18
N VAL B 242 33.17 9.24 0.85
CA VAL B 242 32.18 10.24 1.17
C VAL B 242 32.50 10.93 2.49
N THR B 243 32.50 12.25 2.46
CA THR B 243 32.69 13.04 3.65
C THR B 243 31.41 13.81 3.92
N LEU B 244 30.97 13.81 5.17
CA LEU B 244 29.75 14.51 5.53
C LEU B 244 30.00 15.52 6.65
N ASP B 245 29.77 16.79 6.35
CA ASP B 245 29.88 17.83 7.36
C ASP B 245 28.49 18.25 7.83
N VAL B 246 28.36 18.44 9.14
CA VAL B 246 27.10 18.85 9.73
C VAL B 246 27.25 20.19 10.46
N LEU B 247 26.48 21.19 10.04
CA LEU B 247 26.50 22.50 10.67
C LEU B 247 25.19 22.73 11.41
N GLY B 248 25.28 23.25 12.63
CA GLY B 248 24.10 23.53 13.43
C GLY B 248 23.40 24.79 12.97
N PRO B 249 22.29 25.15 13.64
CA PRO B 249 21.54 26.35 13.26
C PRO B 249 22.38 27.62 13.37
N ASP B 250 23.31 27.66 14.31
CA ASP B 250 24.15 28.83 14.52
C ASP B 250 25.27 28.92 13.50
N GLY B 251 25.43 27.87 12.69
CA GLY B 251 26.47 27.85 11.67
C GLY B 251 27.75 27.14 12.10
N GLN B 252 27.86 26.82 13.39
CA GLN B 252 29.05 26.13 13.89
C GLN B 252 29.02 24.68 13.47
N LYS B 253 30.17 24.01 13.49
CA LYS B 253 30.20 22.62 13.06
C LYS B 253 29.74 21.70 14.18
N VAL B 254 28.91 20.73 13.81
CA VAL B 254 28.41 19.74 14.77
C VAL B 254 29.26 18.47 14.71
N GLY B 255 29.70 18.09 13.52
CA GLY B 255 30.56 16.93 13.37
C GLY B 255 30.88 16.62 11.93
N GLN B 256 31.93 15.82 11.72
CA GLN B 256 32.28 15.33 10.40
C GLN B 256 32.22 13.81 10.38
N PHE B 257 31.70 13.24 9.29
CA PHE B 257 31.54 11.80 9.19
C PHE B 257 32.02 11.30 7.84
N THR B 258 32.62 10.12 7.82
CA THR B 258 33.20 9.56 6.61
C THR B 258 32.73 8.15 6.35
N GLN B 259 32.79 7.76 5.08
CA GLN B 259 32.33 6.46 4.64
C GLN B 259 32.97 6.10 3.32
N ASP B 260 33.68 4.98 3.30
CA ASP B 260 34.27 4.47 2.08
C ASP B 260 33.36 3.39 1.52
N ALA B 261 33.34 3.26 0.20
CA ALA B 261 32.51 2.26 -0.43
C ALA B 261 33.02 1.94 -1.83
N VAL B 262 32.51 0.87 -2.40
CA VAL B 262 32.74 0.56 -3.79
C VAL B 262 31.38 0.56 -4.51
N VAL B 263 31.23 1.42 -5.50
CA VAL B 263 29.99 1.45 -6.27
C VAL B 263 30.07 0.50 -7.47
N ASP B 264 28.91 0.06 -7.94
CA ASP B 264 28.82 -0.82 -9.11
C ASP B 264 27.90 -0.19 -10.14
N PRO B 265 27.97 -0.66 -11.41
CA PRO B 265 27.10 -0.08 -12.45
C PRO B 265 25.64 -0.07 -12.04
N GLY B 266 24.99 1.09 -12.17
CA GLY B 266 23.62 1.24 -11.75
C GLY B 266 23.48 2.13 -10.52
N GLN B 267 22.48 1.83 -9.70
CA GLN B 267 22.17 2.66 -8.53
C GLN B 267 22.92 2.17 -7.29
N ASN B 268 23.41 3.10 -6.49
CA ASN B 268 24.12 2.78 -5.26
C ASN B 268 23.69 3.72 -4.14
N ARG B 269 23.49 3.19 -2.94
CA ARG B 269 23.23 4.09 -1.82
C ARG B 269 24.32 3.98 -0.76
N VAL B 270 24.79 5.13 -0.28
CA VAL B 270 25.79 5.17 0.77
C VAL B 270 25.20 5.90 1.96
N ASP B 271 25.09 5.19 3.09
CA ASP B 271 24.42 5.72 4.28
C ASP B 271 25.38 6.08 5.40
N LEU B 272 25.24 7.30 5.92
CA LEU B 272 26.04 7.73 7.06
C LEU B 272 25.15 8.04 8.26
N ALA B 273 25.29 7.23 9.32
CA ALA B 273 24.52 7.41 10.54
C ALA B 273 25.03 8.62 11.33
N VAL B 274 24.11 9.49 11.72
CA VAL B 274 24.44 10.67 12.51
C VAL B 274 23.49 10.81 13.68
N ARG B 275 24.03 10.95 14.88
CA ARG B 275 23.22 11.21 16.07
C ARG B 275 23.54 12.59 16.65
N ILE B 276 22.53 13.42 16.79
CA ILE B 276 22.69 14.76 17.33
C ILE B 276 22.08 14.85 18.72
N ALA B 277 22.94 15.02 19.72
CA ALA B 277 22.53 15.13 21.12
C ALA B 277 21.85 16.47 21.39
N ASN B 278 20.78 16.43 22.17
CA ASN B 278 19.98 17.63 22.48
C ASN B 278 19.78 18.54 21.29
N PRO B 279 19.15 18.00 20.23
CA PRO B 279 19.03 18.75 18.97
C PRO B 279 18.19 20.01 19.12
N LYS B 280 18.57 21.04 18.38
CA LYS B 280 17.76 22.24 18.28
C LYS B 280 16.71 21.99 17.20
N ARG B 281 15.55 21.51 17.63
CA ARG B 281 14.51 21.06 16.71
C ARG B 281 13.79 22.18 15.96
N TRP B 282 13.21 21.82 14.83
CA TRP B 282 12.39 22.72 14.02
C TRP B 282 10.95 22.73 14.53
N PHE B 283 10.45 23.91 14.85
CA PHE B 283 9.05 24.05 15.27
C PHE B 283 8.26 24.88 14.27
N PRO B 284 6.94 24.63 14.18
CA PRO B 284 6.12 25.51 13.34
C PRO B 284 5.94 26.87 14.00
N ALA B 285 5.53 27.86 13.20
CA ALA B 285 5.32 29.22 13.70
C ALA B 285 4.42 29.24 14.91
N GLY B 286 4.87 29.94 15.96
CA GLY B 286 4.10 30.09 17.17
C GLY B 286 4.43 29.07 18.25
N TYR B 287 5.31 28.12 17.91
CA TYR B 287 5.65 27.07 18.85
C TYR B 287 7.17 26.92 19.04
N GLY B 288 7.92 27.95 18.64
CA GLY B 288 9.36 27.94 18.84
C GLY B 288 10.14 28.45 17.63
N ALA B 289 11.41 28.09 17.58
CA ALA B 289 12.26 28.50 16.49
C ALA B 289 12.17 27.53 15.31
N GLN B 290 12.50 28.01 14.12
CA GLN B 290 12.55 27.17 12.94
C GLN B 290 13.98 26.76 12.68
N ASP B 291 14.64 26.25 13.72
CA ASP B 291 16.03 25.85 13.62
C ASP B 291 16.24 24.75 12.58
N ARG B 292 17.29 24.92 11.78
CA ARG B 292 17.63 23.97 10.73
C ARG B 292 19.12 23.66 10.72
N TYR B 293 19.46 22.41 10.49
CA TYR B 293 20.87 21.99 10.37
C TYR B 293 21.24 21.90 8.89
N THR B 294 22.53 22.04 8.60
CA THR B 294 23.01 21.92 7.23
C THR B 294 23.91 20.71 7.07
N PHE B 295 23.54 19.82 6.15
CA PHE B 295 24.31 18.62 5.86
C PHE B 295 25.04 18.76 4.54
N VAL B 296 26.37 18.73 4.59
CA VAL B 296 27.15 18.89 3.37
C VAL B 296 27.95 17.63 3.05
N ALA B 297 27.55 16.97 1.97
CA ALA B 297 28.21 15.73 1.54
C ALA B 297 29.08 15.98 0.32
N SER B 298 30.33 15.55 0.41
CA SER B 298 31.23 15.59 -0.73
C SER B 298 31.65 14.17 -1.09
N VAL B 299 31.60 13.87 -2.38
CA VAL B 299 31.86 12.52 -2.89
C VAL B 299 33.03 12.49 -3.84
N ARG B 300 34.08 11.77 -3.47
CA ARG B 300 35.24 11.60 -4.32
C ARG B 300 35.13 10.28 -5.07
N ASP B 301 35.00 10.34 -6.40
CA ASP B 301 34.81 9.11 -7.17
C ASP B 301 36.13 8.40 -7.40
N ALA B 302 36.09 7.35 -8.22
CA ALA B 302 37.25 6.52 -8.45
C ALA B 302 38.35 7.27 -9.19
N ASP B 303 37.95 8.27 -9.97
CA ASP B 303 38.90 9.09 -10.71
C ASP B 303 39.57 10.16 -9.84
N GLY B 304 39.08 10.32 -8.62
CA GLY B 304 39.60 11.32 -7.71
C GLY B 304 38.86 12.65 -7.81
N ASP B 305 37.79 12.66 -8.59
CA ASP B 305 36.97 13.86 -8.80
C ASP B 305 35.97 14.03 -7.67
N SER B 306 35.83 15.25 -7.16
CA SER B 306 34.91 15.50 -6.04
C SER B 306 33.64 16.26 -6.43
N GLN B 307 32.49 15.70 -6.05
CA GLN B 307 31.20 16.35 -6.23
C GLN B 307 30.60 16.64 -4.86
N GLN B 308 29.84 17.72 -4.75
CA GLN B 308 29.30 18.14 -3.47
C GLN B 308 27.80 18.36 -3.55
N ILE B 309 27.07 17.93 -2.51
CA ILE B 309 25.64 18.16 -2.46
C ILE B 309 25.23 18.58 -1.04
N LYS B 310 24.20 19.42 -0.95
CA LYS B 310 23.84 20.04 0.31
C LYS B 310 22.34 19.92 0.58
N ARG B 311 22.00 19.62 1.83
CA ARG B 311 20.61 19.64 2.27
C ARG B 311 20.46 20.44 3.57
N VAL B 312 19.51 21.36 3.55
CA VAL B 312 19.13 22.08 4.76
C VAL B 312 17.89 21.41 5.31
N THR B 313 17.98 20.91 6.53
CA THR B 313 16.85 20.17 7.07
C THR B 313 16.55 20.56 8.52
N GLY B 314 15.29 20.40 8.91
CA GLY B 314 14.85 20.69 10.25
C GLY B 314 14.46 19.41 10.96
N LEU B 315 15.04 19.19 12.14
CA LEU B 315 14.77 17.97 12.90
C LEU B 315 13.45 18.08 13.67
N ARG B 316 12.50 17.23 13.32
CA ARG B 316 11.15 17.34 13.86
C ARG B 316 10.49 15.96 13.82
N SER B 317 9.78 15.60 14.88
CA SER B 317 8.91 14.43 14.82
C SER B 317 7.51 14.83 14.42
N VAL B 318 6.90 14.01 13.57
CA VAL B 318 5.53 14.23 13.11
C VAL B 318 4.68 13.00 13.39
N GLU B 319 3.56 13.23 14.06
CA GLU B 319 2.61 12.17 14.37
C GLU B 319 1.20 12.60 14.02
N LEU B 320 0.46 11.75 13.30
CA LEU B 320 -0.95 12.01 13.07
C LEU B 320 -1.74 11.20 14.09
N ARG B 321 -2.09 11.86 15.19
CA ARG B 321 -2.71 11.17 16.32
C ARG B 321 -4.20 11.01 16.08
N ARG B 322 -4.67 9.77 16.13
CA ARG B 322 -6.09 9.47 15.98
C ARG B 322 -6.53 8.52 17.10
N GLU B 323 -6.98 9.11 18.20
CA GLU B 323 -7.37 8.33 19.37
C GLU B 323 -8.84 8.51 19.69
N LYS B 324 -9.47 7.43 20.18
CA LYS B 324 -10.88 7.47 20.52
C LYS B 324 -11.16 8.30 21.78
N ASP B 325 -12.21 9.12 21.71
CA ASP B 325 -12.68 9.89 22.85
C ASP B 325 -14.20 10.10 22.77
N ARG B 326 -14.70 11.06 23.54
CA ARG B 326 -16.14 11.32 23.65
C ARG B 326 -16.72 11.87 22.33
N PHE B 327 -15.85 12.44 21.51
CA PHE B 327 -16.29 13.00 20.23
C PHE B 327 -15.98 12.05 19.07
N GLY B 328 -15.69 10.80 19.37
CA GLY B 328 -15.40 9.81 18.34
C GLY B 328 -13.92 9.45 18.26
N LYS B 329 -13.29 9.80 17.15
CA LYS B 329 -11.87 9.54 16.99
C LYS B 329 -11.16 10.81 16.53
N SER B 330 -10.15 11.22 17.27
CA SER B 330 -9.51 12.51 17.02
C SER B 330 -8.71 12.51 15.73
N MET B 331 -8.40 13.72 15.26
CA MET B 331 -7.47 13.92 14.15
C MET B 331 -6.64 15.16 14.43
N GLU B 332 -5.41 14.94 14.87
CA GLU B 332 -4.57 16.04 15.27
C GLU B 332 -3.13 15.83 14.83
N ILE B 333 -2.54 16.89 14.30
CA ILE B 333 -1.15 16.86 13.94
C ILE B 333 -0.32 17.19 15.16
N VAL B 334 0.63 16.31 15.47
CA VAL B 334 1.49 16.47 16.62
C VAL B 334 2.93 16.67 16.18
N ILE B 335 3.47 17.85 16.44
CA ILE B 335 4.84 18.17 16.06
C ILE B 335 5.72 18.25 17.31
N ASN B 336 6.79 17.44 17.33
CA ASN B 336 7.67 17.35 18.50
C ASN B 336 6.93 17.09 19.80
N GLY B 337 5.89 16.25 19.74
CA GLY B 337 5.15 15.90 20.94
C GLY B 337 4.11 16.92 21.33
N ILE B 338 3.95 17.97 20.54
CA ILE B 338 2.97 19.02 20.81
C ILE B 338 1.77 18.93 19.87
N PRO B 339 0.58 18.73 20.44
CA PRO B 339 -0.66 18.77 19.66
C PRO B 339 -0.89 20.17 19.11
N ILE B 340 -0.75 20.35 17.79
CA ILE B 340 -0.92 21.66 17.16
C ILE B 340 -2.30 21.81 16.55
N PHE B 341 -3.11 22.72 17.09
CA PHE B 341 -4.34 23.08 16.42
C PHE B 341 -3.99 23.80 15.11
N ALA B 342 -4.31 23.18 13.99
CA ALA B 342 -3.96 23.74 12.70
C ALA B 342 -4.75 25.01 12.40
N LYS B 343 -4.02 26.11 12.20
CA LYS B 343 -4.63 27.39 11.85
C LYS B 343 -4.04 27.83 10.53
N GLY B 344 -4.88 27.89 9.51
CA GLY B 344 -4.40 28.29 8.20
C GLY B 344 -5.50 28.28 7.16
N ALA B 345 -5.11 27.89 5.95
CA ALA B 345 -6.03 27.98 4.81
C ALA B 345 -5.57 27.06 3.70
N ASN B 346 -6.35 27.01 2.63
CA ASN B 346 -6.02 26.21 1.46
C ASN B 346 -5.26 27.02 0.42
N LEU B 347 -4.15 26.45 -0.03
CA LEU B 347 -3.25 27.12 -0.97
C LEU B 347 -3.43 26.59 -2.39
N ILE B 348 -3.67 27.50 -3.32
CA ILE B 348 -3.83 27.13 -4.73
C ILE B 348 -2.64 27.71 -5.49
N PRO B 349 -2.49 27.40 -6.80
CA PRO B 349 -1.43 28.05 -7.59
C PRO B 349 -1.45 29.57 -7.48
N LEU B 350 -0.32 30.21 -7.69
CA LEU B 350 -0.24 31.65 -7.52
C LEU B 350 -0.59 32.37 -8.82
N ASP B 351 -0.78 31.62 -9.91
CA ASP B 351 -1.05 32.21 -11.22
C ASP B 351 -1.65 31.18 -12.18
N ALA B 352 -2.44 31.63 -13.14
CA ALA B 352 -2.98 30.75 -14.18
C ALA B 352 -1.84 30.26 -15.07
N PHE B 353 -0.76 31.04 -15.11
CA PHE B 353 0.46 30.65 -15.80
C PHE B 353 1.58 30.49 -14.79
N PRO B 354 1.77 29.27 -14.28
CA PRO B 354 2.69 29.00 -13.16
C PRO B 354 4.16 29.28 -13.46
N ALA B 355 4.57 29.20 -14.72
CA ALA B 355 5.99 29.32 -15.06
C ALA B 355 6.52 30.74 -14.87
N ARG B 356 5.63 31.71 -14.82
CA ARG B 356 6.05 33.10 -14.72
C ARG B 356 6.06 33.63 -13.28
N VAL B 357 5.71 32.79 -12.31
CA VAL B 357 5.67 33.21 -10.91
C VAL B 357 7.06 33.52 -10.36
N THR B 358 7.23 34.72 -9.82
CA THR B 358 8.52 35.14 -9.27
C THR B 358 8.75 34.59 -7.87
N HIS B 359 10.01 34.63 -7.42
CA HIS B 359 10.33 34.22 -6.06
C HIS B 359 9.66 35.15 -5.06
N GLU B 360 9.63 36.45 -5.38
CA GLU B 360 9.04 37.45 -4.50
C GLU B 360 7.57 37.17 -4.22
N ARG B 361 6.85 36.72 -5.24
CA ARG B 361 5.44 36.40 -5.04
C ARG B 361 5.29 35.13 -4.21
N MET B 362 6.18 34.16 -4.41
CA MET B 362 6.18 32.95 -3.61
C MET B 362 6.35 33.29 -2.13
N ARG B 363 7.32 34.14 -1.84
CA ARG B 363 7.62 34.49 -0.46
C ARG B 363 6.50 35.31 0.18
N SER B 364 5.97 36.29 -0.52
CA SER B 364 4.96 37.16 0.08
C SER B 364 3.66 36.39 0.34
N THR B 365 3.39 35.34 -0.44
CA THR B 365 2.22 34.50 -0.19
C THR B 365 2.36 33.81 1.15
N LEU B 366 3.52 33.21 1.39
CA LEU B 366 3.77 32.54 2.66
C LEU B 366 3.90 33.55 3.79
N GLN B 367 4.53 34.69 3.49
CA GLN B 367 4.68 35.75 4.47
C GLN B 367 3.31 36.27 4.90
N ASP B 368 2.39 36.34 3.94
CA ASP B 368 0.99 36.68 4.24
C ASP B 368 0.41 35.73 5.28
N ALA B 369 0.60 34.44 5.04
CA ALA B 369 0.08 33.41 5.94
C ALA B 369 0.68 33.57 7.34
N ARG B 370 2.00 33.72 7.39
CA ARG B 370 2.70 33.89 8.67
C ARG B 370 2.19 35.11 9.42
N ASP B 371 1.95 36.20 8.70
CA ASP B 371 1.47 37.44 9.31
C ASP B 371 0.06 37.31 9.89
N ALA B 372 -0.74 36.40 9.36
CA ALA B 372 -2.09 36.20 9.87
C ALA B 372 -2.10 35.10 10.93
N ASN B 373 -0.95 34.84 11.54
CA ASN B 373 -0.82 33.86 12.61
C ASN B 373 -1.18 32.45 12.18
N MET B 374 -1.00 32.15 10.89
CA MET B 374 -1.24 30.79 10.41
C MET B 374 -0.04 29.89 10.71
N ASN B 375 -0.28 28.59 10.84
CA ASN B 375 0.83 27.65 11.01
C ASN B 375 0.79 26.51 9.98
N MET B 376 -0.21 26.53 9.11
CA MET B 376 -0.35 25.49 8.10
C MET B 376 -1.10 25.96 6.84
N LEU B 377 -0.57 25.58 5.68
CA LEU B 377 -1.29 25.71 4.42
C LEU B 377 -1.50 24.31 3.84
N ARG B 378 -2.69 24.06 3.30
CA ARG B 378 -2.92 22.84 2.55
C ARG B 378 -2.73 23.15 1.07
N MET B 379 -1.74 22.53 0.44
CA MET B 379 -1.55 22.72 -0.98
C MET B 379 -2.52 21.80 -1.73
N TRP B 380 -3.63 22.41 -2.14
CA TRP B 380 -4.78 21.71 -2.72
C TRP B 380 -4.44 20.93 -4.00
N GLY B 381 -5.03 19.74 -4.14
CA GLY B 381 -4.65 18.80 -5.17
C GLY B 381 -5.06 19.17 -6.58
N GLY B 382 -5.79 20.27 -6.74
CA GLY B 382 -6.20 20.68 -8.07
C GLY B 382 -5.16 21.56 -8.76
N GLY B 383 -4.05 21.82 -8.07
CA GLY B 383 -3.06 22.72 -8.61
C GLY B 383 -1.83 22.01 -9.17
N HIS B 384 -0.66 22.46 -8.74
CA HIS B 384 0.60 21.82 -9.13
C HIS B 384 1.52 21.82 -7.94
N TYR B 385 2.44 20.85 -7.89
CA TYR B 385 3.48 20.82 -6.86
C TYR B 385 4.32 22.09 -6.98
N GLN B 386 4.58 22.75 -5.87
CA GLN B 386 5.24 24.06 -5.93
C GLN B 386 6.73 24.00 -6.23
N ASP B 387 7.28 25.18 -6.49
CA ASP B 387 8.70 25.38 -6.77
C ASP B 387 9.52 25.06 -5.52
N ASP B 388 10.77 24.63 -5.72
CA ASP B 388 11.67 24.37 -4.60
C ASP B 388 11.73 25.56 -3.63
N TYR B 389 11.89 26.76 -4.21
CA TYR B 389 12.03 27.98 -3.41
C TYR B 389 10.88 28.20 -2.44
N PHE B 390 9.67 27.88 -2.89
CA PHE B 390 8.47 28.01 -2.06
C PHE B 390 8.59 27.18 -0.79
N TYR B 391 9.02 25.91 -0.92
CA TYR B 391 9.14 25.05 0.25
C TYR B 391 10.25 25.53 1.18
N ASP B 392 11.31 26.10 0.61
CA ASP B 392 12.38 26.68 1.41
C ASP B 392 11.87 27.78 2.34
N VAL B 393 11.06 28.68 1.78
CA VAL B 393 10.50 29.77 2.58
C VAL B 393 9.55 29.22 3.66
N ALA B 394 8.78 28.20 3.30
CA ALA B 394 7.88 27.56 4.26
C ALA B 394 8.67 26.99 5.42
N ASP B 395 9.78 26.33 5.11
CA ASP B 395 10.70 25.86 6.14
C ASP B 395 11.12 27.03 7.02
N GLU B 396 11.51 28.13 6.37
CA GLU B 396 12.04 29.29 7.07
C GLU B 396 11.00 29.98 7.95
N LEU B 397 9.78 30.13 7.45
CA LEU B 397 8.76 30.87 8.18
C LEU B 397 7.99 29.98 9.14
N GLY B 398 8.21 28.68 9.05
CA GLY B 398 7.54 27.73 9.91
C GLY B 398 6.08 27.51 9.55
N ILE B 399 5.76 27.63 8.26
CA ILE B 399 4.42 27.31 7.78
C ILE B 399 4.37 25.84 7.36
N MET B 400 3.64 25.03 8.13
CA MET B 400 3.50 23.61 7.80
C MET B 400 2.77 23.42 6.49
N ILE B 401 3.18 22.43 5.71
CA ILE B 401 2.51 22.15 4.45
C ILE B 401 1.78 20.81 4.48
N TRP B 402 0.46 20.89 4.31
CA TRP B 402 -0.36 19.74 4.00
C TRP B 402 -0.29 19.57 2.48
N GLN B 403 0.45 18.57 2.01
CA GLN B 403 0.72 18.41 0.58
C GLN B 403 -0.16 17.36 -0.07
N ASP B 404 -1.18 17.81 -0.80
CA ASP B 404 -1.97 16.93 -1.67
C ASP B 404 -1.12 16.48 -2.83
N PHE B 405 -1.32 15.25 -3.28
CA PHE B 405 -0.88 14.89 -4.62
C PHE B 405 -1.88 15.54 -5.59
N MET B 406 -1.46 15.79 -6.83
CA MET B 406 -2.27 16.67 -7.68
C MET B 406 -3.43 15.95 -8.37
N PHE B 407 -4.38 15.51 -7.55
CA PHE B 407 -5.68 15.03 -8.00
C PHE B 407 -6.76 15.90 -7.36
N GLY B 408 -7.58 16.53 -8.19
CA GLY B 408 -8.47 17.58 -7.73
C GLY B 408 -9.89 17.18 -7.41
N GLY B 409 -10.25 15.93 -7.71
CA GLY B 409 -11.60 15.46 -7.43
C GLY B 409 -12.19 14.53 -8.48
N ALA B 410 -11.64 14.57 -9.69
CA ALA B 410 -12.11 13.70 -10.77
C ALA B 410 -11.85 12.25 -10.43
N VAL B 411 -12.74 11.37 -10.91
CA VAL B 411 -12.60 9.93 -10.72
C VAL B 411 -11.59 9.39 -11.72
N PRO B 412 -10.44 8.92 -11.22
CA PRO B 412 -9.37 8.43 -12.12
C PRO B 412 -9.71 7.14 -12.84
N PRO B 413 -9.16 6.95 -14.04
CA PRO B 413 -9.27 5.67 -14.76
C PRO B 413 -8.49 4.59 -14.00
N TYR B 414 -8.85 3.33 -14.18
CA TYR B 414 -8.19 2.26 -13.43
C TYR B 414 -7.15 1.46 -14.23
N ASP B 415 -6.78 1.95 -15.42
CA ASP B 415 -5.78 1.23 -16.22
C ASP B 415 -4.39 1.28 -15.59
N VAL B 416 -3.65 0.20 -15.77
CA VAL B 416 -2.31 0.06 -15.23
C VAL B 416 -1.36 1.18 -15.68
N GLU B 417 -1.47 1.58 -16.94
CA GLU B 417 -0.58 2.58 -17.48
C GLU B 417 -0.73 3.92 -16.77
N PHE B 418 -1.96 4.32 -16.52
CA PHE B 418 -2.22 5.56 -15.80
C PHE B 418 -1.65 5.48 -14.39
N ARG B 419 -1.88 4.34 -13.74
CA ARG B 419 -1.39 4.14 -12.38
C ARG B 419 0.14 4.24 -12.30
N GLU B 420 0.83 3.57 -13.22
CA GLU B 420 2.29 3.55 -13.18
C GLU B 420 2.90 4.88 -13.57
N ASN B 421 2.25 5.59 -14.49
CA ASN B 421 2.63 6.96 -14.80
C ASN B 421 2.53 7.84 -13.55
N THR B 422 1.41 7.70 -12.83
CA THR B 422 1.21 8.49 -11.63
C THR B 422 2.19 8.09 -10.52
N ARG B 423 2.53 6.80 -10.42
CA ARG B 423 3.46 6.33 -9.39
C ARG B 423 4.82 7.00 -9.53
N GLN B 424 5.32 7.07 -10.75
CA GLN B 424 6.62 7.64 -11.03
C GLN B 424 6.64 9.13 -10.69
N GLU B 425 5.52 9.78 -10.96
CA GLU B 425 5.31 11.18 -10.58
C GLU B 425 5.38 11.35 -9.06
N ALA B 426 4.68 10.48 -8.35
CA ALA B 426 4.63 10.52 -6.89
C ALA B 426 6.02 10.30 -6.31
N ILE B 427 6.74 9.35 -6.87
CA ILE B 427 8.09 9.04 -6.42
C ILE B 427 9.04 10.23 -6.57
N GLU B 428 8.98 10.91 -7.72
CA GLU B 428 9.88 12.02 -8.00
C GLU B 428 9.55 13.25 -7.16
N GLN B 429 8.26 13.50 -6.96
CA GLN B 429 7.83 14.64 -6.16
C GLN B 429 8.16 14.44 -4.68
N VAL B 430 7.94 13.23 -4.17
CA VAL B 430 8.24 12.95 -2.78
C VAL B 430 9.76 12.99 -2.54
N LYS B 431 10.52 12.44 -3.48
CA LYS B 431 11.98 12.51 -3.39
C LYS B 431 12.45 13.96 -3.41
N ARG B 432 11.77 14.81 -4.18
CA ARG B 432 12.16 16.21 -4.31
C ARG B 432 11.84 17.03 -3.06
N LEU B 433 10.72 16.71 -2.41
CA LEU B 433 10.19 17.57 -1.36
C LEU B 433 10.42 17.09 0.08
N ARG B 434 10.85 15.84 0.23
CA ARG B 434 10.86 15.19 1.54
C ARG B 434 11.73 15.87 2.59
N ASP B 435 12.87 16.44 2.19
CA ASP B 435 13.80 17.02 3.16
C ASP B 435 13.35 18.39 3.67
N HIS B 436 12.23 18.89 3.17
CA HIS B 436 11.66 20.12 3.71
C HIS B 436 10.88 19.81 4.98
N PRO B 437 11.36 20.30 6.14
CA PRO B 437 10.71 20.05 7.42
C PRO B 437 9.26 20.55 7.47
N SER B 438 8.95 21.58 6.70
CA SER B 438 7.60 22.13 6.67
C SER B 438 6.58 21.16 6.07
N LEU B 439 7.04 20.23 5.24
CA LEU B 439 6.13 19.24 4.67
C LEU B 439 5.86 18.17 5.72
N VAL B 440 4.66 18.20 6.30
CA VAL B 440 4.36 17.36 7.44
C VAL B 440 3.30 16.30 7.18
N LEU B 441 2.64 16.42 6.02
CA LEU B 441 1.61 15.46 5.66
C LEU B 441 1.45 15.33 4.15
N TRP B 442 1.30 14.10 3.68
CA TRP B 442 0.97 13.84 2.29
C TRP B 442 -0.47 13.37 2.20
N CYS B 443 -1.21 13.86 1.21
CA CYS B 443 -2.61 13.50 1.03
C CYS B 443 -2.87 13.06 -0.41
N GLY B 444 -3.59 11.95 -0.57
CA GLY B 444 -3.79 11.34 -1.86
C GLY B 444 -4.45 12.22 -2.90
N ASN B 445 -5.48 12.95 -2.48
CA ASN B 445 -6.25 13.78 -3.41
C ASN B 445 -7.18 14.75 -2.70
N ASN B 446 -7.80 15.61 -3.49
CA ASN B 446 -8.87 16.45 -2.99
C ASN B 446 -10.24 15.91 -3.37
N ALA B 447 -10.99 15.51 -2.34
CA ALA B 447 -12.44 15.28 -2.42
C ALA B 447 -12.91 14.14 -3.32
N VAL B 448 -12.01 13.26 -3.75
CA VAL B 448 -12.44 12.18 -4.66
C VAL B 448 -13.46 11.25 -4.02
N GLN B 449 -13.19 10.79 -2.80
CA GLN B 449 -14.10 9.85 -2.14
C GLN B 449 -15.42 10.51 -1.77
N THR B 450 -15.37 11.72 -1.21
CA THR B 450 -16.60 12.37 -0.76
C THR B 450 -17.48 12.74 -1.97
N GLY B 451 -16.85 12.97 -3.12
CA GLY B 451 -17.59 13.20 -4.35
C GLY B 451 -18.31 11.94 -4.80
N TRP B 452 -17.60 10.82 -4.76
CA TRP B 452 -18.12 9.52 -5.12
C TRP B 452 -19.31 9.11 -4.26
N GLU B 453 -19.33 9.58 -3.02
CA GLU B 453 -20.35 9.17 -2.06
C GLU B 453 -21.50 10.17 -1.93
N ASN B 454 -21.25 11.44 -2.26
CA ASN B 454 -22.24 12.46 -1.96
C ASN B 454 -22.66 13.37 -3.12
N TRP B 455 -21.82 13.52 -4.14
CA TRP B 455 -22.15 14.38 -5.27
C TRP B 455 -23.09 13.66 -6.25
N GLY B 456 -24.21 14.32 -6.57
CA GLY B 456 -25.24 13.73 -7.41
C GLY B 456 -24.78 13.10 -8.72
N ASP B 457 -23.89 13.78 -9.44
CA ASP B 457 -23.42 13.26 -10.71
C ASP B 457 -22.64 11.96 -10.52
N ARG B 458 -21.85 11.90 -9.45
CA ARG B 458 -21.09 10.69 -9.15
C ARG B 458 -22.01 9.54 -8.72
N VAL B 459 -22.97 9.86 -7.86
CA VAL B 459 -23.88 8.86 -7.32
C VAL B 459 -24.67 8.23 -8.46
N LYS B 460 -25.16 9.07 -9.36
CA LYS B 460 -25.93 8.60 -10.50
C LYS B 460 -25.06 7.79 -11.46
N PHE B 461 -23.82 8.23 -11.64
CA PHE B 461 -22.90 7.55 -12.54
C PHE B 461 -22.59 6.13 -12.08
N LYS B 462 -22.22 5.98 -10.82
CA LYS B 462 -21.77 4.69 -10.31
C LYS B 462 -22.91 3.68 -10.25
N GLN B 463 -24.13 4.17 -10.24
CA GLN B 463 -25.29 3.29 -10.23
C GLN B 463 -25.81 3.01 -11.64
N SER B 464 -25.24 3.69 -12.64
CA SER B 464 -25.67 3.51 -14.01
C SER B 464 -24.86 2.41 -14.71
N VAL B 465 -23.60 2.26 -14.35
CA VAL B 465 -22.79 1.18 -14.91
C VAL B 465 -23.15 -0.14 -14.23
N ASP B 466 -22.76 -1.25 -14.84
CA ASP B 466 -22.93 -2.57 -14.22
C ASP B 466 -22.11 -2.60 -12.92
N PRO B 467 -22.68 -3.22 -11.87
CA PRO B 467 -22.00 -3.36 -10.58
C PRO B 467 -20.54 -3.87 -10.67
N GLU B 468 -20.25 -4.75 -11.64
CA GLU B 468 -18.89 -5.24 -11.82
C GLU B 468 -17.96 -4.14 -12.32
N GLU B 469 -18.50 -3.23 -13.15
CA GLU B 469 -17.73 -2.09 -13.62
C GLU B 469 -17.46 -1.10 -12.48
N ARG B 470 -18.47 -0.93 -11.63
CA ARG B 470 -18.34 -0.07 -10.45
C ARG B 470 -17.23 -0.58 -9.54
N THR B 471 -17.16 -1.90 -9.36
CA THR B 471 -16.12 -2.51 -8.54
C THR B 471 -14.74 -2.24 -9.14
N ARG B 472 -14.63 -2.31 -10.46
CA ARG B 472 -13.37 -2.05 -11.14
C ARG B 472 -12.89 -0.63 -10.89
N ILE B 473 -13.80 0.33 -11.04
CA ILE B 473 -13.47 1.74 -10.83
C ILE B 473 -13.16 2.03 -9.37
N GLU B 474 -13.95 1.48 -8.46
CA GLU B 474 -13.69 1.70 -7.04
C GLU B 474 -12.36 1.04 -6.64
N ARG B 475 -12.06 -0.12 -7.24
CA ARG B 475 -10.80 -0.79 -6.98
C ARG B 475 -9.62 0.06 -7.42
N GLY B 476 -9.74 0.69 -8.59
CA GLY B 476 -8.72 1.58 -9.11
C GLY B 476 -8.39 2.74 -8.19
N MET B 477 -9.41 3.40 -7.68
CA MET B 477 -9.25 4.50 -6.72
C MET B 477 -8.61 4.06 -5.40
N THR B 478 -9.08 2.93 -4.86
CA THR B 478 -8.56 2.42 -3.59
C THR B 478 -7.07 2.07 -3.74
N THR B 479 -6.70 1.53 -4.90
CA THR B 479 -5.33 1.15 -5.16
C THR B 479 -4.43 2.38 -5.34
N LEU B 480 -4.89 3.34 -6.14
CA LEU B 480 -4.11 4.53 -6.43
C LEU B 480 -3.93 5.39 -5.19
N PHE B 481 -5.04 5.67 -4.50
CA PHE B 481 -5.01 6.61 -3.39
C PHE B 481 -4.73 5.95 -2.03
N GLY B 482 -4.90 4.64 -1.94
CA GLY B 482 -4.71 3.93 -0.69
C GLY B 482 -3.47 3.05 -0.63
N THR B 483 -3.01 2.59 -1.79
CA THR B 483 -1.85 1.70 -1.85
C THR B 483 -0.63 2.41 -2.44
N VAL B 484 -0.75 2.85 -3.69
CA VAL B 484 0.36 3.42 -4.43
C VAL B 484 0.97 4.65 -3.77
N PHE B 485 0.17 5.70 -3.57
CA PHE B 485 0.68 6.91 -2.93
C PHE B 485 1.21 6.63 -1.53
N ARG B 486 0.52 5.76 -0.80
CA ARG B 486 0.91 5.44 0.57
C ARG B 486 2.26 4.74 0.59
N GLU B 487 2.48 3.84 -0.36
CA GLU B 487 3.74 3.10 -0.46
C GLU B 487 4.91 4.03 -0.79
N VAL B 488 4.67 4.97 -1.71
CA VAL B 488 5.72 5.92 -2.07
C VAL B 488 6.14 6.71 -0.84
N VAL B 489 5.17 7.23 -0.09
CA VAL B 489 5.49 7.99 1.12
C VAL B 489 6.20 7.10 2.16
N ALA B 490 5.67 5.91 2.39
CA ALA B 490 6.27 4.99 3.37
C ALA B 490 7.71 4.57 3.00
N THR B 491 8.01 4.58 1.71
CA THR B 491 9.33 4.15 1.23
C THR B 491 10.36 5.28 1.27
N TYR B 492 9.95 6.48 0.87
CA TYR B 492 10.88 7.57 0.65
C TYR B 492 10.80 8.72 1.66
N ASP B 493 9.73 8.77 2.45
CA ASP B 493 9.59 9.84 3.45
C ASP B 493 8.84 9.29 4.66
N SER B 494 9.38 8.25 5.27
CA SER B 494 8.62 7.40 6.18
C SER B 494 8.31 8.00 7.55
N ASP B 495 8.89 9.16 7.83
CA ASP B 495 8.65 9.77 9.14
C ASP B 495 7.45 10.71 9.12
N VAL B 496 6.82 10.88 7.95
CA VAL B 496 5.61 11.70 7.87
C VAL B 496 4.38 10.86 7.51
N PRO B 497 3.21 11.24 8.05
CA PRO B 497 1.98 10.47 7.81
C PRO B 497 1.41 10.64 6.40
N TYR B 498 0.62 9.65 5.98
CA TYR B 498 -0.10 9.74 4.73
C TYR B 498 -1.60 9.74 4.99
N TRP B 499 -2.34 10.39 4.11
CA TRP B 499 -3.79 10.54 4.25
C TRP B 499 -4.41 10.30 2.88
N ALA B 500 -5.29 9.30 2.77
CA ALA B 500 -5.78 8.86 1.47
C ALA B 500 -6.53 9.96 0.70
N THR B 501 -7.34 10.74 1.41
CA THR B 501 -8.18 11.71 0.73
C THR B 501 -8.73 12.77 1.70
N SER B 502 -8.85 14.01 1.21
CA SER B 502 -9.42 15.10 1.99
C SER B 502 -10.71 15.61 1.37
N PRO B 503 -11.85 15.46 2.09
CA PRO B 503 -11.97 14.93 3.45
C PRO B 503 -12.17 13.41 3.48
N GLY B 504 -11.88 12.79 4.61
CA GLY B 504 -12.05 11.36 4.72
C GLY B 504 -11.51 10.79 6.01
N THR B 505 -11.56 9.46 6.09
CA THR B 505 -11.08 8.74 7.25
C THR B 505 -10.01 7.73 6.84
N ASP B 506 -9.21 8.09 5.85
CA ASP B 506 -8.10 7.27 5.36
C ASP B 506 -8.58 5.90 4.88
N PHE B 507 -9.77 5.90 4.29
CA PHE B 507 -10.44 4.69 3.77
C PHE B 507 -10.82 3.69 4.88
N ASP B 508 -10.77 4.11 6.15
CA ASP B 508 -11.27 3.25 7.24
C ASP B 508 -12.77 3.08 7.08
N GLY B 509 -13.41 4.18 6.70
CA GLY B 509 -14.84 4.19 6.42
C GLY B 509 -15.21 5.31 5.46
N ALA B 510 -16.43 5.81 5.60
CA ALA B 510 -16.94 6.89 4.74
C ALA B 510 -16.17 8.20 4.91
N ALA B 511 -16.30 9.07 3.92
CA ALA B 511 -15.64 10.36 3.96
C ALA B 511 -16.54 11.42 4.55
N ASP B 512 -15.93 12.58 4.81
CA ASP B 512 -16.61 13.75 5.37
C ASP B 512 -17.51 13.44 6.57
N GLN B 513 -16.92 12.90 7.63
CA GLN B 513 -17.66 12.66 8.87
C GLN B 513 -17.31 13.70 9.93
N THR B 514 -18.14 13.79 10.97
CA THR B 514 -17.92 14.78 12.02
C THR B 514 -17.20 14.22 13.23
N ASN B 515 -17.13 12.89 13.33
CA ASN B 515 -16.55 12.24 14.50
C ASN B 515 -15.34 11.36 14.17
N ASP B 516 -14.75 11.58 13.00
CA ASP B 516 -13.60 10.82 12.54
C ASP B 516 -13.04 11.49 11.28
N GLY B 517 -11.73 11.70 11.25
CA GLY B 517 -11.08 12.31 10.10
C GLY B 517 -11.41 13.78 9.92
N ASP B 518 -11.21 14.28 8.71
CA ASP B 518 -11.42 15.69 8.42
C ASP B 518 -12.68 15.90 7.57
N MET B 519 -13.09 17.16 7.46
CA MET B 519 -14.33 17.54 6.80
C MET B 519 -14.17 18.76 5.89
N HIS B 520 -14.83 18.71 4.72
CA HIS B 520 -15.04 19.89 3.90
C HIS B 520 -16.49 20.34 4.03
N TYR B 521 -16.75 21.38 4.81
CA TYR B 521 -18.13 21.80 5.04
C TYR B 521 -18.53 22.92 4.08
N TRP B 522 -19.52 22.64 3.24
CA TRP B 522 -19.92 23.58 2.21
C TRP B 522 -21.43 23.79 2.11
N LYS B 523 -22.17 23.41 3.16
CA LYS B 523 -23.59 23.69 3.19
C LYS B 523 -23.82 25.17 3.51
N VAL B 524 -22.77 25.83 4.01
CA VAL B 524 -22.72 27.29 4.00
C VAL B 524 -21.97 27.69 2.74
N TRP B 525 -22.53 28.67 2.03
CA TRP B 525 -22.16 29.10 0.67
C TRP B 525 -22.73 28.17 -0.40
N GLY B 526 -22.32 26.90 -0.40
CA GLY B 526 -22.80 25.95 -1.39
C GLY B 526 -24.09 25.28 -0.95
N GLY B 527 -24.59 24.37 -1.78
CA GLY B 527 -25.77 23.59 -1.48
C GLY B 527 -26.97 24.44 -1.09
N PRO B 528 -27.53 24.19 0.11
CA PRO B 528 -28.71 24.91 0.60
C PRO B 528 -28.41 26.37 0.96
N ALA B 529 -27.13 26.74 0.94
CA ALA B 529 -26.68 28.11 1.24
C ALA B 529 -27.23 28.61 2.56
N LEU B 530 -27.00 27.84 3.62
CA LEU B 530 -27.49 28.16 4.96
C LEU B 530 -26.85 29.45 5.50
N PRO B 531 -27.53 30.11 6.46
CA PRO B 531 -26.95 31.31 7.08
C PRO B 531 -25.64 31.00 7.80
N VAL B 532 -24.78 32.00 7.94
CA VAL B 532 -23.44 31.78 8.49
C VAL B 532 -23.44 31.30 9.94
N THR B 533 -24.51 31.58 10.69
CA THR B 533 -24.57 31.13 12.08
C THR B 533 -24.64 29.60 12.16
N GLU B 534 -24.95 28.96 11.04
CA GLU B 534 -24.97 27.50 10.99
C GLU B 534 -23.58 26.91 11.24
N TYR B 535 -22.54 27.72 11.02
CA TYR B 535 -21.17 27.32 11.35
C TYR B 535 -21.04 26.88 12.80
N LEU B 536 -21.87 27.45 13.66
CA LEU B 536 -21.83 27.15 15.09
C LEU B 536 -22.38 25.76 15.39
N ASN B 537 -23.03 25.16 14.42
CA ASN B 537 -23.65 23.85 14.60
C ASN B 537 -22.83 22.71 14.01
N VAL B 538 -21.69 23.04 13.40
CA VAL B 538 -20.87 22.05 12.74
C VAL B 538 -19.47 21.98 13.36
N THR B 539 -19.15 20.84 13.96
CA THR B 539 -17.88 20.71 14.66
C THR B 539 -17.21 19.36 14.41
N PRO B 540 -16.52 19.23 13.27
CA PRO B 540 -15.81 17.98 12.93
C PRO B 540 -14.51 17.89 13.69
N ARG B 541 -13.82 16.76 13.62
CA ARG B 541 -12.56 16.62 14.35
C ARG B 541 -11.49 17.50 13.73
N PHE B 542 -11.63 17.78 12.43
CA PHE B 542 -10.70 18.64 11.70
C PHE B 542 -11.41 19.23 10.48
N MET B 543 -11.40 20.55 10.37
CA MET B 543 -12.07 21.22 9.25
C MET B 543 -11.05 21.71 8.22
N SER B 544 -10.95 21.00 7.09
CA SER B 544 -9.92 21.27 6.11
C SER B 544 -10.39 22.15 4.94
N GLU B 545 -11.71 22.34 4.85
CA GLU B 545 -12.29 23.26 3.87
C GLU B 545 -13.62 23.85 4.37
N TYR B 546 -13.77 25.16 4.15
CA TYR B 546 -15.01 25.91 4.36
C TYR B 546 -14.72 27.34 3.92
N GLY B 547 -15.73 28.06 3.44
CA GLY B 547 -15.48 29.41 2.99
C GLY B 547 -16.64 30.23 2.45
N LEU B 548 -16.35 31.50 2.20
CA LEU B 548 -17.29 32.46 1.65
C LEU B 548 -16.60 33.27 0.57
N GLN B 549 -17.34 33.70 -0.45
CA GLN B 549 -16.74 34.42 -1.57
C GLN B 549 -16.74 35.93 -1.35
N SER B 550 -15.83 36.63 -2.01
CA SER B 550 -15.84 38.09 -1.99
C SER B 550 -15.03 38.62 -3.17
N PHE B 551 -15.17 39.92 -3.42
CA PHE B 551 -14.43 40.58 -4.48
C PHE B 551 -13.04 40.98 -3.99
N PRO B 552 -12.09 41.09 -4.93
CA PRO B 552 -10.75 41.56 -4.60
C PRO B 552 -10.73 43.06 -4.32
N ASP B 553 -9.56 43.60 -4.02
CA ASP B 553 -9.41 45.02 -3.74
C ASP B 553 -9.83 45.88 -4.92
N MET B 554 -10.29 47.09 -4.65
CA MET B 554 -10.73 48.00 -5.70
C MET B 554 -9.62 48.29 -6.72
N ARG B 555 -8.37 48.38 -6.26
CA ARG B 555 -7.23 48.56 -7.16
C ARG B 555 -7.12 47.38 -8.13
N THR B 556 -7.38 46.17 -7.61
CA THR B 556 -7.35 44.96 -8.43
C THR B 556 -8.52 44.94 -9.39
N VAL B 557 -9.68 45.39 -8.92
CA VAL B 557 -10.86 45.51 -9.76
C VAL B 557 -10.61 46.47 -10.91
N ARG B 558 -10.02 47.63 -10.60
CA ARG B 558 -9.70 48.62 -11.62
C ARG B 558 -8.61 48.09 -12.57
N ALA B 559 -7.92 47.04 -12.15
CA ALA B 559 -6.85 46.47 -12.96
C ALA B 559 -7.39 45.62 -14.12
N PHE B 560 -8.55 45.00 -13.95
CA PHE B 560 -9.10 44.15 -15.02
C PHE B 560 -10.37 44.72 -15.63
N ALA B 561 -10.86 45.84 -15.08
CA ALA B 561 -12.12 46.41 -15.55
C ALA B 561 -12.03 47.93 -15.79
N GLU B 562 -12.81 48.39 -16.76
CA GLU B 562 -12.94 49.81 -17.10
C GLU B 562 -14.09 50.40 -16.28
N PRO B 563 -14.13 51.75 -16.15
CA PRO B 563 -15.20 52.40 -15.39
C PRO B 563 -16.62 52.01 -15.82
N GLY B 564 -16.83 51.79 -17.11
CA GLY B 564 -18.12 51.38 -17.63
C GLY B 564 -18.48 49.95 -17.29
N ASP B 565 -17.53 49.21 -16.72
CA ASP B 565 -17.74 47.81 -16.33
C ASP B 565 -18.14 47.66 -14.87
N MET B 566 -18.05 48.74 -14.10
CA MET B 566 -18.20 48.67 -12.64
C MET B 566 -19.63 48.38 -12.18
N ASP B 567 -20.07 47.14 -12.43
CA ASP B 567 -21.39 46.66 -12.04
C ASP B 567 -21.34 45.14 -11.99
N PRO B 568 -21.76 44.54 -10.86
CA PRO B 568 -21.69 43.08 -10.67
C PRO B 568 -22.33 42.26 -11.79
N GLU B 569 -23.29 42.85 -12.49
CA GLU B 569 -24.02 42.16 -13.54
C GLU B 569 -23.48 42.48 -14.95
N SER B 570 -22.44 43.33 -15.02
CA SER B 570 -21.86 43.66 -16.30
C SER B 570 -21.23 42.42 -16.93
N PRO B 571 -21.11 42.40 -18.26
CA PRO B 571 -20.49 41.24 -18.92
C PRO B 571 -19.07 40.99 -18.42
N VAL B 572 -18.31 42.07 -18.20
CA VAL B 572 -16.95 41.93 -17.73
C VAL B 572 -16.90 41.34 -16.32
N MET B 573 -17.73 41.85 -15.42
CA MET B 573 -17.74 41.35 -14.04
C MET B 573 -18.24 39.91 -13.96
N ARG B 574 -19.18 39.56 -14.83
CA ARG B 574 -19.72 38.20 -14.87
C ARG B 574 -18.63 37.21 -15.29
N VAL B 575 -17.79 37.64 -16.23
CA VAL B 575 -16.65 36.83 -16.65
C VAL B 575 -15.73 36.55 -15.47
N HIS B 576 -15.61 37.51 -14.56
CA HIS B 576 -14.67 37.32 -13.46
C HIS B 576 -15.35 36.74 -12.23
N GLN B 577 -16.61 36.36 -12.39
CA GLN B 577 -17.34 35.60 -11.38
C GLN B 577 -17.53 34.18 -11.92
N LYS B 578 -16.78 33.23 -11.38
CA LYS B 578 -16.72 31.89 -11.95
C LYS B 578 -17.57 30.86 -11.18
N PHE B 579 -18.13 31.26 -10.05
CA PHE B 579 -18.95 30.33 -9.29
C PHE B 579 -20.26 30.06 -10.02
N ASP B 580 -20.71 28.80 -9.97
CA ASP B 580 -22.01 28.40 -10.52
C ASP B 580 -22.21 28.79 -11.99
N LYS B 581 -21.21 28.47 -12.81
CA LYS B 581 -21.29 28.69 -14.25
C LYS B 581 -21.66 30.13 -14.62
N GLY B 582 -21.00 31.08 -13.97
CA GLY B 582 -21.20 32.49 -14.26
C GLY B 582 -22.37 33.16 -13.52
N ASN B 583 -23.19 32.35 -12.85
CA ASN B 583 -24.34 32.88 -12.11
C ASN B 583 -24.03 33.07 -10.62
N GLY B 584 -22.74 33.15 -10.30
CA GLY B 584 -22.32 33.21 -8.91
C GLY B 584 -22.75 34.45 -8.15
N ASN B 585 -22.98 35.54 -8.88
CA ASN B 585 -23.35 36.80 -8.26
C ASN B 585 -24.69 36.68 -7.53
N LYS B 586 -25.51 35.74 -7.95
CA LYS B 586 -26.78 35.52 -7.27
C LYS B 586 -26.53 34.99 -5.85
N ARG B 587 -25.60 34.04 -5.72
CA ARG B 587 -25.24 33.48 -4.42
C ARG B 587 -24.52 34.49 -3.54
N LEU B 588 -23.62 35.27 -4.14
CA LEU B 588 -22.87 36.28 -3.41
C LEU B 588 -23.82 37.34 -2.83
N MET B 589 -24.78 37.78 -3.63
CA MET B 589 -25.73 38.79 -3.20
C MET B 589 -26.68 38.24 -2.14
N LEU B 590 -26.94 36.94 -2.19
CA LEU B 590 -27.77 36.29 -1.19
C LEU B 590 -27.21 36.51 0.20
N TYR B 591 -25.91 36.24 0.36
CA TYR B 591 -25.26 36.39 1.65
C TYR B 591 -25.06 37.84 2.04
N ILE B 592 -24.76 38.70 1.06
CA ILE B 592 -24.58 40.12 1.34
C ILE B 592 -25.86 40.76 1.85
N ARG B 593 -26.96 40.49 1.16
CA ARG B 593 -28.24 41.09 1.50
C ARG B 593 -28.75 40.66 2.88
N ARG B 594 -28.51 39.41 3.24
CA ARG B 594 -28.95 38.88 4.54
C ARG B 594 -28.45 39.72 5.71
N GLU B 595 -27.22 40.19 5.61
CA GLU B 595 -26.60 40.96 6.70
C GLU B 595 -26.67 42.47 6.47
N PHE B 596 -26.44 42.90 5.23
CA PHE B 596 -26.28 44.32 4.95
C PHE B 596 -27.33 44.92 4.02
N GLY B 597 -28.26 44.11 3.54
CA GLY B 597 -29.26 44.59 2.61
C GLY B 597 -28.66 44.93 1.25
N GLU B 598 -29.23 45.91 0.57
CA GLU B 598 -28.80 46.26 -0.77
C GLU B 598 -27.69 47.30 -0.75
N PRO B 599 -26.52 46.97 -1.33
CA PRO B 599 -25.41 47.91 -1.44
C PRO B 599 -25.81 49.11 -2.29
N LYS B 600 -25.41 50.31 -1.88
CA LYS B 600 -25.89 51.53 -2.54
C LYS B 600 -25.11 51.89 -3.80
N ASP B 601 -23.86 51.40 -3.88
CA ASP B 601 -23.05 51.63 -5.07
C ASP B 601 -21.98 50.55 -5.14
N PHE B 602 -21.23 50.51 -6.25
CA PHE B 602 -20.28 49.43 -6.48
C PHE B 602 -19.17 49.32 -5.44
N GLU B 603 -18.59 50.44 -5.04
CA GLU B 603 -17.53 50.40 -4.05
C GLU B 603 -18.06 49.85 -2.73
N SER B 604 -19.32 50.16 -2.43
CA SER B 604 -19.97 49.61 -1.25
C SER B 604 -20.20 48.13 -1.43
N PHE B 605 -20.54 47.72 -2.65
CA PHE B 605 -20.74 46.31 -2.97
C PHE B 605 -19.47 45.50 -2.67
N VAL B 606 -18.33 46.01 -3.14
CA VAL B 606 -17.06 45.35 -2.92
C VAL B 606 -16.73 45.29 -1.43
N TYR B 607 -16.84 46.43 -0.77
CA TYR B 607 -16.59 46.54 0.67
C TYR B 607 -17.47 45.58 1.47
N LEU B 608 -18.78 45.58 1.16
CA LEU B 608 -19.71 44.73 1.89
C LEU B 608 -19.49 43.24 1.57
N SER B 609 -19.02 42.94 0.36
CA SER B 609 -18.72 41.56 0.03
C SER B 609 -17.59 41.06 0.92
N GLN B 610 -16.58 41.90 1.11
CA GLN B 610 -15.43 41.53 1.91
C GLN B 610 -15.80 41.44 3.40
N LEU B 611 -16.70 42.30 3.84
CA LEU B 611 -17.17 42.24 5.23
C LEU B 611 -17.98 40.97 5.50
N MET B 612 -18.87 40.66 4.57
CA MET B 612 -19.69 39.45 4.66
C MET B 612 -18.79 38.24 4.85
N GLN B 613 -17.78 38.13 3.99
CA GLN B 613 -16.83 37.03 4.04
C GLN B 613 -16.05 37.00 5.34
N ALA B 614 -15.46 38.13 5.71
CA ALA B 614 -14.65 38.23 6.91
C ALA B 614 -15.41 37.82 8.17
N GLU B 615 -16.58 38.42 8.36
CA GLU B 615 -17.36 38.17 9.57
C GLU B 615 -17.87 36.73 9.61
N GLY B 616 -18.21 36.18 8.45
CA GLY B 616 -18.67 34.81 8.38
C GLY B 616 -17.60 33.79 8.75
N ILE B 617 -16.41 33.94 8.18
CA ILE B 617 -15.32 33.02 8.49
C ILE B 617 -14.88 33.19 9.94
N ASN B 618 -14.96 34.41 10.46
CA ASN B 618 -14.61 34.67 11.86
C ASN B 618 -15.44 33.81 12.80
N ILE B 619 -16.73 33.67 12.51
CA ILE B 619 -17.62 32.83 13.30
C ILE B 619 -17.13 31.38 13.36
N ALA B 620 -16.88 30.81 12.19
CA ALA B 620 -16.51 29.41 12.09
C ALA B 620 -15.12 29.15 12.68
N ALA B 621 -14.15 29.96 12.30
CA ALA B 621 -12.78 29.78 12.79
C ALA B 621 -12.67 29.94 14.31
N SER B 622 -13.36 30.92 14.88
CA SER B 622 -13.33 31.11 16.32
C SER B 622 -13.98 29.94 17.04
N HIS B 623 -15.09 29.47 16.48
CA HIS B 623 -15.84 28.36 17.04
C HIS B 623 -15.03 27.06 17.05
N LEU B 624 -14.35 26.80 15.93
CA LEU B 624 -13.52 25.62 15.82
C LEU B 624 -12.42 25.64 16.87
N ARG B 625 -11.75 26.78 17.01
CA ARG B 625 -10.70 26.92 18.01
C ARG B 625 -11.25 26.78 19.43
N ALA B 626 -12.45 27.33 19.65
CA ALA B 626 -13.04 27.32 20.98
C ALA B 626 -13.56 25.91 21.34
N SER B 627 -13.70 25.06 20.35
CA SER B 627 -14.29 23.75 20.57
C SER B 627 -13.26 22.71 20.97
N ARG B 628 -11.98 23.06 20.90
CA ARG B 628 -10.88 22.16 21.29
C ARG B 628 -11.14 21.52 22.65
N PRO B 629 -10.91 20.20 22.78
CA PRO B 629 -10.31 19.27 21.79
C PRO B 629 -11.28 18.60 20.82
N GLN B 630 -12.53 19.03 20.74
CA GLN B 630 -13.43 18.41 19.77
C GLN B 630 -12.88 18.58 18.36
N SER B 631 -12.59 19.82 17.98
CA SER B 631 -11.92 20.06 16.72
C SER B 631 -10.44 20.38 16.93
N MET B 632 -9.62 20.08 15.93
CA MET B 632 -8.20 20.35 16.04
C MET B 632 -7.63 20.91 14.73
N GLY B 633 -8.51 21.43 13.89
CA GLY B 633 -8.08 22.00 12.62
C GLY B 633 -9.04 22.98 11.97
N SER B 634 -8.47 24.06 11.44
CA SER B 634 -9.21 25.06 10.68
C SER B 634 -8.42 25.53 9.46
N LEU B 635 -8.77 25.02 8.29
CA LEU B 635 -8.18 25.49 7.03
C LEU B 635 -9.28 26.02 6.13
N TYR B 636 -9.45 27.34 6.05
CA TYR B 636 -10.55 27.85 5.23
C TYR B 636 -10.16 27.88 3.77
N TRP B 637 -11.18 27.79 2.92
CA TRP B 637 -11.03 27.98 1.49
C TRP B 637 -11.41 29.42 1.19
N GLN B 638 -10.51 30.22 0.61
CA GLN B 638 -9.16 29.82 0.24
C GLN B 638 -8.21 30.95 0.65
N LEU B 639 -6.91 30.72 0.48
CA LEU B 639 -5.90 31.73 0.83
C LEU B 639 -5.69 32.79 -0.25
N ASN B 640 -5.45 32.32 -1.47
CA ASN B 640 -4.93 33.18 -2.53
C ASN B 640 -5.67 33.02 -3.86
N ASP B 641 -5.20 33.75 -4.87
CA ASP B 641 -5.84 33.78 -6.18
C ASP B 641 -4.87 33.49 -7.32
N VAL B 642 -5.39 32.93 -8.41
CA VAL B 642 -4.58 32.69 -9.61
C VAL B 642 -4.75 33.82 -10.61
N TRP B 643 -5.72 34.68 -10.36
CA TRP B 643 -6.19 35.60 -11.38
C TRP B 643 -7.01 36.69 -10.71
N PRO B 644 -7.08 37.89 -11.31
CA PRO B 644 -7.95 38.91 -10.71
C PRO B 644 -9.42 38.57 -10.90
N GLY B 645 -10.16 38.50 -9.80
CA GLY B 645 -11.58 38.18 -9.89
C GLY B 645 -12.19 37.77 -8.57
N ALA B 646 -13.46 37.40 -8.61
CA ALA B 646 -14.18 36.99 -7.41
C ALA B 646 -13.74 35.61 -6.97
N SER B 647 -13.53 35.45 -5.67
CA SER B 647 -13.13 34.16 -5.11
C SER B 647 -13.27 34.15 -3.60
N TRP B 648 -12.91 33.02 -3.01
CA TRP B 648 -12.98 32.82 -1.57
C TRP B 648 -11.67 33.21 -0.87
N SER B 649 -10.77 33.90 -1.58
CA SER B 649 -9.45 34.20 -1.04
C SER B 649 -9.48 35.29 0.03
N SER B 650 -8.41 35.35 0.82
CA SER B 650 -8.24 36.43 1.79
C SER B 650 -7.17 37.40 1.31
N VAL B 651 -6.44 36.98 0.27
CA VAL B 651 -5.44 37.79 -0.41
C VAL B 651 -5.66 37.67 -1.92
N ASP B 652 -5.79 38.79 -2.63
CA ASP B 652 -6.10 38.69 -4.05
C ASP B 652 -4.84 38.44 -4.90
N TYR B 653 -5.04 38.40 -6.21
CA TYR B 653 -3.98 38.05 -7.16
C TYR B 653 -2.77 38.97 -7.10
N TYR B 654 -2.97 40.22 -6.70
CA TYR B 654 -1.87 41.20 -6.66
C TYR B 654 -1.27 41.30 -5.26
N GLY B 655 -1.65 40.38 -4.39
CA GLY B 655 -1.09 40.31 -3.05
C GLY B 655 -1.77 41.25 -2.07
N ARG B 656 -2.90 41.81 -2.45
CA ARG B 656 -3.60 42.78 -1.61
C ARG B 656 -4.55 42.07 -0.64
N TRP B 657 -4.43 42.42 0.64
CA TRP B 657 -5.24 41.79 1.68
C TRP B 657 -6.70 42.21 1.64
N LYS B 658 -7.60 41.24 1.73
CA LYS B 658 -9.00 41.53 1.94
C LYS B 658 -9.25 41.73 3.44
N ALA B 659 -10.45 42.18 3.78
CA ALA B 659 -10.84 42.34 5.17
C ALA B 659 -10.67 41.02 5.93
N LEU B 660 -10.88 39.89 5.24
CA LEU B 660 -10.78 38.57 5.86
C LEU B 660 -9.39 38.30 6.43
N HIS B 661 -8.35 38.69 5.70
CA HIS B 661 -6.99 38.42 6.16
C HIS B 661 -6.66 39.19 7.43
N TYR B 662 -7.06 40.46 7.47
CA TYR B 662 -6.89 41.27 8.68
C TYR B 662 -7.66 40.65 9.85
N HIS B 663 -8.84 40.11 9.56
CA HIS B 663 -9.63 39.43 10.58
C HIS B 663 -8.98 38.10 10.98
N ALA B 664 -8.34 37.44 10.02
CA ALA B 664 -7.70 36.16 10.27
C ALA B 664 -6.59 36.28 11.28
N ARG B 665 -5.83 37.37 11.20
CA ARG B 665 -4.77 37.61 12.16
C ARG B 665 -5.36 37.67 13.56
N ARG B 666 -6.59 38.15 13.68
CA ARG B 666 -7.26 38.26 14.97
C ARG B 666 -7.83 36.92 15.46
N PHE B 667 -8.61 36.22 14.63
CA PHE B 667 -9.23 35.01 15.14
C PHE B 667 -8.26 33.82 15.16
N TYR B 668 -7.08 34.01 14.57
CA TYR B 668 -6.03 33.01 14.67
C TYR B 668 -4.95 33.41 15.67
N ALA B 669 -5.19 34.48 16.41
CA ALA B 669 -4.23 34.96 17.39
C ALA B 669 -3.94 33.88 18.42
N PRO B 670 -2.67 33.75 18.84
CA PRO B 670 -2.24 32.71 19.78
C PRO B 670 -3.09 32.71 21.05
N GLU B 671 -3.40 33.90 21.57
CA GLU B 671 -4.39 34.03 22.63
C GLU B 671 -5.59 34.78 22.09
N MET B 672 -6.76 34.17 22.18
CA MET B 672 -7.94 34.73 21.55
C MET B 672 -9.18 34.57 22.42
N ILE B 673 -10.04 35.58 22.45
CA ILE B 673 -11.33 35.44 23.11
C ILE B 673 -12.41 35.27 22.03
N ALA B 674 -13.22 34.24 22.20
CA ALA B 674 -14.31 33.97 21.28
C ALA B 674 -15.62 34.29 21.95
N ALA B 675 -16.40 35.19 21.36
CA ALA B 675 -17.72 35.50 21.87
C ALA B 675 -18.71 35.34 20.74
N LEU B 676 -19.36 34.18 20.71
CA LEU B 676 -20.21 33.84 19.58
C LEU B 676 -21.67 33.70 19.96
N ARG B 677 -22.51 34.46 19.27
CA ARG B 677 -23.94 34.45 19.53
C ARG B 677 -24.65 33.60 18.49
N ASN B 678 -25.39 32.59 18.93
CA ASN B 678 -26.11 31.72 18.00
C ASN B 678 -27.50 32.28 17.66
N ASP B 679 -28.23 31.56 16.82
CA ASP B 679 -29.54 32.03 16.36
C ASP B 679 -30.63 31.86 17.42
N LYS B 680 -30.25 31.41 18.61
CA LYS B 680 -31.21 31.26 19.71
C LYS B 680 -30.95 32.29 20.81
N GLY B 681 -30.15 33.30 20.49
CA GLY B 681 -29.88 34.38 21.42
C GLY B 681 -28.99 33.99 22.59
N GLN B 682 -28.07 33.07 22.35
CA GLN B 682 -27.10 32.64 23.36
C GLN B 682 -25.70 32.96 22.90
N THR B 683 -24.98 33.75 23.68
CA THR B 683 -23.61 34.13 23.33
C THR B 683 -22.59 33.37 24.18
N GLU B 684 -21.86 32.45 23.55
CA GLU B 684 -20.86 31.68 24.29
C GLU B 684 -19.49 32.32 24.22
N VAL B 685 -18.87 32.48 25.39
CA VAL B 685 -17.58 33.14 25.52
C VAL B 685 -16.48 32.15 25.93
N SER B 686 -15.41 32.10 25.15
CA SER B 686 -14.31 31.18 25.42
C SER B 686 -12.95 31.88 25.38
N LEU B 687 -12.05 31.41 26.23
CA LEU B 687 -10.67 31.91 26.21
C LEU B 687 -9.76 30.84 25.61
N VAL B 688 -9.17 31.16 24.46
CA VAL B 688 -8.32 30.21 23.75
C VAL B 688 -6.84 30.57 23.83
N SER B 689 -6.02 29.58 24.20
CA SER B 689 -4.58 29.80 24.29
C SER B 689 -3.79 28.67 23.63
N ASP B 690 -2.91 29.04 22.70
CA ASP B 690 -2.02 28.09 22.05
C ASP B 690 -0.65 28.06 22.75
N ARG B 691 -0.56 28.71 23.91
CA ARG B 691 0.67 28.69 24.69
C ARG B 691 0.96 27.30 25.21
N THR B 692 2.23 26.99 25.41
CA THR B 692 2.61 25.71 25.99
C THR B 692 2.79 25.87 27.49
N THR B 693 2.44 27.05 27.98
CA THR B 693 2.51 27.38 29.40
C THR B 693 1.15 27.90 29.87
N PRO B 694 0.91 27.92 31.19
CA PRO B 694 -0.38 28.44 31.64
C PRO B 694 -0.51 29.95 31.43
N LEU B 695 -1.72 30.38 31.09
CA LEU B 695 -2.00 31.80 30.90
C LEU B 695 -2.79 32.34 32.08
N THR B 696 -2.14 33.15 32.91
CA THR B 696 -2.86 33.81 34.00
C THR B 696 -3.40 35.12 33.44
N ALA B 697 -4.69 35.13 33.14
CA ALA B 697 -5.28 36.21 32.36
C ALA B 697 -6.40 36.93 33.09
N ARG B 698 -6.84 38.03 32.51
CA ARG B 698 -8.04 38.72 32.93
C ARG B 698 -8.92 38.88 31.71
N TRP B 699 -10.22 38.70 31.85
CA TRP B 699 -11.10 38.96 30.73
C TRP B 699 -12.23 39.89 31.13
N ARG B 700 -12.59 40.77 30.19
CA ARG B 700 -13.57 41.82 30.46
C ARG B 700 -14.80 41.69 29.60
N MET B 701 -15.90 42.24 30.08
CA MET B 701 -17.17 42.19 29.38
C MET B 701 -17.92 43.50 29.62
N ARG B 702 -18.11 44.29 28.56
CA ARG B 702 -18.78 45.58 28.70
C ARG B 702 -19.93 45.71 27.69
N VAL B 703 -21.14 45.98 28.18
CA VAL B 703 -22.30 46.15 27.31
C VAL B 703 -22.60 47.63 27.10
N MET B 704 -22.57 48.05 25.84
CA MET B 704 -22.64 49.47 25.51
C MET B 704 -23.88 49.84 24.71
N GLY B 705 -24.41 51.03 24.97
CA GLY B 705 -25.42 51.61 24.10
C GLY B 705 -24.67 52.33 23.00
N MET B 706 -25.27 52.49 21.84
CA MET B 706 -24.56 53.16 20.75
C MET B 706 -24.58 54.68 20.86
N ASP B 707 -25.30 55.19 21.87
CA ASP B 707 -25.23 56.60 22.18
C ASP B 707 -24.08 56.83 23.15
N GLY B 708 -23.33 55.78 23.44
CA GLY B 708 -22.15 55.89 24.29
C GLY B 708 -22.29 55.45 25.74
N LYS B 709 -23.51 55.39 26.25
CA LYS B 709 -23.75 54.95 27.63
C LYS B 709 -23.30 53.51 27.91
N VAL B 710 -22.72 53.32 29.09
CA VAL B 710 -22.41 51.97 29.58
C VAL B 710 -23.61 51.35 30.29
N LEU B 711 -23.99 50.15 29.89
CA LEU B 711 -25.07 49.42 30.56
C LEU B 711 -24.52 48.55 31.69
N SER B 712 -23.38 47.92 31.46
CA SER B 712 -22.75 47.07 32.45
C SER B 712 -21.28 46.85 32.14
N LYS B 713 -20.50 46.61 33.19
CA LYS B 713 -19.08 46.35 33.02
C LYS B 713 -18.64 45.26 34.00
N ARG B 714 -17.84 44.32 33.54
CA ARG B 714 -17.48 43.17 34.36
C ARG B 714 -16.07 42.67 34.04
N GLU B 715 -15.32 42.32 35.07
CA GLU B 715 -13.97 41.81 34.90
C GLU B 715 -13.68 40.63 35.82
N GLU B 716 -13.11 39.57 35.26
N GLU B 716 -13.10 39.57 35.27
CA GLU B 716 -12.77 38.37 36.03
CA GLU B 716 -12.76 38.40 36.07
C GLU B 716 -11.35 37.90 35.76
C GLU B 716 -11.35 37.90 35.77
N LYS B 717 -10.77 37.19 36.72
CA LYS B 717 -9.47 36.56 36.54
C LYS B 717 -9.76 35.18 35.98
N ALA B 718 -8.81 34.63 35.22
CA ALA B 718 -8.96 33.29 34.69
C ALA B 718 -7.60 32.67 34.45
N SER B 719 -7.45 31.41 34.84
CA SER B 719 -6.22 30.68 34.57
C SER B 719 -6.47 29.68 33.44
N VAL B 720 -5.97 30.01 32.25
CA VAL B 720 -6.20 29.17 31.08
C VAL B 720 -5.06 28.19 30.87
N ASN B 721 -5.38 26.90 30.90
CA ASN B 721 -4.36 25.87 30.72
C ASN B 721 -3.67 26.01 29.38
N ALA B 722 -2.46 25.49 29.30
CA ALA B 722 -1.71 25.46 28.05
C ALA B 722 -2.46 24.64 27.02
N LEU B 723 -2.41 25.09 25.77
CA LEU B 723 -2.97 24.34 24.64
C LEU B 723 -4.43 23.95 24.86
N SER B 724 -5.25 24.91 25.25
CA SER B 724 -6.63 24.59 25.54
C SER B 724 -7.59 25.74 25.26
N SER B 725 -8.88 25.43 25.39
CA SER B 725 -9.95 26.42 25.33
C SER B 725 -10.79 26.34 26.57
N GLN B 726 -11.11 27.49 27.17
CA GLN B 726 -11.89 27.51 28.38
C GLN B 726 -13.13 28.37 28.24
N HIS B 727 -14.29 27.75 28.41
CA HIS B 727 -15.57 28.45 28.34
C HIS B 727 -15.79 29.21 29.63
N VAL B 728 -15.92 30.53 29.51
CA VAL B 728 -16.11 31.36 30.69
C VAL B 728 -17.47 32.03 30.65
N GLY B 729 -18.19 31.84 29.55
CA GLY B 729 -19.47 32.49 29.39
C GLY B 729 -20.47 31.88 28.45
N ASN B 730 -21.73 32.05 28.83
CA ASN B 730 -22.86 31.68 27.99
C ASN B 730 -24.04 32.52 28.41
N PHE B 731 -24.24 33.64 27.72
CA PHE B 731 -25.23 34.60 28.15
C PHE B 731 -26.37 34.68 27.15
N SER B 732 -27.59 34.66 27.67
CA SER B 732 -28.76 34.89 26.85
C SER B 732 -28.82 36.37 26.52
N ASP B 733 -29.58 36.74 25.48
CA ASP B 733 -29.75 38.14 25.14
C ASP B 733 -30.27 38.90 26.35
N LYS B 734 -31.17 38.27 27.09
CA LYS B 734 -31.77 38.91 28.27
C LYS B 734 -30.73 39.20 29.35
N GLN B 735 -29.85 38.24 29.59
CA GLN B 735 -28.79 38.39 30.60
C GLN B 735 -27.80 39.49 30.23
N LEU B 736 -27.61 39.72 28.93
CA LEU B 736 -26.72 40.77 28.45
C LEU B 736 -27.44 42.11 28.28
N LEU B 737 -28.62 42.09 27.68
CA LEU B 737 -29.35 43.31 27.33
C LEU B 737 -30.33 43.77 28.41
N GLY B 738 -31.18 42.85 28.86
CA GLY B 738 -32.20 43.17 29.84
C GLY B 738 -33.13 44.27 29.38
N SER B 739 -34.04 43.93 28.47
CA SER B 739 -35.07 44.85 27.95
C SER B 739 -34.52 46.00 27.10
N ALA B 740 -33.20 46.14 27.05
CA ALA B 740 -32.58 47.15 26.19
C ALA B 740 -32.78 46.79 24.73
N ASP B 741 -32.78 47.79 23.86
CA ASP B 741 -33.02 47.59 22.43
C ASP B 741 -31.82 46.94 21.75
N PRO B 742 -32.00 45.70 21.28
CA PRO B 742 -30.93 44.96 20.59
C PRO B 742 -30.45 45.66 19.33
N LYS B 743 -31.30 46.52 18.76
CA LYS B 743 -30.90 47.30 17.59
C LYS B 743 -30.09 48.50 18.00
N ARG B 744 -30.00 48.75 19.31
CA ARG B 744 -29.27 49.91 19.81
C ARG B 744 -28.24 49.57 20.89
N THR B 745 -27.84 48.30 20.96
CA THR B 745 -26.92 47.85 22.00
C THR B 745 -25.87 46.91 21.42
N TYR B 746 -24.67 46.92 22.00
CA TYR B 746 -23.64 45.96 21.61
C TYR B 746 -22.77 45.61 22.83
N ALA B 747 -21.92 44.59 22.67
CA ALA B 747 -21.08 44.14 23.76
C ALA B 747 -19.61 44.04 23.36
N VAL B 748 -18.72 44.42 24.27
CA VAL B 748 -17.28 44.36 24.01
C VAL B 748 -16.60 43.34 24.92
N PHE B 749 -16.01 42.32 24.32
CA PHE B 749 -15.31 41.28 25.07
C PHE B 749 -13.80 41.40 24.85
N GLU B 750 -13.04 41.34 25.94
CA GLU B 750 -11.59 41.51 25.87
C GLU B 750 -10.84 40.51 26.73
N LEU B 751 -9.69 40.07 26.23
CA LEU B 751 -8.79 39.18 26.96
C LEU B 751 -7.49 39.92 27.28
N LEU B 752 -7.08 39.87 28.55
CA LEU B 752 -5.92 40.63 29.02
C LEU B 752 -4.87 39.74 29.67
N ASP B 753 -3.60 40.09 29.48
CA ASP B 753 -2.49 39.47 30.22
C ASP B 753 -1.77 40.59 30.95
N GLY B 754 -2.06 40.74 32.24
CA GLY B 754 -1.55 41.86 33.00
C GLY B 754 -2.26 43.09 32.51
N ASP B 755 -1.50 44.06 32.00
CA ASP B 755 -2.08 45.29 31.45
C ASP B 755 -2.09 45.25 29.92
N THR B 756 -1.67 44.13 29.35
CA THR B 756 -1.60 44.00 27.89
C THR B 756 -2.88 43.40 27.30
N LEU B 757 -3.55 44.17 26.44
CA LEU B 757 -4.72 43.67 25.72
C LEU B 757 -4.30 42.70 24.62
N LEU B 758 -4.82 41.47 24.67
CA LEU B 758 -4.41 40.42 23.75
C LEU B 758 -5.41 40.16 22.64
N SER B 759 -6.70 40.32 22.95
CA SER B 759 -7.75 40.02 21.99
C SER B 759 -9.06 40.73 22.35
N ARG B 760 -9.82 41.11 21.33
CA ARG B 760 -11.08 41.81 21.51
C ARG B 760 -12.12 41.36 20.46
N GLU B 761 -13.37 41.22 20.90
CA GLU B 761 -14.46 40.93 19.98
C GLU B 761 -15.68 41.78 20.31
N VAL B 762 -16.26 42.41 19.29
CA VAL B 762 -17.47 43.21 19.47
C VAL B 762 -18.67 42.47 18.91
N VAL B 763 -19.64 42.21 19.78
CA VAL B 763 -20.80 41.37 19.42
C VAL B 763 -22.06 42.20 19.24
N PHE B 764 -22.84 41.87 18.21
CA PHE B 764 -24.12 42.54 17.97
C PHE B 764 -25.28 41.55 18.03
N PHE B 765 -26.49 42.07 18.17
CA PHE B 765 -27.65 41.24 18.48
C PHE B 765 -28.71 41.24 17.39
N ALA B 766 -28.36 41.81 16.24
CA ALA B 766 -29.23 41.84 15.08
C ALA B 766 -28.37 42.07 13.85
N PRO B 767 -28.85 41.67 12.66
CA PRO B 767 -28.07 41.95 11.45
C PRO B 767 -27.79 43.44 11.29
N ALA B 768 -26.64 43.77 10.71
CA ALA B 768 -26.17 45.14 10.61
C ALA B 768 -27.17 46.07 9.96
N LYS B 769 -27.93 45.54 9.00
CA LYS B 769 -28.89 46.34 8.24
C LYS B 769 -30.07 46.77 9.10
N GLN B 770 -30.24 46.12 10.26
CA GLN B 770 -31.33 46.46 11.17
C GLN B 770 -30.87 47.34 12.33
N LEU B 771 -29.56 47.46 12.50
CA LEU B 771 -29.00 48.19 13.62
C LEU B 771 -29.13 49.71 13.45
N ALA B 772 -29.13 50.42 14.56
CA ALA B 772 -29.12 51.87 14.54
C ALA B 772 -27.72 52.39 14.85
N LEU B 773 -26.77 52.11 13.96
CA LEU B 773 -25.39 52.53 14.16
C LEU B 773 -25.24 54.05 14.15
N PRO B 774 -24.41 54.59 15.05
CA PRO B 774 -24.21 56.05 15.13
C PRO B 774 -23.45 56.58 13.92
N ALA B 775 -23.69 57.83 13.56
CA ALA B 775 -22.93 58.48 12.49
C ALA B 775 -21.59 58.94 13.03
N ALA B 776 -20.54 58.17 12.76
CA ALA B 776 -19.23 58.44 13.33
C ALA B 776 -18.52 59.60 12.63
N LYS B 777 -17.75 60.37 13.39
CA LYS B 777 -16.80 61.29 12.79
C LYS B 777 -15.42 60.85 13.22
N ILE B 778 -14.60 60.50 12.24
CA ILE B 778 -13.33 59.84 12.51
C ILE B 778 -12.19 60.77 12.18
N ASP B 779 -11.51 61.23 13.23
CA ASP B 779 -10.38 62.13 13.07
C ASP B 779 -9.13 61.33 12.74
N SER B 780 -8.35 61.82 11.80
CA SER B 780 -7.11 61.16 11.38
C SER B 780 -5.91 62.09 11.59
N GLN B 781 -4.87 61.57 12.22
CA GLN B 781 -3.67 62.37 12.46
C GLN B 781 -2.43 61.61 11.99
N TRP B 782 -1.57 62.31 11.25
CA TRP B 782 -0.34 61.71 10.73
C TRP B 782 0.88 62.18 11.49
N ARG B 783 1.97 61.42 11.37
CA ARG B 783 3.28 61.83 11.90
C ARG B 783 4.37 60.94 11.31
N ALA B 784 5.57 61.50 11.13
CA ALA B 784 6.66 60.74 10.55
C ALA B 784 7.06 59.60 11.46
N ASP B 785 7.12 58.40 10.92
CA ASP B 785 7.45 57.22 11.71
C ASP B 785 8.46 56.33 10.99
N GLY B 786 9.73 56.73 11.06
CA GLY B 786 10.79 56.05 10.32
C GLY B 786 10.71 56.33 8.83
N ASP B 787 10.75 55.27 8.03
CA ASP B 787 10.63 55.40 6.58
C ASP B 787 9.17 55.23 6.18
N GLY B 788 8.33 55.05 7.19
CA GLY B 788 6.89 54.96 6.99
C GLY B 788 6.20 56.12 7.69
N TYR B 789 4.92 55.94 8.01
CA TYR B 789 4.16 56.98 8.67
C TYR B 789 3.21 56.37 9.70
N ALA B 790 2.96 57.09 10.78
CA ALA B 790 2.01 56.64 11.80
C ALA B 790 0.67 57.34 11.66
N LEU B 791 -0.36 56.58 11.34
CA LEU B 791 -1.70 57.13 11.16
C LEU B 791 -2.58 56.79 12.36
N THR B 792 -3.02 57.82 13.07
CA THR B 792 -3.84 57.64 14.26
C THR B 792 -5.30 58.02 14.00
N LEU B 793 -6.20 57.07 14.19
CA LEU B 793 -7.62 57.31 13.97
C LEU B 793 -8.34 57.40 15.31
N THR B 794 -9.18 58.41 15.45
CA THR B 794 -10.00 58.56 16.65
C THR B 794 -11.43 58.87 16.26
N SER B 795 -12.35 58.01 16.65
CA SER B 795 -13.76 58.20 16.36
C SER B 795 -14.51 58.64 17.61
N ASP B 796 -15.41 59.61 17.46
CA ASP B 796 -16.18 60.10 18.59
C ASP B 796 -17.22 59.07 19.04
N THR B 797 -17.74 58.32 18.07
CA THR B 797 -18.71 57.27 18.38
C THR B 797 -18.15 55.92 17.95
N LEU B 798 -18.95 54.88 18.10
CA LEU B 798 -18.60 53.56 17.57
C LEU B 798 -18.47 53.64 16.05
N ALA B 799 -17.38 53.10 15.52
CA ALA B 799 -17.19 53.00 14.07
C ALA B 799 -16.93 51.55 13.69
N ARG B 800 -17.79 51.02 12.85
CA ARG B 800 -17.75 49.61 12.48
C ARG B 800 -16.93 49.33 11.24
N GLU B 801 -16.07 48.31 11.30
CA GLU B 801 -15.28 47.84 10.17
C GLU B 801 -14.67 48.97 9.34
N VAL B 802 -13.89 49.81 9.99
CA VAL B 802 -13.23 50.91 9.31
C VAL B 802 -12.27 50.40 8.24
N TRP B 803 -12.44 50.87 7.00
CA TRP B 803 -11.57 50.45 5.90
C TRP B 803 -10.79 51.62 5.33
N LEU B 804 -9.47 51.53 5.41
CA LEU B 804 -8.58 52.57 4.91
C LEU B 804 -8.09 52.23 3.51
N SER B 805 -8.12 53.22 2.62
CA SER B 805 -7.60 53.05 1.27
C SER B 805 -7.07 54.35 0.72
N PHE B 806 -6.37 54.28 -0.40
CA PHE B 806 -5.68 55.45 -0.94
C PHE B 806 -5.84 55.58 -2.45
N GLY B 807 -7.03 55.27 -2.96
CA GLY B 807 -7.28 55.34 -4.39
C GLY B 807 -6.39 54.37 -5.13
N ASP B 808 -5.63 54.88 -6.09
CA ASP B 808 -4.70 54.05 -6.84
C ASP B 808 -3.28 54.20 -6.28
N VAL B 809 -3.14 54.93 -5.17
CA VAL B 809 -1.87 55.04 -4.49
C VAL B 809 -1.60 53.79 -3.67
N ASP B 810 -0.46 53.15 -3.93
CA ASP B 810 -0.14 51.90 -3.24
C ASP B 810 0.46 52.18 -1.86
N ALA B 811 -0.07 51.50 -0.85
CA ALA B 811 0.45 51.56 0.51
C ALA B 811 0.02 50.31 1.28
N THR B 812 0.81 49.91 2.26
CA THR B 812 0.43 48.77 3.08
C THR B 812 0.15 49.23 4.51
N LEU B 813 -0.81 48.57 5.14
CA LEU B 813 -1.25 48.96 6.47
C LEU B 813 -1.03 47.83 7.47
N SER B 814 -0.57 48.18 8.66
CA SER B 814 -0.36 47.21 9.73
C SER B 814 -1.69 46.62 10.21
N ASP B 815 -2.76 47.38 10.02
CA ASP B 815 -4.10 46.91 10.37
C ASP B 815 -5.16 47.60 9.51
N ASN B 816 -6.29 46.93 9.34
CA ASN B 816 -7.42 47.46 8.57
C ASN B 816 -8.66 46.65 8.91
N ALA B 817 -9.82 47.11 8.45
CA ALA B 817 -11.10 46.47 8.76
C ALA B 817 -11.26 46.25 10.26
N PHE B 818 -11.08 47.32 11.03
CA PHE B 818 -11.14 47.26 12.47
C PHE B 818 -12.32 48.08 13.01
N ASP B 819 -12.68 47.81 14.26
CA ASP B 819 -13.73 48.57 14.92
C ASP B 819 -13.09 49.65 15.77
N LEU B 820 -13.68 50.85 15.75
CA LEU B 820 -13.24 51.95 16.60
C LEU B 820 -14.24 52.15 17.73
N LEU B 821 -13.74 52.19 18.96
CA LEU B 821 -14.60 52.43 20.12
C LEU B 821 -14.57 53.92 20.42
N PRO B 822 -15.66 54.47 20.99
CA PRO B 822 -15.79 55.91 21.20
C PRO B 822 -14.62 56.52 21.96
N GLY B 823 -13.93 57.48 21.34
CA GLY B 823 -12.85 58.21 21.97
C GLY B 823 -11.56 57.43 22.13
N GLU B 824 -11.55 56.18 21.68
CA GLU B 824 -10.37 55.32 21.81
C GLU B 824 -9.53 55.34 20.54
N PRO B 825 -8.36 55.98 20.62
CA PRO B 825 -7.50 56.13 19.43
C PRO B 825 -6.84 54.83 19.01
N LEU B 826 -6.76 54.62 17.69
CA LEU B 826 -6.00 53.50 17.15
C LEU B 826 -4.95 54.03 16.20
N THR B 827 -3.72 53.58 16.39
CA THR B 827 -2.62 54.01 15.54
C THR B 827 -2.18 52.86 14.65
N VAL B 828 -2.22 53.08 13.34
CA VAL B 828 -1.74 52.08 12.39
C VAL B 828 -0.49 52.58 11.67
N ARG B 829 0.37 51.66 11.27
CA ARG B 829 1.58 52.05 10.57
C ARG B 829 1.38 51.94 9.06
N VAL B 830 1.74 53.01 8.37
CA VAL B 830 1.57 53.08 6.93
C VAL B 830 2.92 52.96 6.23
N THR B 831 3.10 51.88 5.47
CA THR B 831 4.33 51.66 4.73
C THR B 831 4.07 51.95 3.27
N SER B 832 4.77 52.95 2.75
CA SER B 832 4.62 53.35 1.37
C SER B 832 5.91 53.99 0.87
N LYS B 833 6.01 54.22 -0.43
CA LYS B 833 7.15 54.90 -1.00
C LYS B 833 6.73 56.24 -1.54
N ALA B 834 5.48 56.62 -1.24
CA ALA B 834 4.97 57.94 -1.58
C ALA B 834 5.20 58.90 -0.44
N ALA B 835 5.27 60.19 -0.74
CA ALA B 835 5.46 61.21 0.28
C ALA B 835 4.20 61.40 1.12
N LEU B 836 4.39 61.93 2.32
CA LEU B 836 3.30 62.14 3.26
C LEU B 836 2.17 62.97 2.67
N ALA B 837 2.53 63.96 1.86
CA ALA B 837 1.56 64.92 1.33
C ALA B 837 0.46 64.26 0.48
N GLN B 838 0.84 63.31 -0.37
CA GLN B 838 -0.15 62.68 -1.25
C GLN B 838 -0.95 61.62 -0.50
N LEU B 839 -0.32 60.97 0.49
CA LEU B 839 -1.02 59.99 1.32
C LEU B 839 -2.18 60.65 2.06
N GLN B 840 -1.98 61.89 2.50
CA GLN B 840 -3.03 62.59 3.23
C GLN B 840 -4.18 63.01 2.32
N SER B 841 -3.85 63.40 1.09
CA SER B 841 -4.88 63.78 0.12
C SER B 841 -5.63 62.55 -0.39
N ALA B 842 -4.91 61.45 -0.54
CA ALA B 842 -5.47 60.24 -1.13
C ALA B 842 -6.23 59.37 -0.12
N LEU B 843 -6.04 59.65 1.17
CA LEU B 843 -6.63 58.81 2.23
C LEU B 843 -8.14 58.74 2.13
N GLN B 844 -8.67 57.53 2.11
CA GLN B 844 -10.10 57.30 2.11
C GLN B 844 -10.45 56.49 3.36
N VAL B 845 -11.46 56.93 4.10
CA VAL B 845 -11.88 56.23 5.30
C VAL B 845 -13.35 55.84 5.22
N ARG B 846 -13.61 54.54 5.14
CA ARG B 846 -14.96 54.03 5.03
C ARG B 846 -15.37 53.26 6.29
N ASP B 847 -16.63 53.41 6.73
CA ASP B 847 -17.13 52.60 7.84
C ASP B 847 -18.54 52.07 7.52
N LEU B 848 -18.97 51.07 8.28
CA LEU B 848 -20.21 50.36 7.99
C LEU B 848 -21.45 51.25 8.08
N ALA B 849 -21.55 52.03 9.15
CA ALA B 849 -22.70 52.92 9.35
C ALA B 849 -22.86 53.88 8.20
N ALA B 850 -21.75 54.48 7.77
CA ALA B 850 -21.75 55.42 6.66
C ALA B 850 -22.16 54.72 5.36
N THR B 851 -21.67 53.50 5.18
CA THR B 851 -21.95 52.71 3.99
C THR B 851 -23.42 52.30 3.89
N LEU B 852 -24.02 51.93 5.03
CA LEU B 852 -25.41 51.48 5.06
C LEU B 852 -26.39 52.64 4.95
N ALA B 853 -25.92 53.84 5.29
CA ALA B 853 -26.76 55.03 5.21
C ALA B 853 -27.09 55.36 3.76
N GLY B 854 -28.38 55.58 3.49
CA GLY B 854 -28.83 55.93 2.16
C GLY B 854 -28.91 54.74 1.21
N ALA B 855 -28.92 53.54 1.76
CA ALA B 855 -29.02 52.33 0.95
C ALA B 855 -30.44 52.10 0.44
N PRO B 856 -30.57 51.63 -0.81
CA PRO B 856 -31.89 51.29 -1.36
C PRO B 856 -32.44 50.00 -0.74
N PRO B 857 -33.74 49.76 -0.87
CA PRO B 857 -34.32 48.52 -0.35
C PRO B 857 -33.94 47.30 -1.20
N GLU B 858 -33.98 46.12 -0.59
CA GLU B 858 -33.72 44.88 -1.30
C GLU B 858 -34.85 44.59 -2.29
N PRO B 859 -34.53 43.93 -3.42
CA PRO B 859 -35.52 43.62 -4.45
C PRO B 859 -36.70 42.78 -3.92
C1 BMA C . -7.94 -25.24 -3.01
C2 BMA C . -8.16 -25.94 -1.67
C3 BMA C . -8.75 -27.34 -1.92
C4 BMA C . -10.00 -27.28 -2.82
C5 BMA C . -9.67 -26.53 -4.11
C6 BMA C . -10.89 -26.30 -4.96
O1 BMA C . -7.57 -23.90 -2.72
O2 BMA C . -9.06 -25.19 -0.86
O3 BMA C . -9.06 -28.00 -0.70
O4 BMA C . -10.43 -28.60 -3.14
O5 BMA C . -9.14 -25.23 -3.77
O6 BMA C . -11.66 -25.27 -4.35
C1 BMA D . -17.12 -24.82 -1.89
C2 BMA D . -15.64 -24.57 -1.51
C3 BMA D . -15.57 -23.84 -0.18
C4 BMA D . -16.57 -22.70 -0.13
C5 BMA D . -18.01 -23.26 -0.17
C6 BMA D . -19.02 -22.32 -0.83
O1 BMA D . -17.44 -23.98 -2.98
O2 BMA D . -15.01 -23.74 -2.48
O3 BMA D . -14.26 -23.35 0.09
O4 BMA D . -16.39 -21.94 1.05
O5 BMA D . -18.06 -24.58 -0.82
O6 BMA D . -18.43 -21.78 -2.00
C1 BMA E . -17.05 -8.87 17.99
C2 BMA E . -16.10 -8.97 16.75
C3 BMA E . -14.72 -9.55 17.16
C4 BMA E . -14.79 -10.43 18.42
C5 BMA E . -16.17 -11.08 18.49
C6 BMA E . -16.27 -12.14 19.58
O1 BMA E . -16.59 -7.80 18.78
O2 BMA E . -15.89 -7.70 16.14
O3 BMA E . -13.75 -8.51 17.32
O4 BMA E . -13.78 -11.42 18.38
O5 BMA E . -17.12 -10.04 18.80
O6 BMA E . -16.60 -11.51 20.81
C1 BMA F . -5.99 5.38 -24.67
C2 BMA F . -6.12 5.46 -23.15
C3 BMA F . -5.19 6.54 -22.59
C4 BMA F . -5.42 7.93 -23.26
C5 BMA F . -5.91 7.77 -24.71
C6 BMA F . -5.46 8.91 -25.61
O1 BMA F . -5.14 4.30 -24.96
O2 BMA F . -5.73 4.24 -22.53
O3 BMA F . -3.81 6.17 -22.68
O4 BMA F . -6.35 8.67 -22.51
O5 BMA F . -5.38 6.54 -25.23
O6 BMA F . -6.07 8.74 -26.88
C1 BMA G . -12.78 23.20 -3.21
C2 BMA G . -12.45 23.85 -4.55
C3 BMA G . -13.34 25.09 -4.74
C4 BMA G . -14.83 24.75 -4.52
C5 BMA G . -15.02 24.06 -3.18
C6 BMA G . -16.43 23.59 -2.99
O1 BMA G . -12.07 21.98 -3.14
O2 BMA G . -12.71 22.93 -5.62
O3 BMA G . -13.15 25.68 -6.01
O4 BMA G . -15.62 25.94 -4.56
O5 BMA G . -14.16 22.91 -3.13
O6 BMA G . -16.80 22.88 -4.16
#